data_5LBH
#
_entry.id   5LBH
#
_cell.length_a   89.746
_cell.length_b   135.918
_cell.length_c   93.445
_cell.angle_alpha   90.00
_cell.angle_beta   114.50
_cell.angle_gamma   90.00
#
_symmetry.space_group_name_H-M   'P 1 21 1'
#
loop_
_entity.id
_entity.type
_entity.pdbx_description
1 polymer CAIP
2 non-polymer 'FE (III) ION'
3 water water
#
_entity_poly.entity_id   1
_entity_poly.type   'polypeptide(L)'
_entity_poly.pdbx_seq_one_letter_code
;MSKVVELLKQIQADASVFYVKVHNFHWNVKGMDFHPTHKATQEIYEQFADVFDDVAERVLQLGEMPYVTLADMLKAAKIK
EESKTSFCSKEIAQAVLADYEYFLKLFTELSAQADSQGDKVSAAYADDKVGELQKAIWMLKSQLA
;
_entity_poly.pdbx_strand_id   A,B,C,D,E,F,G,H,I,J,K,L
#
loop_
_chem_comp.id
_chem_comp.type
_chem_comp.name
_chem_comp.formula
FE non-polymer 'FE (III) ION' 'Fe 3'
#
# COMPACT_ATOMS: atom_id res chain seq x y z
N LYS A 3 -39.49 16.47 -17.49
CA LYS A 3 -39.26 15.17 -16.86
C LYS A 3 -37.79 14.80 -16.56
N VAL A 4 -37.60 14.28 -15.34
CA VAL A 4 -36.28 13.88 -14.89
C VAL A 4 -35.75 12.71 -15.69
N VAL A 5 -36.58 11.68 -15.88
CA VAL A 5 -36.13 10.50 -16.61
C VAL A 5 -35.78 10.86 -18.06
N GLU A 6 -36.58 11.73 -18.68
CA GLU A 6 -36.31 12.09 -20.07
C GLU A 6 -34.98 12.81 -20.20
N LEU A 7 -34.65 13.68 -19.25
CA LEU A 7 -33.36 14.36 -19.32
C LEU A 7 -32.21 13.39 -19.04
N LEU A 8 -32.41 12.46 -18.11
CA LEU A 8 -31.39 11.45 -17.82
C LEU A 8 -31.06 10.59 -19.05
N LYS A 9 -32.07 10.11 -19.79
CA LYS A 9 -31.74 9.26 -20.94
C LYS A 9 -31.15 10.06 -22.08
N GLN A 10 -31.51 11.35 -22.17
CA GLN A 10 -30.84 12.20 -23.14
C GLN A 10 -29.35 12.32 -22.79
N ILE A 11 -29.04 12.57 -21.51
CA ILE A 11 -27.64 12.57 -21.06
C ILE A 11 -26.97 11.23 -21.40
N GLN A 12 -27.69 10.12 -21.19
CA GLN A 12 -27.15 8.80 -21.48
C GLN A 12 -26.76 8.69 -22.96
N ALA A 13 -27.66 9.06 -23.87
CA ALA A 13 -27.38 8.90 -25.29
C ALA A 13 -26.23 9.79 -25.73
N ASP A 14 -26.20 11.04 -25.28
CA ASP A 14 -25.09 11.91 -25.66
C ASP A 14 -23.78 11.45 -25.03
N ALA A 15 -23.83 10.88 -23.82
CA ALA A 15 -22.60 10.34 -23.22
C ALA A 15 -22.01 9.22 -24.07
N SER A 16 -22.86 8.31 -24.58
CA SER A 16 -22.32 7.20 -25.35
C SER A 16 -21.72 7.68 -26.66
N VAL A 17 -22.29 8.71 -27.28
CA VAL A 17 -21.71 9.25 -28.51
C VAL A 17 -20.42 10.01 -28.20
N PHE A 18 -20.42 10.81 -27.14
CA PHE A 18 -19.21 11.54 -26.76
C PHE A 18 -18.09 10.58 -26.38
N TYR A 19 -18.46 9.47 -25.72
CA TYR A 19 -17.48 8.46 -25.35
C TYR A 19 -16.68 7.99 -26.57
N VAL A 20 -17.37 7.72 -27.68
CA VAL A 20 -16.67 7.26 -28.87
C VAL A 20 -15.94 8.40 -29.56
N LYS A 21 -16.56 9.59 -29.63
CA LYS A 21 -15.87 10.72 -30.23
C LYS A 21 -14.54 11.00 -29.54
N VAL A 22 -14.49 10.89 -28.21
CA VAL A 22 -13.26 11.18 -27.49
C VAL A 22 -12.20 10.09 -27.75
N HIS A 23 -12.59 8.83 -27.95
CA HIS A 23 -11.61 7.83 -28.38
C HIS A 23 -10.95 8.25 -29.70
N ASN A 24 -11.74 8.83 -30.60
CA ASN A 24 -11.22 9.32 -31.86
C ASN A 24 -10.20 10.45 -31.64
N PHE A 25 -10.52 11.44 -30.79
CA PHE A 25 -9.52 12.44 -30.42
C PHE A 25 -8.29 11.80 -29.80
N HIS A 26 -8.51 10.79 -28.95
CA HIS A 26 -7.43 10.11 -28.25
C HIS A 26 -6.48 9.41 -29.23
N TRP A 27 -7.02 8.82 -30.29
CA TRP A 27 -6.22 8.05 -31.24
C TRP A 27 -5.52 8.91 -32.29
N ASN A 28 -6.15 10.02 -32.71
CA ASN A 28 -5.78 10.71 -33.95
C ASN A 28 -5.23 12.12 -33.71
N VAL A 29 -4.86 12.44 -32.47
CA VAL A 29 -4.15 13.70 -32.21
C VAL A 29 -2.74 13.64 -32.82
N LYS A 30 -2.33 14.75 -33.40
CA LYS A 30 -1.01 14.90 -33.99
C LYS A 30 -0.36 16.11 -33.36
N GLY A 31 0.95 16.25 -33.55
CA GLY A 31 1.64 17.46 -33.14
C GLY A 31 2.42 17.28 -31.86
N MET A 32 3.23 18.32 -31.55
CA MET A 32 4.23 18.20 -30.50
C MET A 32 3.59 17.91 -29.14
N ASP A 33 2.38 18.40 -28.93
CA ASP A 33 1.66 18.25 -27.67
C ASP A 33 0.80 16.98 -27.69
N PHE A 34 1.36 15.94 -28.33
CA PHE A 34 0.66 14.68 -28.57
C PHE A 34 0.38 13.94 -27.27
N HIS A 35 1.39 13.84 -26.38
CA HIS A 35 1.22 12.92 -25.28
C HIS A 35 0.30 13.41 -24.16
N PRO A 36 0.42 14.66 -23.68
CA PRO A 36 -0.59 15.15 -22.74
C PRO A 36 -2.01 15.03 -23.29
N THR A 37 -2.20 15.32 -24.58
CA THR A 37 -3.53 15.26 -25.13
C THR A 37 -4.04 13.82 -25.22
N HIS A 38 -3.15 12.89 -25.59
CA HIS A 38 -3.52 11.48 -25.61
C HIS A 38 -4.02 11.02 -24.24
N LYS A 39 -3.37 11.49 -23.17
CA LYS A 39 -3.73 11.09 -21.82
C LYS A 39 -4.97 11.83 -21.30
N ALA A 40 -5.09 13.13 -21.55
CA ALA A 40 -6.28 13.84 -21.08
C ALA A 40 -7.54 13.24 -21.71
N THR A 41 -7.52 12.99 -23.02
CA THR A 41 -8.68 12.39 -23.66
C THR A 41 -8.99 11.01 -23.05
N GLN A 42 -7.96 10.28 -22.59
CA GLN A 42 -8.27 8.99 -22.00
C GLN A 42 -8.98 9.16 -20.66
N GLU A 43 -8.55 10.12 -19.86
CA GLU A 43 -9.24 10.43 -18.62
C GLU A 43 -10.68 10.88 -18.86
N ILE A 44 -10.91 11.64 -19.94
CA ILE A 44 -12.25 12.15 -20.23
C ILE A 44 -13.19 11.02 -20.64
N TYR A 45 -12.75 10.13 -21.52
CA TYR A 45 -13.73 9.11 -21.91
C TYR A 45 -14.00 8.12 -20.78
N GLU A 46 -13.06 7.95 -19.84
CA GLU A 46 -13.34 7.09 -18.69
C GLU A 46 -14.33 7.74 -17.74
N GLN A 47 -14.33 9.07 -17.64
CA GLN A 47 -15.29 9.74 -16.78
C GLN A 47 -16.69 9.72 -17.38
N PHE A 48 -16.80 9.81 -18.71
CA PHE A 48 -18.10 9.71 -19.36
C PHE A 48 -18.60 8.27 -19.46
N ALA A 49 -17.71 7.28 -19.42
CA ALA A 49 -18.18 5.92 -19.18
C ALA A 49 -18.89 5.84 -17.84
N ASP A 50 -18.48 6.65 -16.86
CA ASP A 50 -19.09 6.59 -15.54
C ASP A 50 -20.44 7.28 -15.50
N VAL A 51 -20.57 8.46 -16.13
CA VAL A 51 -21.90 9.08 -16.24
C VAL A 51 -22.85 8.18 -17.02
N PHE A 52 -22.35 7.52 -18.07
CA PHE A 52 -23.20 6.63 -18.86
C PHE A 52 -23.86 5.59 -17.96
N ASP A 53 -23.07 4.98 -17.08
CA ASP A 53 -23.58 3.94 -16.19
C ASP A 53 -24.37 4.53 -15.02
N ASP A 54 -23.90 5.65 -14.43
CA ASP A 54 -24.60 6.28 -13.31
C ASP A 54 -26.00 6.70 -13.73
N VAL A 55 -26.07 7.42 -14.85
CA VAL A 55 -27.32 8.01 -15.33
C VAL A 55 -28.32 6.92 -15.73
N ALA A 56 -27.85 5.85 -16.37
CA ALA A 56 -28.74 4.73 -16.71
C ALA A 56 -29.29 4.08 -15.46
N GLU A 57 -28.44 3.88 -14.45
CA GLU A 57 -28.88 3.27 -13.19
C GLU A 57 -29.81 4.17 -12.42
N ARG A 58 -29.65 5.48 -12.52
CA ARG A 58 -30.59 6.34 -11.82
C ARG A 58 -31.98 6.24 -12.43
N VAL A 59 -32.07 6.16 -13.76
CA VAL A 59 -33.35 5.95 -14.43
C VAL A 59 -34.00 4.69 -13.89
N LEU A 60 -33.20 3.66 -13.67
CA LEU A 60 -33.75 2.38 -13.27
C LEU A 60 -34.33 2.45 -11.85
N GLN A 61 -33.61 3.08 -10.93
CA GLN A 61 -34.13 3.21 -9.57
C GLN A 61 -35.31 4.17 -9.49
N LEU A 62 -35.52 5.04 -10.49
CA LEU A 62 -36.76 5.83 -10.58
C LEU A 62 -37.87 5.07 -11.29
N GLY A 63 -37.67 3.78 -11.57
CA GLY A 63 -38.72 2.94 -12.11
C GLY A 63 -38.92 3.00 -13.60
N GLU A 64 -37.89 3.33 -14.37
CA GLU A 64 -38.04 3.38 -15.80
C GLU A 64 -36.91 2.61 -16.45
N MET A 65 -36.95 2.56 -17.77
CA MET A 65 -35.93 1.86 -18.53
C MET A 65 -35.09 2.89 -19.27
N PRO A 66 -33.77 2.81 -19.20
CA PRO A 66 -32.92 3.67 -20.01
C PRO A 66 -32.79 3.07 -21.40
N TYR A 67 -32.04 3.76 -22.25
CA TYR A 67 -31.75 3.19 -23.55
C TYR A 67 -30.87 1.96 -23.36
N VAL A 68 -31.07 0.98 -24.24
CA VAL A 68 -30.38 -0.30 -24.11
C VAL A 68 -29.72 -0.76 -25.40
N THR A 69 -29.83 -0.02 -26.49
CA THR A 69 -29.16 -0.37 -27.73
C THR A 69 -28.52 0.89 -28.32
N LEU A 70 -27.39 0.69 -29.00
CA LEU A 70 -26.74 1.79 -29.70
C LEU A 70 -27.62 2.37 -30.80
N ALA A 71 -28.45 1.52 -31.43
CA ALA A 71 -29.38 2.05 -32.42
C ALA A 71 -30.28 3.11 -31.82
N ASP A 72 -30.83 2.86 -30.63
CA ASP A 72 -31.68 3.86 -29.97
C ASP A 72 -30.89 5.07 -29.50
N MET A 73 -29.66 4.85 -29.00
CA MET A 73 -28.87 5.98 -28.47
C MET A 73 -28.42 6.89 -29.59
N LEU A 74 -28.11 6.33 -30.76
CA LEU A 74 -27.73 7.15 -31.89
C LEU A 74 -28.87 8.04 -32.34
N LYS A 75 -30.10 7.53 -32.30
CA LYS A 75 -31.18 8.39 -32.76
C LYS A 75 -31.57 9.44 -31.73
N ALA A 76 -31.33 9.18 -30.43
CA ALA A 76 -31.61 10.19 -29.41
C ALA A 76 -30.51 11.23 -29.26
N ALA A 77 -29.28 10.90 -29.63
CA ALA A 77 -28.16 11.76 -29.33
C ALA A 77 -28.28 13.07 -30.10
N LYS A 78 -28.03 14.18 -29.42
CA LYS A 78 -27.88 15.44 -30.13
C LYS A 78 -26.43 15.78 -30.43
N ILE A 79 -25.48 15.22 -29.69
CA ILE A 79 -24.08 15.44 -30.00
C ILE A 79 -23.76 14.75 -31.31
N LYS A 80 -23.08 15.46 -32.21
CA LYS A 80 -22.81 14.94 -33.55
C LYS A 80 -21.60 14.02 -33.52
N GLU A 81 -21.65 12.96 -34.30
CA GLU A 81 -20.46 12.13 -34.49
C GLU A 81 -19.47 12.84 -35.41
N GLU A 82 -18.20 12.47 -35.27
CA GLU A 82 -17.10 13.08 -35.99
C GLU A 82 -16.43 12.07 -36.92
N SER A 83 -16.47 12.37 -38.23
CA SER A 83 -15.91 11.46 -39.23
C SER A 83 -14.44 11.72 -39.54
N LYS A 84 -13.93 12.94 -39.32
CA LYS A 84 -12.52 13.20 -39.56
C LYS A 84 -11.64 12.34 -38.66
N THR A 85 -10.37 12.19 -39.05
CA THR A 85 -9.48 11.17 -38.49
C THR A 85 -8.11 11.73 -38.16
N SER A 86 -8.00 13.03 -37.93
CA SER A 86 -6.70 13.62 -37.64
C SER A 86 -6.97 14.97 -36.99
N PHE A 87 -6.33 15.26 -35.86
CA PHE A 87 -6.59 16.49 -35.14
C PHE A 87 -5.31 17.06 -34.56
N CYS A 88 -5.19 18.38 -34.61
CA CYS A 88 -4.23 19.05 -33.76
C CYS A 88 -4.86 19.29 -32.38
N SER A 89 -4.02 19.56 -31.41
CA SER A 89 -4.46 19.65 -30.02
C SER A 89 -5.36 20.85 -29.77
N LYS A 90 -5.17 21.95 -30.52
CA LYS A 90 -6.05 23.09 -30.32
C LYS A 90 -7.46 22.83 -30.85
N GLU A 91 -7.57 22.07 -31.93
CA GLU A 91 -8.90 21.73 -32.42
C GLU A 91 -9.65 20.85 -31.41
N ILE A 92 -8.98 19.86 -30.83
CA ILE A 92 -9.61 19.00 -29.82
C ILE A 92 -10.06 19.79 -28.61
N ALA A 93 -9.22 20.73 -28.15
CA ALA A 93 -9.58 21.53 -26.99
C ALA A 93 -10.89 22.27 -27.19
N GLN A 94 -11.17 22.74 -28.40
CA GLN A 94 -12.44 23.44 -28.60
C GLN A 94 -13.58 22.52 -29.01
N ALA A 95 -13.30 21.39 -29.65
CA ALA A 95 -14.34 20.38 -29.75
C ALA A 95 -14.88 20.02 -28.37
N VAL A 96 -13.97 19.82 -27.41
CA VAL A 96 -14.37 19.39 -26.08
C VAL A 96 -15.07 20.52 -25.33
N LEU A 97 -14.58 21.75 -25.48
CA LEU A 97 -15.23 22.89 -24.82
C LEU A 97 -16.67 23.04 -25.32
N ALA A 98 -16.89 22.93 -26.63
CA ALA A 98 -18.23 23.10 -27.16
C ALA A 98 -19.18 22.03 -26.61
N ASP A 99 -18.74 20.77 -26.59
CA ASP A 99 -19.61 19.72 -26.05
C ASP A 99 -19.81 19.86 -24.55
N TYR A 100 -18.81 20.35 -23.81
CA TYR A 100 -18.95 20.57 -22.38
C TYR A 100 -20.02 21.62 -22.08
N GLU A 101 -20.10 22.66 -22.91
CA GLU A 101 -21.12 23.69 -22.72
C GLU A 101 -22.50 23.08 -22.94
N TYR A 102 -22.58 22.12 -23.86
CA TYR A 102 -23.83 21.41 -24.08
C TYR A 102 -24.20 20.57 -22.88
N PHE A 103 -23.26 19.78 -22.37
CA PHE A 103 -23.52 18.98 -21.17
C PHE A 103 -23.85 19.86 -19.98
N LEU A 104 -23.22 21.04 -19.87
CA LEU A 104 -23.53 21.93 -18.76
C LEU A 104 -25.00 22.33 -18.78
N LYS A 105 -25.53 22.76 -19.94
CA LYS A 105 -26.96 23.07 -20.05
C LYS A 105 -27.80 21.88 -19.64
N LEU A 106 -27.47 20.69 -20.15
CA LEU A 106 -28.24 19.49 -19.88
C LEU A 106 -28.29 19.18 -18.38
N PHE A 107 -27.15 19.21 -17.69
CA PHE A 107 -27.14 18.92 -16.27
C PHE A 107 -27.79 20.02 -15.46
N THR A 108 -27.66 21.27 -15.91
CA THR A 108 -28.36 22.36 -15.23
C THR A 108 -29.86 22.18 -15.29
N GLU A 109 -30.39 21.87 -16.48
CA GLU A 109 -31.83 21.72 -16.57
C GLU A 109 -32.31 20.48 -15.81
N LEU A 110 -31.50 19.42 -15.77
CA LEU A 110 -31.82 18.27 -14.94
C LEU A 110 -31.94 18.66 -13.47
N SER A 111 -31.02 19.49 -12.98
CA SER A 111 -31.07 19.88 -11.57
C SER A 111 -32.34 20.69 -11.26
N ALA A 112 -32.67 21.66 -12.13
CA ALA A 112 -33.86 22.47 -11.93
C ALA A 112 -35.12 21.62 -11.96
N GLN A 113 -35.22 20.70 -12.91
CA GLN A 113 -36.41 19.89 -13.03
C GLN A 113 -36.54 18.93 -11.85
N ALA A 114 -35.42 18.33 -11.44
CA ALA A 114 -35.45 17.38 -10.34
C ALA A 114 -35.81 18.07 -9.03
N ASP A 115 -35.29 19.29 -8.80
CA ASP A 115 -35.66 20.00 -7.58
C ASP A 115 -37.15 20.34 -7.58
N SER A 116 -37.72 20.66 -8.76
CA SER A 116 -39.16 20.90 -8.88
C SER A 116 -39.99 19.70 -8.46
N GLN A 117 -39.48 18.49 -8.64
CA GLN A 117 -40.20 17.29 -8.25
C GLN A 117 -39.80 16.79 -6.87
N GLY A 118 -39.01 17.54 -6.13
CA GLY A 118 -38.57 16.99 -4.86
C GLY A 118 -37.60 15.84 -5.00
N ASP A 119 -37.05 15.63 -6.19
CA ASP A 119 -36.04 14.59 -6.43
C ASP A 119 -34.66 15.20 -6.16
N LYS A 120 -34.32 15.32 -4.88
CA LYS A 120 -33.09 15.99 -4.50
C LYS A 120 -31.85 15.14 -4.74
N VAL A 121 -32.00 13.81 -4.77
CA VAL A 121 -30.88 12.91 -5.07
C VAL A 121 -30.39 13.12 -6.51
N SER A 122 -31.30 13.12 -7.48
CA SER A 122 -30.92 13.38 -8.87
C SER A 122 -30.34 14.79 -9.01
N ALA A 123 -30.92 15.76 -8.31
CA ALA A 123 -30.42 17.13 -8.39
C ALA A 123 -29.01 17.25 -7.80
N ALA A 124 -28.73 16.55 -6.68
CA ALA A 124 -27.40 16.60 -6.08
C ALA A 124 -26.35 16.02 -7.03
N TYR A 125 -26.66 14.86 -7.64
CA TYR A 125 -25.80 14.29 -8.66
C TYR A 125 -25.61 15.25 -9.83
N ALA A 126 -26.70 15.86 -10.30
CA ALA A 126 -26.53 16.78 -11.43
C ALA A 126 -25.70 18.00 -11.02
N ASP A 127 -25.93 18.53 -9.81
CA ASP A 127 -25.14 19.69 -9.38
C ASP A 127 -23.67 19.34 -9.25
N ASP A 128 -23.36 18.11 -8.86
CA ASP A 128 -21.96 17.71 -8.82
C ASP A 128 -21.36 17.73 -10.21
N LYS A 129 -22.10 17.22 -11.22
CA LYS A 129 -21.59 17.29 -12.58
C LYS A 129 -21.56 18.71 -13.13
N VAL A 130 -22.52 19.56 -12.72
CA VAL A 130 -22.47 20.96 -13.13
C VAL A 130 -21.18 21.61 -12.65
N GLY A 131 -20.80 21.36 -11.38
CA GLY A 131 -19.57 21.92 -10.84
C GLY A 131 -18.30 21.37 -11.50
N GLU A 132 -18.27 20.06 -11.76
CA GLU A 132 -17.11 19.49 -12.44
C GLU A 132 -16.98 20.09 -13.84
N LEU A 133 -18.11 20.27 -14.55
CA LEU A 133 -18.05 20.87 -15.89
C LEU A 133 -17.63 22.33 -15.83
N GLN A 134 -18.17 23.10 -14.87
CA GLN A 134 -17.81 24.51 -14.75
C GLN A 134 -16.32 24.69 -14.50
N LYS A 135 -15.70 23.77 -13.74
CA LYS A 135 -14.27 23.87 -13.51
C LYS A 135 -13.48 23.58 -14.79
N ALA A 136 -13.83 22.49 -15.48
CA ALA A 136 -13.11 22.13 -16.69
C ALA A 136 -13.27 23.18 -17.78
N ILE A 137 -14.48 23.75 -17.90
CA ILE A 137 -14.73 24.79 -18.91
C ILE A 137 -13.86 26.02 -18.64
N TRP A 138 -13.71 26.40 -17.36
CA TRP A 138 -12.79 27.48 -17.01
C TRP A 138 -11.35 27.15 -17.41
N MET A 139 -10.95 25.89 -17.30
CA MET A 139 -9.58 25.53 -17.61
C MET A 139 -9.35 25.52 -19.12
N LEU A 140 -10.33 25.04 -19.88
CA LEU A 140 -10.19 25.01 -21.34
C LEU A 140 -10.18 26.42 -21.91
N LYS A 141 -11.01 27.32 -21.36
CA LYS A 141 -10.97 28.70 -21.82
C LYS A 141 -9.63 29.36 -21.50
N SER A 142 -9.06 29.06 -20.35
CA SER A 142 -7.75 29.62 -20.04
C SER A 142 -6.69 29.04 -20.97
N GLN A 143 -6.84 27.76 -21.32
CA GLN A 143 -5.85 27.12 -22.17
C GLN A 143 -5.95 27.63 -23.60
N LEU A 144 -7.14 27.97 -24.08
CA LEU A 144 -7.31 28.52 -25.42
C LEU A 144 -7.13 30.02 -25.47
N ALA A 145 -7.06 30.70 -24.33
CA ALA A 145 -6.87 32.16 -24.30
C ALA A 145 -5.49 32.53 -24.85
N LYS B 3 -23.82 39.47 -3.36
CA LYS B 3 -23.12 38.74 -4.42
C LYS B 3 -22.26 37.60 -3.92
N VAL B 4 -22.33 36.51 -4.68
CA VAL B 4 -21.55 35.31 -4.41
C VAL B 4 -20.05 35.62 -4.46
N VAL B 5 -19.61 36.34 -5.49
CA VAL B 5 -18.18 36.65 -5.61
C VAL B 5 -17.73 37.50 -4.44
N GLU B 6 -18.57 38.46 -4.05
CA GLU B 6 -18.29 39.32 -2.91
C GLU B 6 -18.04 38.49 -1.66
N LEU B 7 -18.95 37.56 -1.38
CA LEU B 7 -18.79 36.70 -0.21
C LEU B 7 -17.58 35.78 -0.35
N LEU B 8 -17.37 35.21 -1.53
CA LEU B 8 -16.22 34.36 -1.75
C LEU B 8 -14.89 35.10 -1.52
N LYS B 9 -14.77 36.33 -2.01
CA LYS B 9 -13.51 37.06 -1.83
C LYS B 9 -13.33 37.51 -0.39
N GLN B 10 -14.41 37.75 0.33
CA GLN B 10 -14.31 38.01 1.76
C GLN B 10 -13.83 36.77 2.49
N ILE B 11 -14.42 35.62 2.16
CA ILE B 11 -13.93 34.35 2.72
C ILE B 11 -12.46 34.17 2.39
N GLN B 12 -12.07 34.53 1.15
CA GLN B 12 -10.68 34.40 0.71
C GLN B 12 -9.76 35.20 1.62
N ALA B 13 -10.09 36.48 1.84
CA ALA B 13 -9.23 37.37 2.63
C ALA B 13 -9.14 36.92 4.09
N ASP B 14 -10.28 36.52 4.69
CA ASP B 14 -10.25 36.08 6.07
C ASP B 14 -9.51 34.75 6.22
N ALA B 15 -9.58 33.88 5.21
CA ALA B 15 -8.81 32.65 5.26
C ALA B 15 -7.33 32.95 5.34
N SER B 16 -6.83 33.89 4.51
CA SER B 16 -5.39 34.08 4.49
C SER B 16 -4.88 34.67 5.79
N VAL B 17 -5.66 35.54 6.45
CA VAL B 17 -5.23 36.06 7.74
C VAL B 17 -5.32 34.99 8.83
N PHE B 18 -6.40 34.20 8.84
CA PHE B 18 -6.54 33.15 9.83
C PHE B 18 -5.46 32.09 9.65
N TYR B 19 -5.07 31.81 8.40
CA TYR B 19 -4.00 30.87 8.11
C TYR B 19 -2.71 31.20 8.87
N VAL B 20 -2.33 32.48 8.86
CA VAL B 20 -1.11 32.89 9.56
C VAL B 20 -1.33 32.93 11.06
N LYS B 21 -2.52 33.37 11.48
CA LYS B 21 -2.82 33.41 12.90
C LYS B 21 -2.70 32.02 13.53
N VAL B 22 -3.21 31.00 12.84
CA VAL B 22 -3.13 29.66 13.37
C VAL B 22 -1.69 29.17 13.40
N HIS B 23 -0.84 29.66 12.50
CA HIS B 23 0.58 29.35 12.61
C HIS B 23 1.17 29.91 13.91
N ASN B 24 0.74 31.12 14.30
CA ASN B 24 1.24 31.69 15.54
C ASN B 24 0.83 30.84 16.74
N PHE B 25 -0.43 30.40 16.78
CA PHE B 25 -0.83 29.46 17.83
C PHE B 25 0.04 28.20 17.80
N HIS B 26 0.33 27.71 16.60
CA HIS B 26 1.09 26.47 16.42
C HIS B 26 2.50 26.61 16.99
N TRP B 27 3.14 27.77 16.79
CA TRP B 27 4.52 27.96 17.22
C TRP B 27 4.61 28.29 18.71
N ASN B 28 3.61 28.98 19.26
CA ASN B 28 3.74 29.65 20.53
C ASN B 28 2.79 29.13 21.61
N VAL B 29 2.19 27.96 21.42
CA VAL B 29 1.46 27.33 22.52
C VAL B 29 2.44 26.86 23.59
N LYS B 30 2.05 27.04 24.86
CA LYS B 30 2.81 26.50 25.99
C LYS B 30 1.92 25.62 26.86
N GLY B 31 2.54 24.81 27.69
CA GLY B 31 1.88 24.00 28.70
C GLY B 31 1.83 22.52 28.32
N MET B 32 1.34 21.72 29.28
CA MET B 32 1.48 20.27 29.18
C MET B 32 0.75 19.67 27.98
N ASP B 33 -0.23 20.39 27.42
CA ASP B 33 -0.93 19.98 26.20
C ASP B 33 -0.28 20.53 24.94
N PHE B 34 1.05 20.63 24.94
CA PHE B 34 1.75 21.26 23.83
C PHE B 34 1.56 20.46 22.54
N HIS B 35 1.81 19.15 22.59
CA HIS B 35 1.80 18.36 21.35
C HIS B 35 0.41 18.19 20.74
N PRO B 36 -0.66 17.90 21.50
CA PRO B 36 -1.98 17.80 20.83
C PRO B 36 -2.37 19.11 20.17
N THR B 37 -2.08 20.23 20.83
CA THR B 37 -2.40 21.55 20.28
C THR B 37 -1.49 21.89 19.10
N HIS B 38 -0.21 21.52 19.20
CA HIS B 38 0.74 21.70 18.10
C HIS B 38 0.25 21.00 16.85
N LYS B 39 -0.15 19.73 16.98
CA LYS B 39 -0.53 18.99 15.77
C LYS B 39 -1.92 19.37 15.29
N ALA B 40 -2.86 19.64 16.19
CA ALA B 40 -4.21 20.04 15.79
C ALA B 40 -4.19 21.37 15.03
N THR B 41 -3.46 22.38 15.55
CA THR B 41 -3.41 23.67 14.86
C THR B 41 -2.83 23.55 13.45
N GLN B 42 -1.89 22.62 13.24
CA GLN B 42 -1.31 22.51 11.90
C GLN B 42 -2.36 22.02 10.89
N GLU B 43 -3.16 21.02 11.28
CA GLU B 43 -4.23 20.54 10.42
C GLU B 43 -5.20 21.67 10.08
N ILE B 44 -5.46 22.55 11.05
CA ILE B 44 -6.39 23.65 10.79
C ILE B 44 -5.86 24.53 9.66
N TYR B 45 -4.60 24.92 9.72
CA TYR B 45 -4.12 25.81 8.68
C TYR B 45 -3.94 25.10 7.34
N GLU B 46 -3.77 23.78 7.33
CA GLU B 46 -3.72 23.12 6.03
C GLU B 46 -5.11 23.04 5.41
N GLN B 47 -6.15 22.95 6.23
CA GLN B 47 -7.51 22.92 5.70
C GLN B 47 -7.93 24.30 5.23
N PHE B 48 -7.46 25.35 5.89
CA PHE B 48 -7.81 26.69 5.42
C PHE B 48 -6.97 27.14 4.22
N ALA B 49 -5.75 26.60 4.07
CA ALA B 49 -5.01 26.81 2.83
C ALA B 49 -5.81 26.30 1.65
N ASP B 50 -6.57 25.23 1.87
CA ASP B 50 -7.37 24.69 0.79
C ASP B 50 -8.66 25.47 0.60
N VAL B 51 -9.28 25.94 1.69
CA VAL B 51 -10.42 26.84 1.55
C VAL B 51 -9.97 28.09 0.79
N PHE B 52 -8.75 28.57 1.09
CA PHE B 52 -8.18 29.72 0.41
C PHE B 52 -8.15 29.50 -1.09
N ASP B 53 -7.66 28.33 -1.53
CA ASP B 53 -7.52 28.07 -2.97
C ASP B 53 -8.87 27.77 -3.62
N ASP B 54 -9.72 26.97 -2.96
CA ASP B 54 -11.04 26.64 -3.50
C ASP B 54 -11.84 27.90 -3.78
N VAL B 55 -11.88 28.78 -2.80
CA VAL B 55 -12.68 29.99 -2.91
C VAL B 55 -12.18 30.87 -4.04
N ALA B 56 -10.86 31.00 -4.17
CA ALA B 56 -10.31 31.81 -5.25
C ALA B 56 -10.63 31.21 -6.61
N GLU B 57 -10.46 29.91 -6.75
CA GLU B 57 -10.74 29.31 -8.04
C GLU B 57 -12.22 29.37 -8.38
N ARG B 58 -13.10 29.36 -7.38
CA ARG B 58 -14.51 29.45 -7.70
C ARG B 58 -14.87 30.84 -8.18
N VAL B 59 -14.29 31.88 -7.56
CA VAL B 59 -14.49 33.24 -8.07
C VAL B 59 -14.08 33.30 -9.55
N LEU B 60 -13.04 32.55 -9.90
CA LEU B 60 -12.53 32.59 -11.27
C LEU B 60 -13.51 31.93 -12.22
N GLN B 61 -14.07 30.78 -11.83
CA GLN B 61 -15.07 30.09 -12.65
C GLN B 61 -16.35 30.91 -12.81
N LEU B 62 -16.65 31.80 -11.88
CA LEU B 62 -17.81 32.65 -12.06
C LEU B 62 -17.52 33.86 -12.92
N GLY B 63 -16.30 33.98 -13.44
CA GLY B 63 -15.98 35.05 -14.36
C GLY B 63 -15.55 36.38 -13.78
N GLU B 64 -15.01 36.42 -12.55
CA GLU B 64 -14.37 37.61 -12.00
C GLU B 64 -13.03 37.26 -11.39
N MET B 65 -12.42 38.23 -10.74
CA MET B 65 -11.07 38.09 -10.25
C MET B 65 -11.04 38.01 -8.72
N PRO B 66 -10.28 37.07 -8.16
CA PRO B 66 -10.06 37.04 -6.71
C PRO B 66 -8.99 38.05 -6.33
N TYR B 67 -8.74 38.17 -5.04
CA TYR B 67 -7.60 38.97 -4.58
C TYR B 67 -6.30 38.25 -4.92
N VAL B 68 -5.26 39.02 -5.24
CA VAL B 68 -3.98 38.45 -5.62
C VAL B 68 -2.79 39.00 -4.84
N THR B 69 -3.01 39.88 -3.86
CA THR B 69 -1.91 40.45 -3.09
C THR B 69 -2.29 40.40 -1.61
N LEU B 70 -1.29 40.21 -0.73
CA LEU B 70 -1.58 40.31 0.70
C LEU B 70 -2.04 41.71 1.09
N ALA B 71 -1.55 42.73 0.38
CA ALA B 71 -1.98 44.09 0.69
C ALA B 71 -3.49 44.23 0.54
N ASP B 72 -4.06 43.67 -0.54
CA ASP B 72 -5.50 43.78 -0.74
C ASP B 72 -6.26 42.92 0.26
N MET B 73 -5.74 41.73 0.57
CA MET B 73 -6.43 40.85 1.52
C MET B 73 -6.35 41.37 2.93
N LEU B 74 -5.25 42.02 3.29
CA LEU B 74 -5.15 42.60 4.62
C LEU B 74 -6.21 43.68 4.84
N LYS B 75 -6.35 44.61 3.89
CA LYS B 75 -7.33 45.66 4.10
C LYS B 75 -8.76 45.11 4.00
N ALA B 76 -8.98 44.03 3.24
CA ALA B 76 -10.33 43.47 3.20
C ALA B 76 -10.67 42.63 4.43
N ALA B 77 -9.68 42.05 5.11
CA ALA B 77 -10.01 41.05 6.12
C ALA B 77 -10.72 41.69 7.30
N LYS B 78 -11.60 40.91 7.94
CA LYS B 78 -12.18 41.30 9.20
C LYS B 78 -11.62 40.52 10.40
N ILE B 79 -11.08 39.33 10.18
CA ILE B 79 -10.33 38.67 11.23
C ILE B 79 -9.14 39.53 11.64
N LYS B 80 -8.89 39.59 12.94
CA LYS B 80 -7.84 40.44 13.47
C LYS B 80 -6.56 39.63 13.67
N GLU B 81 -5.44 40.23 13.31
CA GLU B 81 -4.16 39.57 13.53
C GLU B 81 -3.84 39.53 15.03
N GLU B 82 -3.04 38.55 15.40
CA GLU B 82 -2.68 38.28 16.79
C GLU B 82 -1.19 38.56 16.94
N SER B 83 -0.87 39.60 17.70
CA SER B 83 0.53 40.00 17.89
C SER B 83 1.17 39.38 19.11
N LYS B 84 0.39 38.99 20.10
CA LYS B 84 0.89 38.23 21.24
C LYS B 84 1.55 36.95 20.74
N THR B 85 2.52 36.44 21.52
CA THR B 85 3.40 35.37 21.08
C THR B 85 3.55 34.29 22.14
N SER B 86 2.54 34.12 22.98
CA SER B 86 2.59 33.09 24.01
C SER B 86 1.15 32.74 24.35
N PHE B 87 0.82 31.46 24.30
CA PHE B 87 -0.56 31.08 24.50
C PHE B 87 -0.66 29.79 25.30
N CYS B 88 -1.64 29.79 26.15
CA CYS B 88 -2.18 28.63 26.83
C CYS B 88 -3.16 27.90 25.90
N SER B 89 -3.40 26.62 26.20
CA SER B 89 -4.21 25.80 25.32
C SER B 89 -5.67 26.28 25.30
N LYS B 90 -6.23 26.59 26.46
CA LYS B 90 -7.62 27.04 26.54
C LYS B 90 -7.86 28.29 25.71
N GLU B 91 -6.90 29.23 25.70
CA GLU B 91 -7.14 30.46 24.96
C GLU B 91 -7.06 30.24 23.45
N ILE B 92 -6.23 29.29 23.00
CA ILE B 92 -6.21 28.97 21.58
C ILE B 92 -7.57 28.38 21.16
N ALA B 93 -8.13 27.48 21.96
CA ALA B 93 -9.44 26.91 21.64
C ALA B 93 -10.50 28.00 21.54
N GLN B 94 -10.56 28.89 22.55
CA GLN B 94 -11.54 29.98 22.50
C GLN B 94 -11.29 30.91 21.32
N ALA B 95 -10.02 31.17 21.00
CA ALA B 95 -9.73 31.98 19.81
C ALA B 95 -10.22 31.29 18.55
N VAL B 96 -10.00 29.97 18.45
CA VAL B 96 -10.39 29.24 17.25
C VAL B 96 -11.92 29.14 17.16
N LEU B 97 -12.60 28.89 18.29
CA LEU B 97 -14.06 28.85 18.32
C LEU B 97 -14.70 30.17 17.88
N ALA B 98 -14.17 31.30 18.34
CA ALA B 98 -14.74 32.58 17.91
C ALA B 98 -14.58 32.78 16.40
N ASP B 99 -13.42 32.44 15.83
CA ASP B 99 -13.25 32.61 14.39
C ASP B 99 -14.08 31.61 13.60
N TYR B 100 -14.26 30.39 14.13
CA TYR B 100 -15.10 29.41 13.44
C TYR B 100 -16.56 29.89 13.35
N GLU B 101 -17.06 30.52 14.41
CA GLU B 101 -18.41 31.04 14.32
C GLU B 101 -18.52 32.18 13.32
N TYR B 102 -17.44 32.95 13.13
CA TYR B 102 -17.46 33.96 12.08
C TYR B 102 -17.48 33.33 10.70
N PHE B 103 -16.61 32.33 10.45
CA PHE B 103 -16.61 31.66 9.14
C PHE B 103 -17.93 30.95 8.87
N LEU B 104 -18.53 30.35 9.91
CA LEU B 104 -19.83 29.70 9.76
C LEU B 104 -20.90 30.67 9.30
N LYS B 105 -20.96 31.86 9.92
CA LYS B 105 -21.86 32.90 9.45
C LYS B 105 -21.60 33.18 7.98
N LEU B 106 -20.36 33.51 7.65
CA LEU B 106 -19.97 33.85 6.29
C LEU B 106 -20.41 32.77 5.28
N PHE B 107 -20.18 31.49 5.60
CA PHE B 107 -20.55 30.43 4.67
C PHE B 107 -22.05 30.20 4.61
N THR B 108 -22.77 30.39 5.71
CA THR B 108 -24.23 30.32 5.66
C THR B 108 -24.82 31.44 4.81
N GLU B 109 -24.24 32.64 4.84
CA GLU B 109 -24.73 33.69 3.96
C GLU B 109 -24.39 33.39 2.50
N LEU B 110 -23.21 32.83 2.23
CA LEU B 110 -22.87 32.43 0.85
C LEU B 110 -23.86 31.41 0.30
N SER B 111 -24.21 30.40 1.10
CA SER B 111 -25.12 29.38 0.62
C SER B 111 -26.49 29.95 0.34
N ALA B 112 -27.02 30.75 1.27
CA ALA B 112 -28.35 31.33 1.09
C ALA B 112 -28.36 32.23 -0.14
N GLN B 113 -27.33 33.05 -0.30
CA GLN B 113 -27.28 33.95 -1.45
C GLN B 113 -27.09 33.17 -2.75
N ALA B 114 -26.25 32.13 -2.74
CA ALA B 114 -26.01 31.35 -3.95
C ALA B 114 -27.27 30.63 -4.39
N ASP B 115 -28.05 30.07 -3.44
CA ASP B 115 -29.30 29.40 -3.82
C ASP B 115 -30.33 30.38 -4.38
N SER B 116 -30.33 31.63 -3.91
CA SER B 116 -31.22 32.63 -4.49
C SER B 116 -31.01 32.78 -5.98
N GLN B 117 -29.78 33.02 -6.40
CA GLN B 117 -29.54 33.21 -7.82
C GLN B 117 -29.45 31.89 -8.58
N GLY B 118 -29.81 30.76 -7.96
CA GLY B 118 -29.70 29.50 -8.66
C GLY B 118 -28.30 28.93 -8.78
N ASP B 119 -27.32 29.46 -8.02
CA ASP B 119 -25.95 28.95 -8.05
C ASP B 119 -25.84 27.80 -7.03
N LYS B 120 -26.25 26.61 -7.49
CA LYS B 120 -26.31 25.46 -6.60
C LYS B 120 -24.92 24.92 -6.31
N VAL B 121 -23.98 25.08 -7.24
CA VAL B 121 -22.61 24.59 -7.02
C VAL B 121 -21.95 25.35 -5.87
N SER B 122 -21.97 26.68 -5.96
CA SER B 122 -21.40 27.46 -4.88
C SER B 122 -22.10 27.16 -3.57
N ALA B 123 -23.42 26.98 -3.63
CA ALA B 123 -24.18 26.69 -2.42
C ALA B 123 -23.81 25.32 -1.86
N ALA B 124 -23.59 24.34 -2.73
CA ALA B 124 -23.23 23.00 -2.26
C ALA B 124 -21.86 23.00 -1.59
N TYR B 125 -20.88 23.69 -2.19
CA TYR B 125 -19.59 23.83 -1.52
C TYR B 125 -19.78 24.52 -0.18
N ALA B 126 -20.60 25.58 -0.13
CA ALA B 126 -20.79 26.30 1.11
C ALA B 126 -21.47 25.43 2.16
N ASP B 127 -22.46 24.63 1.75
CA ASP B 127 -23.16 23.76 2.69
C ASP B 127 -22.24 22.71 3.30
N ASP B 128 -21.23 22.24 2.56
CA ASP B 128 -20.26 21.30 3.14
C ASP B 128 -19.42 22.00 4.21
N LYS B 129 -18.96 23.22 3.93
CA LYS B 129 -18.20 23.96 4.93
C LYS B 129 -19.08 24.33 6.13
N VAL B 130 -20.37 24.59 5.91
CA VAL B 130 -21.24 24.86 7.05
C VAL B 130 -21.29 23.64 7.96
N GLY B 131 -21.43 22.45 7.37
CA GLY B 131 -21.49 21.24 8.18
C GLY B 131 -20.20 20.94 8.91
N GLU B 132 -19.06 21.13 8.24
CA GLU B 132 -17.78 20.86 8.87
C GLU B 132 -17.54 21.80 10.04
N LEU B 133 -17.92 23.07 9.89
CA LEU B 133 -17.73 24.03 10.98
C LEU B 133 -18.69 23.74 12.14
N GLN B 134 -19.94 23.34 11.83
CA GLN B 134 -20.88 23.01 12.91
C GLN B 134 -20.40 21.83 13.73
N LYS B 135 -19.80 20.82 13.07
CA LYS B 135 -19.25 19.70 13.82
C LYS B 135 -18.10 20.17 14.70
N ALA B 136 -17.19 20.95 14.12
CA ALA B 136 -16.04 21.42 14.87
C ALA B 136 -16.44 22.33 16.01
N ILE B 137 -17.43 23.20 15.78
CA ILE B 137 -17.87 24.12 16.83
C ILE B 137 -18.45 23.35 18.03
N TRP B 138 -19.22 22.30 17.78
CA TRP B 138 -19.77 21.52 18.88
C TRP B 138 -18.65 20.84 19.68
N MET B 139 -17.63 20.32 18.98
CA MET B 139 -16.51 19.67 19.66
C MET B 139 -15.71 20.66 20.50
N LEU B 140 -15.54 21.89 19.99
CA LEU B 140 -14.82 22.90 20.76
C LEU B 140 -15.60 23.33 22.00
N LYS B 141 -16.91 23.46 21.87
CA LYS B 141 -17.76 23.80 23.02
C LYS B 141 -17.72 22.73 24.08
N SER B 142 -17.63 21.45 23.68
CA SER B 142 -17.55 20.39 24.66
C SER B 142 -16.22 20.43 25.40
N GLN B 143 -15.13 20.71 24.69
CA GLN B 143 -13.86 20.72 25.39
C GLN B 143 -13.72 21.97 26.24
N LEU B 144 -14.40 23.06 25.88
CA LEU B 144 -14.37 24.23 26.74
C LEU B 144 -15.40 24.19 27.87
N ALA B 145 -16.30 23.20 27.90
CA ALA B 145 -17.31 23.18 28.95
C ALA B 145 -16.66 22.95 30.30
N LYS C 3 -40.34 18.43 13.68
CA LYS C 3 -39.01 18.74 14.21
C LYS C 3 -37.91 17.88 13.57
N VAL C 4 -36.82 18.54 13.19
CA VAL C 4 -35.66 17.83 12.66
C VAL C 4 -35.10 16.87 13.70
N VAL C 5 -34.98 17.35 14.94
CA VAL C 5 -34.41 16.53 16.01
C VAL C 5 -35.29 15.31 16.29
N GLU C 6 -36.62 15.46 16.29
CA GLU C 6 -37.46 14.31 16.60
C GLU C 6 -37.39 13.26 15.50
N LEU C 7 -37.20 13.68 14.25
CA LEU C 7 -37.00 12.72 13.17
C LEU C 7 -35.64 12.05 13.30
N LEU C 8 -34.59 12.82 13.65
CA LEU C 8 -33.26 12.25 13.87
C LEU C 8 -33.30 11.21 14.99
N LYS C 9 -33.99 11.52 16.09
CA LYS C 9 -34.01 10.60 17.22
C LYS C 9 -34.82 9.35 16.90
N GLN C 10 -35.83 9.49 16.04
CA GLN C 10 -36.61 8.33 15.61
C GLN C 10 -35.75 7.40 14.75
N ILE C 11 -35.04 7.97 13.78
CA ILE C 11 -34.09 7.17 13.00
C ILE C 11 -33.09 6.51 13.93
N GLN C 12 -32.60 7.25 14.92
CA GLN C 12 -31.64 6.66 15.85
C GLN C 12 -32.22 5.41 16.51
N ALA C 13 -33.45 5.52 17.05
CA ALA C 13 -34.07 4.41 17.75
C ALA C 13 -34.34 3.22 16.82
N ASP C 14 -34.80 3.49 15.59
CA ASP C 14 -35.04 2.39 14.66
C ASP C 14 -33.74 1.75 14.17
N ALA C 15 -32.68 2.55 13.99
CA ALA C 15 -31.40 1.98 13.60
C ALA C 15 -30.93 0.98 14.65
N SER C 16 -31.07 1.32 15.94
CA SER C 16 -30.54 0.42 16.96
C SER C 16 -31.29 -0.92 16.98
N VAL C 17 -32.59 -0.92 16.70
CA VAL C 17 -33.33 -2.18 16.61
C VAL C 17 -32.98 -2.91 15.31
N PHE C 18 -32.91 -2.19 14.20
CA PHE C 18 -32.59 -2.82 12.93
C PHE C 18 -31.19 -3.46 12.97
N TYR C 19 -30.26 -2.78 13.65
CA TYR C 19 -28.91 -3.30 13.84
C TYR C 19 -28.93 -4.71 14.42
N VAL C 20 -29.75 -4.93 15.45
CA VAL C 20 -29.79 -6.25 16.08
C VAL C 20 -30.56 -7.24 15.20
N LYS C 21 -31.68 -6.81 14.59
CA LYS C 21 -32.45 -7.69 13.72
C LYS C 21 -31.60 -8.28 12.61
N VAL C 22 -30.76 -7.44 12.00
CA VAL C 22 -29.89 -7.90 10.92
C VAL C 22 -28.80 -8.85 11.45
N HIS C 23 -28.39 -8.69 12.73
CA HIS C 23 -27.50 -9.70 13.31
C HIS C 23 -28.18 -11.06 13.36
N ASN C 24 -29.47 -11.06 13.70
CA ASN C 24 -30.21 -12.32 13.72
C ASN C 24 -30.29 -12.92 12.31
N PHE C 25 -30.59 -12.12 11.29
CA PHE C 25 -30.53 -12.60 9.91
C PHE C 25 -29.14 -13.12 9.57
N HIS C 26 -28.11 -12.41 10.03
CA HIS C 26 -26.73 -12.77 9.73
C HIS C 26 -26.38 -14.15 10.28
N TRP C 27 -26.86 -14.48 11.49
CA TRP C 27 -26.46 -15.71 12.17
C TRP C 27 -27.25 -16.93 11.70
N ASN C 28 -28.54 -16.76 11.40
CA ASN C 28 -29.45 -17.89 11.26
C ASN C 28 -29.98 -18.06 9.85
N VAL C 29 -29.37 -17.43 8.86
CA VAL C 29 -29.76 -17.73 7.49
C VAL C 29 -29.40 -19.17 7.16
N LYS C 30 -30.29 -19.86 6.46
CA LYS C 30 -30.09 -21.24 6.06
C LYS C 30 -30.18 -21.34 4.55
N GLY C 31 -29.74 -22.45 4.01
CA GLY C 31 -29.98 -22.75 2.63
C GLY C 31 -28.77 -22.52 1.73
N MET C 32 -28.99 -22.86 0.46
CA MET C 32 -27.93 -22.92 -0.55
C MET C 32 -27.09 -21.66 -0.60
N ASP C 33 -27.71 -20.52 -0.30
CA ASP C 33 -27.13 -19.19 -0.49
C ASP C 33 -26.68 -18.64 0.88
N PHE C 34 -26.07 -19.52 1.68
CA PHE C 34 -25.67 -19.16 3.04
C PHE C 34 -24.57 -18.10 3.04
N HIS C 35 -23.51 -18.29 2.23
CA HIS C 35 -22.37 -17.41 2.33
C HIS C 35 -22.67 -15.98 1.90
N PRO C 36 -23.15 -15.71 0.66
CA PRO C 36 -23.38 -14.30 0.28
C PRO C 36 -24.27 -13.53 1.23
N THR C 37 -25.33 -14.18 1.75
CA THR C 37 -26.23 -13.50 2.67
C THR C 37 -25.52 -13.19 3.99
N HIS C 38 -24.69 -14.12 4.47
CA HIS C 38 -23.89 -13.91 5.67
C HIS C 38 -22.98 -12.70 5.52
N LYS C 39 -22.37 -12.54 4.35
CA LYS C 39 -21.58 -11.34 4.09
C LYS C 39 -22.45 -10.10 3.97
N ALA C 40 -23.57 -10.19 3.23
CA ALA C 40 -24.39 -8.99 2.98
C ALA C 40 -24.98 -8.43 4.26
N THR C 41 -25.54 -9.30 5.10
CA THR C 41 -26.13 -8.84 6.35
C THR C 41 -25.07 -8.19 7.25
N GLN C 42 -23.84 -8.68 7.24
CA GLN C 42 -22.85 -8.07 8.12
C GLN C 42 -22.49 -6.66 7.64
N GLU C 43 -22.37 -6.44 6.35
CA GLU C 43 -22.12 -5.07 5.93
C GLU C 43 -23.30 -4.17 6.27
N ILE C 44 -24.52 -4.64 6.00
CA ILE C 44 -25.72 -3.87 6.30
C ILE C 44 -25.70 -3.37 7.75
N TYR C 45 -25.42 -4.25 8.70
CA TYR C 45 -25.46 -3.76 10.07
C TYR C 45 -24.28 -2.84 10.38
N GLU C 46 -23.20 -2.90 9.60
CA GLU C 46 -22.13 -1.95 9.80
C GLU C 46 -22.48 -0.55 9.28
N GLN C 47 -23.32 -0.42 8.24
CA GLN C 47 -23.72 0.94 7.84
C GLN C 47 -24.74 1.54 8.79
N PHE C 48 -25.58 0.70 9.41
CA PHE C 48 -26.54 1.21 10.36
C PHE C 48 -25.93 1.51 11.71
N ALA C 49 -24.82 0.85 12.07
CA ALA C 49 -24.03 1.33 13.20
C ALA C 49 -23.52 2.76 12.96
N ASP C 50 -23.25 3.09 11.69
CA ASP C 50 -22.74 4.41 11.35
C ASP C 50 -23.87 5.44 11.33
N VAL C 51 -25.03 5.05 10.83
CA VAL C 51 -26.21 5.90 10.91
C VAL C 51 -26.55 6.18 12.36
N PHE C 52 -26.48 5.13 13.18
CA PHE C 52 -26.75 5.26 14.62
C PHE C 52 -25.90 6.34 15.25
N ASP C 53 -24.62 6.37 14.91
CA ASP C 53 -23.74 7.35 15.50
C ASP C 53 -23.90 8.73 14.86
N ASP C 54 -24.05 8.80 13.53
CA ASP C 54 -24.17 10.09 12.84
C ASP C 54 -25.42 10.86 13.29
N VAL C 55 -26.58 10.21 13.32
CA VAL C 55 -27.78 10.96 13.66
C VAL C 55 -27.69 11.46 15.09
N ALA C 56 -27.17 10.65 16.00
CA ALA C 56 -27.02 11.05 17.39
C ALA C 56 -26.07 12.24 17.51
N GLU C 57 -24.96 12.21 16.78
CA GLU C 57 -24.06 13.36 16.83
C GLU C 57 -24.68 14.59 16.18
N ARG C 58 -25.56 14.41 15.19
CA ARG C 58 -26.20 15.58 14.60
C ARG C 58 -27.18 16.20 15.58
N VAL C 59 -27.89 15.37 16.35
CA VAL C 59 -28.75 15.90 17.40
C VAL C 59 -27.96 16.77 18.37
N LEU C 60 -26.73 16.35 18.72
CA LEU C 60 -25.93 17.14 19.67
C LEU C 60 -25.47 18.44 19.04
N GLN C 61 -25.10 18.42 17.75
CA GLN C 61 -24.76 19.66 17.08
C GLN C 61 -25.93 20.62 16.98
N LEU C 62 -27.16 20.12 17.04
CA LEU C 62 -28.32 21.00 17.06
C LEU C 62 -28.72 21.45 18.47
N GLY C 63 -27.96 21.08 19.50
CA GLY C 63 -28.24 21.58 20.83
C GLY C 63 -29.31 20.83 21.59
N GLU C 64 -29.52 19.55 21.28
CA GLU C 64 -30.51 18.73 21.97
C GLU C 64 -29.87 17.40 22.32
N MET C 65 -30.62 16.51 22.97
CA MET C 65 -30.02 15.28 23.45
C MET C 65 -30.55 14.09 22.66
N PRO C 66 -29.69 13.20 22.19
CA PRO C 66 -30.18 11.96 21.59
C PRO C 66 -30.53 10.99 22.71
N TYR C 67 -31.07 9.84 22.30
CA TYR C 67 -31.29 8.77 23.25
C TYR C 67 -29.94 8.21 23.68
N VAL C 68 -29.84 7.84 24.95
CA VAL C 68 -28.60 7.29 25.50
C VAL C 68 -28.88 5.97 26.20
N THR C 69 -30.10 5.46 26.07
CA THR C 69 -30.49 4.23 26.72
C THR C 69 -31.20 3.26 25.77
N LEU C 70 -30.88 1.97 25.89
CA LEU C 70 -31.60 0.95 25.12
C LEU C 70 -33.08 0.84 25.50
N ALA C 71 -33.41 1.05 26.79
CA ALA C 71 -34.80 1.03 27.21
C ALA C 71 -35.61 2.08 26.47
N ASP C 72 -35.08 3.31 26.39
CA ASP C 72 -35.79 4.36 25.67
C ASP C 72 -35.83 4.11 24.17
N MET C 73 -34.77 3.54 23.60
CA MET C 73 -34.79 3.36 22.15
C MET C 73 -35.80 2.31 21.73
N LEU C 74 -35.89 1.22 22.49
CA LEU C 74 -36.86 0.19 22.15
C LEU C 74 -38.30 0.66 22.41
N LYS C 75 -38.50 1.53 23.39
CA LYS C 75 -39.80 2.20 23.55
C LYS C 75 -40.13 3.06 22.33
N ALA C 76 -39.14 3.77 21.80
CA ALA C 76 -39.39 4.71 20.72
C ALA C 76 -39.40 4.04 19.36
N ALA C 77 -38.73 2.90 19.23
CA ALA C 77 -38.57 2.26 17.92
C ALA C 77 -39.90 1.77 17.40
N LYS C 78 -40.06 1.83 16.07
CA LYS C 78 -41.22 1.24 15.41
C LYS C 78 -40.86 0.01 14.57
N ILE C 79 -39.57 -0.20 14.28
CA ILE C 79 -39.16 -1.42 13.61
C ILE C 79 -39.51 -2.58 14.53
N LYS C 80 -40.24 -3.57 14.00
CA LYS C 80 -40.61 -4.70 14.83
C LYS C 80 -39.38 -5.58 15.03
N GLU C 81 -39.18 -6.04 16.28
CA GLU C 81 -38.12 -7.02 16.53
C GLU C 81 -38.48 -8.39 15.96
N GLU C 82 -37.47 -9.20 15.67
CA GLU C 82 -37.68 -10.50 15.05
C GLU C 82 -37.28 -11.61 16.02
N SER C 83 -38.27 -12.40 16.45
CA SER C 83 -38.06 -13.46 17.42
C SER C 83 -37.77 -14.82 16.79
N LYS C 84 -38.12 -15.03 15.51
CA LYS C 84 -37.75 -16.25 14.80
C LYS C 84 -36.23 -16.46 14.80
N THR C 85 -35.81 -17.69 14.50
CA THR C 85 -34.39 -18.01 14.52
C THR C 85 -33.98 -18.87 13.32
N SER C 86 -34.71 -18.82 12.22
CA SER C 86 -34.37 -19.65 11.06
C SER C 86 -34.95 -18.98 9.83
N PHE C 87 -34.11 -18.70 8.84
CA PHE C 87 -34.54 -17.97 7.66
C PHE C 87 -33.85 -18.48 6.41
N CYS C 88 -34.62 -18.58 5.33
CA CYS C 88 -34.04 -18.70 4.01
C CYS C 88 -33.72 -17.29 3.48
N SER C 89 -32.89 -17.23 2.44
CA SER C 89 -32.37 -15.95 1.97
C SER C 89 -33.46 -15.04 1.39
N LYS C 90 -34.43 -15.61 0.68
CA LYS C 90 -35.50 -14.78 0.12
C LYS C 90 -36.28 -14.10 1.24
N GLU C 91 -36.52 -14.81 2.34
CA GLU C 91 -37.20 -14.23 3.49
C GLU C 91 -36.46 -13.00 3.98
N ILE C 92 -35.15 -13.12 4.13
CA ILE C 92 -34.33 -12.01 4.59
C ILE C 92 -34.43 -10.84 3.62
N ALA C 93 -34.37 -11.11 2.32
CA ALA C 93 -34.48 -10.05 1.33
C ALA C 93 -35.80 -9.30 1.47
N GLN C 94 -36.90 -10.04 1.59
CA GLN C 94 -38.19 -9.38 1.72
C GLN C 94 -38.30 -8.58 3.01
N ALA C 95 -37.72 -9.09 4.10
CA ALA C 95 -37.74 -8.36 5.38
C ALA C 95 -36.93 -7.08 5.28
N VAL C 96 -35.73 -7.14 4.69
CA VAL C 96 -34.89 -5.95 4.65
C VAL C 96 -35.52 -4.91 3.73
N LEU C 97 -36.10 -5.36 2.62
CA LEU C 97 -36.76 -4.45 1.69
C LEU C 97 -37.84 -3.63 2.38
N ALA C 98 -38.66 -4.29 3.19
CA ALA C 98 -39.72 -3.57 3.91
C ALA C 98 -39.11 -2.56 4.89
N ASP C 99 -38.06 -2.96 5.61
CA ASP C 99 -37.46 -2.01 6.54
C ASP C 99 -36.79 -0.85 5.81
N TYR C 100 -36.20 -1.12 4.63
CA TYR C 100 -35.58 -0.05 3.85
C TYR C 100 -36.61 0.98 3.39
N GLU C 101 -37.80 0.52 2.99
CA GLU C 101 -38.84 1.45 2.55
C GLU C 101 -39.36 2.32 3.68
N TYR C 102 -39.34 1.81 4.91
CA TYR C 102 -39.66 2.63 6.06
C TYR C 102 -38.57 3.67 6.35
N PHE C 103 -37.31 3.24 6.37
CA PHE C 103 -36.23 4.22 6.58
C PHE C 103 -36.24 5.28 5.48
N LEU C 104 -36.57 4.86 4.25
CA LEU C 104 -36.63 5.80 3.14
C LEU C 104 -37.67 6.90 3.37
N LYS C 105 -38.85 6.57 3.93
CA LYS C 105 -39.81 7.63 4.24
C LYS C 105 -39.33 8.51 5.38
N LEU C 106 -38.55 7.96 6.29
CA LEU C 106 -38.05 8.74 7.41
C LEU C 106 -37.03 9.79 6.92
N PHE C 107 -36.10 9.39 6.04
CA PHE C 107 -35.08 10.31 5.56
C PHE C 107 -35.62 11.32 4.54
N THR C 108 -36.59 10.94 3.68
CA THR C 108 -37.26 11.94 2.84
C THR C 108 -38.07 12.93 3.66
N GLU C 109 -38.69 12.49 4.74
CA GLU C 109 -39.37 13.47 5.56
C GLU C 109 -38.35 14.32 6.29
N LEU C 110 -37.24 13.71 6.73
CA LEU C 110 -36.19 14.48 7.38
C LEU C 110 -35.66 15.56 6.46
N SER C 111 -35.39 15.20 5.19
CA SER C 111 -34.88 16.18 4.24
C SER C 111 -35.87 17.30 3.99
N ALA C 112 -37.16 16.96 3.86
CA ALA C 112 -38.18 17.96 3.61
C ALA C 112 -38.29 18.96 4.76
N GLN C 113 -38.26 18.48 6.02
CA GLN C 113 -38.33 19.37 7.18
C GLN C 113 -37.11 20.26 7.29
N ALA C 114 -35.92 19.69 7.09
CA ALA C 114 -34.70 20.46 7.25
C ALA C 114 -34.62 21.57 6.21
N ASP C 115 -34.97 21.27 4.96
CA ASP C 115 -34.96 22.34 3.96
C ASP C 115 -36.00 23.42 4.29
N SER C 116 -37.13 23.05 4.92
CA SER C 116 -38.13 24.03 5.36
C SER C 116 -37.54 25.05 6.31
N GLN C 117 -36.72 24.59 7.25
CA GLN C 117 -36.17 25.41 8.28
C GLN C 117 -34.82 26.00 7.89
N GLY C 118 -34.36 25.78 6.67
CA GLY C 118 -33.04 26.24 6.29
C GLY C 118 -31.88 25.44 6.85
N ASP C 119 -32.14 24.26 7.41
CA ASP C 119 -31.10 23.35 7.91
C ASP C 119 -30.64 22.48 6.75
N LYS C 120 -29.80 23.04 5.90
CA LYS C 120 -29.36 22.34 4.69
C LYS C 120 -28.33 21.25 4.95
N VAL C 121 -27.60 21.33 6.07
CA VAL C 121 -26.67 20.26 6.42
C VAL C 121 -27.43 18.98 6.75
N SER C 122 -28.45 19.07 7.59
CA SER C 122 -29.26 17.90 7.88
C SER C 122 -29.94 17.37 6.62
N ALA C 123 -30.39 18.26 5.72
CA ALA C 123 -31.04 17.82 4.48
C ALA C 123 -30.08 17.08 3.56
N ALA C 124 -28.84 17.59 3.41
CA ALA C 124 -27.86 16.92 2.57
C ALA C 124 -27.48 15.55 3.14
N TYR C 125 -27.30 15.45 4.46
CA TYR C 125 -27.06 14.14 5.02
C TYR C 125 -28.22 13.21 4.70
N ALA C 126 -29.45 13.69 4.85
CA ALA C 126 -30.59 12.84 4.56
C ALA C 126 -30.70 12.52 3.07
N ASP C 127 -30.40 13.49 2.19
CA ASP C 127 -30.49 13.21 0.76
C ASP C 127 -29.50 12.11 0.35
N ASP C 128 -28.31 12.07 0.98
CA ASP C 128 -27.36 11.01 0.67
C ASP C 128 -27.87 9.64 1.12
N LYS C 129 -28.49 9.57 2.28
CA LYS C 129 -29.09 8.32 2.73
C LYS C 129 -30.32 7.95 1.88
N VAL C 130 -31.06 8.94 1.40
CA VAL C 130 -32.21 8.64 0.54
C VAL C 130 -31.73 7.96 -0.74
N GLY C 131 -30.67 8.50 -1.34
CA GLY C 131 -30.14 7.92 -2.57
C GLY C 131 -29.56 6.52 -2.34
N GLU C 132 -28.83 6.34 -1.24
CA GLU C 132 -28.29 5.01 -0.96
C GLU C 132 -29.39 3.99 -0.77
N LEU C 133 -30.48 4.39 -0.12
CA LEU C 133 -31.61 3.49 0.06
C LEU C 133 -32.33 3.21 -1.25
N GLN C 134 -32.49 4.24 -2.09
CA GLN C 134 -33.14 4.04 -3.39
C GLN C 134 -32.36 3.07 -4.27
N LYS C 135 -31.02 3.13 -4.21
CA LYS C 135 -30.23 2.20 -5.00
C LYS C 135 -30.39 0.77 -4.48
N ALA C 136 -30.26 0.59 -3.16
CA ALA C 136 -30.37 -0.74 -2.57
C ALA C 136 -31.79 -1.29 -2.74
N ILE C 137 -32.80 -0.43 -2.62
CA ILE C 137 -34.19 -0.86 -2.83
C ILE C 137 -34.39 -1.35 -4.27
N TRP C 138 -33.91 -0.57 -5.25
CA TRP C 138 -33.96 -1.06 -6.63
C TRP C 138 -33.28 -2.44 -6.76
N MET C 139 -32.13 -2.63 -6.13
CA MET C 139 -31.42 -3.90 -6.28
C MET C 139 -32.17 -5.05 -5.60
N LEU C 140 -32.81 -4.80 -4.45
CA LEU C 140 -33.59 -5.87 -3.81
C LEU C 140 -34.84 -6.22 -4.61
N LYS C 141 -35.52 -5.22 -5.17
CA LYS C 141 -36.68 -5.52 -6.00
C LYS C 141 -36.26 -6.32 -7.22
N SER C 142 -35.09 -6.00 -7.76
CA SER C 142 -34.59 -6.74 -8.90
C SER C 142 -34.25 -8.17 -8.50
N GLN C 143 -33.75 -8.36 -7.28
CA GLN C 143 -33.37 -9.67 -6.80
C GLN C 143 -34.60 -10.51 -6.45
N LEU C 144 -35.70 -9.89 -6.03
CA LEU C 144 -36.93 -10.62 -5.76
C LEU C 144 -37.81 -10.80 -7.00
N ALA C 145 -37.49 -10.14 -8.10
CA ALA C 145 -38.26 -10.25 -9.35
C ALA C 145 -38.16 -11.64 -9.99
N LYS D 3 39.41 12.77 20.69
CA LYS D 3 39.17 11.66 19.75
C LYS D 3 37.69 11.36 19.42
N VAL D 4 37.47 11.15 18.12
CA VAL D 4 36.14 10.85 17.61
C VAL D 4 35.62 9.53 18.16
N VAL D 5 36.45 8.48 18.15
CA VAL D 5 35.99 7.16 18.61
C VAL D 5 35.63 7.21 20.09
N GLU D 6 36.41 7.93 20.90
CA GLU D 6 36.10 8.00 22.32
C GLU D 6 34.74 8.63 22.55
N LEU D 7 34.45 9.72 21.84
CA LEU D 7 33.15 10.38 21.98
C LEU D 7 32.02 9.45 21.54
N LEU D 8 32.20 8.76 20.42
CA LEU D 8 31.18 7.81 19.94
C LEU D 8 30.94 6.72 20.96
N LYS D 9 32.00 6.17 21.55
CA LYS D 9 31.82 5.08 22.51
C LYS D 9 31.20 5.60 23.82
N GLN D 10 31.43 6.87 24.16
CA GLN D 10 30.73 7.47 25.30
C GLN D 10 29.24 7.60 25.03
N ILE D 11 28.87 8.13 23.86
CA ILE D 11 27.46 8.16 23.46
C ILE D 11 26.86 6.76 23.48
N GLN D 12 27.62 5.76 23.02
CA GLN D 12 27.12 4.38 23.00
C GLN D 12 26.69 3.92 24.37
N ALA D 13 27.56 4.09 25.37
CA ALA D 13 27.26 3.62 26.72
C ALA D 13 26.10 4.40 27.32
N ASP D 14 26.12 5.73 27.16
CA ASP D 14 25.04 6.53 27.73
C ASP D 14 23.71 6.25 27.06
N ALA D 15 23.71 5.95 25.73
CA ALA D 15 22.46 5.56 25.05
C ALA D 15 21.92 4.26 25.63
N SER D 16 22.79 3.29 25.91
CA SER D 16 22.28 2.03 26.43
C SER D 16 21.65 2.22 27.80
N VAL D 17 22.24 3.09 28.64
CA VAL D 17 21.65 3.35 29.96
C VAL D 17 20.35 4.12 29.81
N PHE D 18 20.33 5.15 28.97
CA PHE D 18 19.12 5.94 28.75
C PHE D 18 17.99 5.10 28.16
N TYR D 19 18.33 4.16 27.28
CA TYR D 19 17.36 3.25 26.68
C TYR D 19 16.54 2.50 27.74
N VAL D 20 17.22 1.99 28.77
CA VAL D 20 16.54 1.23 29.81
C VAL D 20 15.77 2.16 30.75
N LYS D 21 16.37 3.30 31.06
CA LYS D 21 15.75 4.29 31.91
C LYS D 21 14.40 4.75 31.33
N VAL D 22 14.35 4.94 30.01
CA VAL D 22 13.10 5.35 29.39
C VAL D 22 12.06 4.24 29.40
N HIS D 23 12.48 2.97 29.36
CA HIS D 23 11.54 1.88 29.58
C HIS D 23 10.91 2.00 30.97
N ASN D 24 11.70 2.42 31.96
CA ASN D 24 11.14 2.58 33.30
C ASN D 24 10.08 3.66 33.31
N PHE D 25 10.39 4.83 32.69
CA PHE D 25 9.38 5.87 32.50
C PHE D 25 8.17 5.34 31.73
N HIS D 26 8.44 4.52 30.73
CA HIS D 26 7.39 3.96 29.89
C HIS D 26 6.43 3.07 30.68
N TRP D 27 6.96 2.28 31.62
CA TRP D 27 6.16 1.28 32.34
C TRP D 27 5.42 1.86 33.54
N ASN D 28 6.00 2.86 34.19
CA ASN D 28 5.58 3.25 35.53
C ASN D 28 5.06 4.68 35.60
N VAL D 29 4.70 5.28 34.46
CA VAL D 29 4.01 6.56 34.50
C VAL D 29 2.62 6.41 35.10
N LYS D 30 2.21 7.38 35.91
CA LYS D 30 0.91 7.41 36.55
C LYS D 30 0.21 8.70 36.16
N GLY D 31 -1.10 8.74 36.38
CA GLY D 31 -1.83 9.98 36.21
C GLY D 31 -2.56 10.05 34.90
N MET D 32 -3.23 11.20 34.70
CA MET D 32 -4.22 11.32 33.64
C MET D 32 -3.56 11.32 32.25
N ASP D 33 -2.35 11.88 32.11
CA ASP D 33 -1.69 11.88 30.82
C ASP D 33 -0.89 10.61 30.59
N PHE D 34 -1.42 9.48 31.10
CA PHE D 34 -0.71 8.21 31.03
C PHE D 34 -0.48 7.77 29.59
N HIS D 35 -1.55 7.70 28.79
CA HIS D 35 -1.42 7.15 27.45
C HIS D 35 -0.47 7.96 26.56
N PRO D 36 -0.58 9.31 26.44
CA PRO D 36 0.41 10.03 25.62
C PRO D 36 1.85 9.81 26.10
N THR D 37 2.06 9.78 27.42
CA THR D 37 3.41 9.57 27.92
C THR D 37 3.87 8.15 27.63
N HIS D 38 2.96 7.17 27.77
CA HIS D 38 3.29 5.79 27.46
C HIS D 38 3.74 5.65 26.01
N LYS D 39 3.08 6.39 25.10
CA LYS D 39 3.44 6.30 23.68
C LYS D 39 4.72 7.09 23.38
N ALA D 40 4.86 8.30 23.92
CA ALA D 40 6.05 9.08 23.65
C ALA D 40 7.31 8.36 24.15
N THR D 41 7.26 7.82 25.37
CA THR D 41 8.45 7.13 25.90
C THR D 41 8.85 5.97 25.01
N GLN D 42 7.87 5.27 24.43
CA GLN D 42 8.24 4.14 23.58
C GLN D 42 8.89 4.62 22.30
N GLU D 43 8.44 5.75 21.76
CA GLU D 43 9.08 6.31 20.60
C GLU D 43 10.51 6.74 20.89
N ILE D 44 10.78 7.18 22.13
CA ILE D 44 12.13 7.63 22.48
C ILE D 44 13.09 6.45 22.61
N TYR D 45 12.69 5.36 23.29
CA TYR D 45 13.66 4.28 23.42
C TYR D 45 13.90 3.56 22.09
N GLU D 46 12.97 3.63 21.14
CA GLU D 46 13.24 3.06 19.82
C GLU D 46 14.23 3.92 19.05
N GLN D 47 14.23 5.23 19.28
CA GLN D 47 15.18 6.10 18.61
C GLN D 47 16.59 5.92 19.18
N PHE D 48 16.69 5.70 20.50
CA PHE D 48 18.00 5.49 21.09
C PHE D 48 18.53 4.07 20.91
N ALA D 49 17.65 3.09 20.67
CA ALA D 49 18.15 1.81 20.16
C ALA D 49 18.87 2.01 18.83
N ASP D 50 18.41 2.97 18.01
CA ASP D 50 19.04 3.21 16.72
C ASP D 50 20.33 4.00 16.85
N VAL D 51 20.37 4.99 17.73
CA VAL D 51 21.63 5.67 18.03
C VAL D 51 22.65 4.67 18.57
N PHE D 52 22.21 3.77 19.44
CA PHE D 52 23.10 2.77 20.01
C PHE D 52 23.81 1.99 18.91
N ASP D 53 23.06 1.53 17.92
CA ASP D 53 23.63 0.70 16.86
C ASP D 53 24.42 1.54 15.86
N ASP D 54 23.93 2.74 15.55
CA ASP D 54 24.63 3.59 14.59
C ASP D 54 26.03 3.96 15.07
N VAL D 55 26.15 4.46 16.31
CA VAL D 55 27.46 4.90 16.78
C VAL D 55 28.40 3.70 16.93
N ALA D 56 27.89 2.56 17.40
CA ALA D 56 28.75 1.40 17.49
C ALA D 56 29.27 1.00 16.12
N GLU D 57 28.41 0.99 15.10
CA GLU D 57 28.86 0.62 13.77
C GLU D 57 29.78 1.67 13.19
N ARG D 58 29.61 2.92 13.59
CA ARG D 58 30.50 3.97 13.10
C ARG D 58 31.89 3.80 13.69
N VAL D 59 31.97 3.38 14.96
CA VAL D 59 33.25 3.05 15.57
C VAL D 59 33.97 1.97 14.75
N LEU D 60 33.22 0.98 14.26
CA LEU D 60 33.87 -0.09 13.54
C LEU D 60 34.36 0.36 12.17
N GLN D 61 33.56 1.13 11.43
CA GLN D 61 34.03 1.58 10.12
C GLN D 61 35.21 2.55 10.24
N LEU D 62 35.44 3.15 11.41
CA LEU D 62 36.66 3.90 11.66
C LEU D 62 37.80 3.00 12.14
N GLY D 63 37.58 1.69 12.17
CA GLY D 63 38.64 0.76 12.48
C GLY D 63 38.92 0.53 13.94
N GLU D 64 37.95 0.73 14.83
CA GLU D 64 38.17 0.43 16.24
C GLU D 64 37.00 -0.38 16.79
N MET D 65 37.06 -0.68 18.08
CA MET D 65 36.05 -1.54 18.68
C MET D 65 35.15 -0.76 19.62
N PRO D 66 33.84 -0.88 19.49
CA PRO D 66 32.93 -0.27 20.45
C PRO D 66 32.81 -1.19 21.67
N TYR D 67 32.05 -0.74 22.66
CA TYR D 67 31.76 -1.62 23.79
C TYR D 67 30.86 -2.76 23.32
N VAL D 68 31.08 -3.95 23.89
CA VAL D 68 30.26 -5.11 23.55
C VAL D 68 29.69 -5.81 24.77
N THR D 69 29.87 -5.27 25.98
CA THR D 69 29.26 -5.87 27.17
C THR D 69 28.54 -4.77 27.94
N LEU D 70 27.42 -5.13 28.58
CA LEU D 70 26.72 -4.21 29.47
C LEU D 70 27.58 -3.83 30.66
N ALA D 71 28.45 -4.73 31.12
CA ALA D 71 29.35 -4.39 32.21
C ALA D 71 30.24 -3.21 31.86
N ASP D 72 30.81 -3.19 30.64
CA ASP D 72 31.66 -2.08 30.21
C ASP D 72 30.89 -0.79 30.01
N MET D 73 29.63 -0.85 29.56
CA MET D 73 28.86 0.36 29.31
C MET D 73 28.40 1.03 30.60
N LEU D 74 28.12 0.25 31.65
CA LEU D 74 27.75 0.84 32.94
C LEU D 74 28.90 1.60 33.57
N LYS D 75 30.14 1.12 33.43
CA LYS D 75 31.27 1.87 33.97
C LYS D 75 31.52 3.15 33.16
N ALA D 76 31.33 3.08 31.85
CA ALA D 76 31.56 4.26 31.02
C ALA D 76 30.41 5.25 31.08
N ALA D 77 29.20 4.79 31.42
CA ALA D 77 28.03 5.65 31.33
C ALA D 77 28.10 6.77 32.35
N LYS D 78 27.91 7.99 31.89
CA LYS D 78 27.79 9.14 32.77
C LYS D 78 26.36 9.35 33.28
N ILE D 79 25.36 8.76 32.62
CA ILE D 79 23.95 8.99 32.95
C ILE D 79 23.56 8.11 34.12
N LYS D 80 22.90 8.71 35.12
CA LYS D 80 22.48 7.96 36.31
C LYS D 80 21.36 6.98 35.94
N GLU D 81 21.49 5.74 36.39
CA GLU D 81 20.35 4.84 36.43
C GLU D 81 19.34 5.34 37.48
N GLU D 82 18.07 5.01 37.26
CA GLU D 82 16.98 5.48 38.09
C GLU D 82 16.28 4.31 38.78
N SER D 83 16.34 4.31 40.12
CA SER D 83 15.78 3.22 40.91
C SER D 83 14.31 3.41 41.28
N LYS D 84 13.80 4.65 41.29
CA LYS D 84 12.38 4.90 41.51
C LYS D 84 11.53 4.13 40.52
N THR D 85 10.30 3.81 40.94
CA THR D 85 9.41 2.91 40.20
C THR D 85 8.04 3.51 39.94
N SER D 86 7.91 4.84 39.99
CA SER D 86 6.61 5.49 39.77
C SER D 86 6.82 6.97 39.45
N PHE D 87 6.18 7.46 38.40
CA PHE D 87 6.44 8.82 37.97
C PHE D 87 5.15 9.47 37.53
N CYS D 88 5.01 10.76 37.82
CA CYS D 88 4.02 11.56 37.11
C CYS D 88 4.63 12.09 35.81
N SER D 89 3.75 12.54 34.92
CA SER D 89 4.14 12.87 33.56
C SER D 89 5.10 14.06 33.48
N LYS D 90 5.10 14.94 34.47
CA LYS D 90 5.99 16.10 34.40
C LYS D 90 7.39 15.78 34.90
N GLU D 91 7.51 14.89 35.88
CA GLU D 91 8.83 14.35 36.23
C GLU D 91 9.53 13.80 34.99
N ILE D 92 8.82 12.98 34.21
CA ILE D 92 9.45 12.33 33.07
C ILE D 92 9.92 13.38 32.07
N ALA D 93 9.07 14.36 31.74
CA ALA D 93 9.48 15.40 30.80
C ALA D 93 10.65 16.19 31.35
N GLN D 94 10.73 16.34 32.66
CA GLN D 94 11.90 17.02 33.25
C GLN D 94 13.13 16.13 33.20
N ALA D 95 12.97 14.87 33.58
CA ALA D 95 14.09 13.93 33.50
C ALA D 95 14.61 13.83 32.08
N VAL D 96 13.71 13.75 31.10
CA VAL D 96 14.15 13.58 29.72
C VAL D 96 14.84 14.84 29.23
N LEU D 97 14.30 16.02 29.58
CA LEU D 97 14.92 17.28 29.18
C LEU D 97 16.35 17.36 29.69
N ALA D 98 16.56 16.99 30.95
CA ALA D 98 17.91 17.07 31.52
C ALA D 98 18.88 16.17 30.76
N ASP D 99 18.47 14.94 30.44
CA ASP D 99 19.35 14.06 29.67
C ASP D 99 19.54 14.51 28.22
N TYR D 100 18.53 15.13 27.62
CA TYR D 100 18.69 15.62 26.24
C TYR D 100 19.74 16.72 26.17
N GLU D 101 19.81 17.59 27.17
CA GLU D 101 20.84 18.63 27.17
C GLU D 101 22.21 18.00 27.30
N TYR D 102 22.31 16.91 28.05
CA TYR D 102 23.58 16.19 28.12
C TYR D 102 23.94 15.59 26.77
N PHE D 103 22.99 14.92 26.12
CA PHE D 103 23.27 14.38 24.80
C PHE D 103 23.59 15.48 23.78
N LEU D 104 22.97 16.64 23.92
CA LEU D 104 23.25 17.74 23.01
C LEU D 104 24.70 18.18 23.11
N LYS D 105 25.19 18.38 24.34
CA LYS D 105 26.60 18.73 24.50
C LYS D 105 27.49 17.66 23.92
N LEU D 106 27.17 16.39 24.21
CA LEU D 106 27.96 15.29 23.70
C LEU D 106 27.98 15.29 22.16
N PHE D 107 26.82 15.46 21.50
CA PHE D 107 26.83 15.43 20.04
C PHE D 107 27.47 16.66 19.44
N THR D 108 27.35 17.82 20.11
CA THR D 108 28.04 19.02 19.66
C THR D 108 29.56 18.86 19.76
N GLU D 109 30.04 18.18 20.81
CA GLU D 109 31.47 17.94 20.89
C GLU D 109 31.93 17.01 19.76
N LEU D 110 31.18 15.94 19.50
CA LEU D 110 31.50 15.02 18.41
C LEU D 110 31.63 15.76 17.07
N SER D 111 30.70 16.65 16.78
CA SER D 111 30.74 17.36 15.50
C SER D 111 32.01 18.21 15.41
N ALA D 112 32.31 18.94 16.48
CA ALA D 112 33.49 19.78 16.53
C ALA D 112 34.78 18.96 16.39
N GLN D 113 34.85 17.82 17.08
CA GLN D 113 36.07 17.04 17.00
C GLN D 113 36.21 16.43 15.62
N ALA D 114 35.10 15.90 15.09
CA ALA D 114 35.12 15.26 13.78
C ALA D 114 35.50 16.24 12.68
N ASP D 115 35.00 17.47 12.75
CA ASP D 115 35.38 18.45 11.75
C ASP D 115 36.87 18.82 11.86
N SER D 116 37.44 18.79 13.08
CA SER D 116 38.89 18.98 13.27
C SER D 116 39.70 17.93 12.53
N GLN D 117 39.24 16.69 12.55
CA GLN D 117 39.98 15.57 11.97
C GLN D 117 39.59 15.34 10.52
N GLY D 118 38.80 16.22 9.93
CA GLY D 118 38.38 16.00 8.56
C GLY D 118 37.44 14.84 8.38
N ASP D 119 36.87 14.34 9.47
CA ASP D 119 35.89 13.26 9.47
C ASP D 119 34.50 13.90 9.33
N LYS D 120 34.17 14.28 8.10
CA LYS D 120 32.93 14.99 7.84
C LYS D 120 31.70 14.09 7.85
N VAL D 121 31.84 12.80 7.55
CA VAL D 121 30.65 11.95 7.65
C VAL D 121 30.23 11.78 9.11
N SER D 122 31.19 11.58 10.03
CA SER D 122 30.85 11.54 11.46
C SER D 122 30.30 12.89 11.95
N ALA D 123 30.85 14.01 11.48
CA ALA D 123 30.30 15.30 11.89
C ALA D 123 28.87 15.47 11.38
N ALA D 124 28.61 15.04 10.14
CA ALA D 124 27.28 15.17 9.57
C ALA D 124 26.25 14.36 10.36
N TYR D 125 26.59 13.13 10.72
CA TYR D 125 25.69 12.36 11.55
C TYR D 125 25.43 13.10 12.87
N ALA D 126 26.47 13.67 13.47
CA ALA D 126 26.31 14.35 14.76
C ALA D 126 25.45 15.60 14.61
N ASP D 127 25.63 16.36 13.53
CA ASP D 127 24.83 17.56 13.33
C ASP D 127 23.34 17.22 13.16
N ASP D 128 23.05 16.09 12.54
CA ASP D 128 21.65 15.70 12.39
C ASP D 128 21.02 15.43 13.75
N LYS D 129 21.74 14.73 14.64
CA LYS D 129 21.23 14.50 15.98
C LYS D 129 21.22 15.79 16.80
N VAL D 130 22.14 16.72 16.55
CA VAL D 130 22.08 18.01 17.26
C VAL D 130 20.78 18.73 16.94
N GLY D 131 20.39 18.76 15.66
CA GLY D 131 19.14 19.39 15.28
C GLY D 131 17.93 18.66 15.86
N GLU D 132 17.96 17.32 15.85
CA GLU D 132 16.86 16.60 16.46
C GLU D 132 16.77 16.88 17.96
N LEU D 133 17.91 16.99 18.63
CA LEU D 133 17.87 17.29 20.05
C LEU D 133 17.42 18.73 20.31
N GLN D 134 17.93 19.69 19.54
CA GLN D 134 17.56 21.09 19.75
C GLN D 134 16.07 21.29 19.58
N LYS D 135 15.47 20.59 18.61
CA LYS D 135 14.01 20.68 18.41
C LYS D 135 13.25 20.08 19.59
N ALA D 136 13.60 18.85 20.00
CA ALA D 136 12.88 18.22 21.10
C ALA D 136 13.06 18.99 22.39
N ILE D 137 14.26 19.52 22.63
CA ILE D 137 14.50 20.31 23.82
C ILE D 137 13.60 21.54 23.84
N TRP D 138 13.48 22.23 22.71
CA TRP D 138 12.59 23.38 22.64
C TRP D 138 11.14 22.97 22.87
N MET D 139 10.75 21.79 22.38
CA MET D 139 9.38 21.33 22.61
C MET D 139 9.13 20.99 24.08
N LEU D 140 10.12 20.41 24.76
CA LEU D 140 9.97 20.10 26.16
C LEU D 140 9.92 21.37 27.02
N LYS D 141 10.69 22.39 26.65
CA LYS D 141 10.62 23.65 27.39
C LYS D 141 9.24 24.29 27.25
N SER D 142 8.64 24.22 26.06
CA SER D 142 7.30 24.81 25.90
C SER D 142 6.27 24.05 26.71
N GLN D 143 6.42 22.72 26.76
CA GLN D 143 5.48 21.89 27.47
C GLN D 143 5.60 22.08 28.98
N LEU D 144 6.81 22.38 29.47
CA LEU D 144 7.03 22.65 30.89
C LEU D 144 6.82 24.10 31.26
N ALA D 145 6.70 24.99 30.27
CA ALA D 145 6.49 26.43 30.52
C ALA D 145 5.09 26.70 31.07
N LYS E 3 23.36 38.21 12.22
CA LYS E 3 22.55 37.22 12.93
C LYS E 3 21.85 36.24 12.02
N VAL E 4 21.92 34.96 12.40
CA VAL E 4 21.20 33.94 11.65
C VAL E 4 19.69 34.19 11.75
N VAL E 5 19.24 34.63 12.93
CA VAL E 5 17.81 34.87 13.17
C VAL E 5 17.28 35.94 12.22
N GLU E 6 17.98 37.06 12.10
CA GLU E 6 17.52 38.12 11.22
C GLU E 6 17.51 37.65 9.77
N LEU E 7 18.47 36.80 9.42
CA LEU E 7 18.43 36.19 8.09
C LEU E 7 17.24 35.23 7.96
N LEU E 8 17.03 34.39 8.97
CA LEU E 8 15.91 33.46 8.94
C LEU E 8 14.57 34.20 8.83
N LYS E 9 14.38 35.28 9.59
CA LYS E 9 13.08 35.96 9.56
C LYS E 9 12.88 36.69 8.25
N GLN E 10 13.96 37.14 7.60
CA GLN E 10 13.84 37.73 6.27
C GLN E 10 13.30 36.71 5.27
N ILE E 11 13.89 35.51 5.29
CA ILE E 11 13.37 34.40 4.50
C ILE E 11 11.90 34.15 4.83
N GLN E 12 11.54 34.22 6.12
CA GLN E 12 10.16 34.02 6.53
C GLN E 12 9.23 35.01 5.82
N ALA E 13 9.57 36.30 5.88
CA ALA E 13 8.70 37.31 5.29
C ALA E 13 8.60 37.12 3.79
N ASP E 14 9.74 36.89 3.12
CA ASP E 14 9.74 36.72 1.68
C ASP E 14 9.01 35.45 1.26
N ALA E 15 9.06 34.41 2.09
CA ALA E 15 8.37 33.17 1.77
C ALA E 15 6.87 33.40 1.67
N SER E 16 6.29 34.08 2.66
CA SER E 16 4.85 34.24 2.69
C SER E 16 4.37 35.14 1.55
N VAL E 17 5.13 36.17 1.20
CA VAL E 17 4.72 36.99 0.07
C VAL E 17 4.82 36.19 -1.23
N PHE E 18 5.91 35.45 -1.42
CA PHE E 18 6.09 34.61 -2.61
C PHE E 18 5.04 33.52 -2.65
N TYR E 19 4.64 33.01 -1.49
CA TYR E 19 3.59 32.02 -1.41
C TYR E 19 2.30 32.49 -2.11
N VAL E 20 1.89 33.75 -1.86
CA VAL E 20 0.67 34.28 -2.48
C VAL E 20 0.94 34.67 -3.93
N LYS E 21 2.10 35.26 -4.21
CA LYS E 21 2.42 35.57 -5.59
C LYS E 21 2.33 34.32 -6.47
N VAL E 22 2.83 33.19 -5.97
CA VAL E 22 2.80 31.98 -6.78
C VAL E 22 1.36 31.48 -6.97
N HIS E 23 0.46 31.74 -6.00
CA HIS E 23 -0.96 31.46 -6.20
C HIS E 23 -1.54 32.25 -7.37
N ASN E 24 -1.14 33.51 -7.50
CA ASN E 24 -1.62 34.31 -8.63
C ASN E 24 -1.17 33.68 -9.95
N PHE E 25 0.10 33.27 -10.04
CA PHE E 25 0.54 32.55 -11.23
C PHE E 25 -0.28 31.29 -11.45
N HIS E 26 -0.60 30.59 -10.37
CA HIS E 26 -1.37 29.35 -10.44
C HIS E 26 -2.77 29.59 -11.00
N TRP E 27 -3.42 30.68 -10.57
CA TRP E 27 -4.80 30.89 -10.96
C TRP E 27 -4.92 31.48 -12.35
N ASN E 28 -3.96 32.32 -12.75
CA ASN E 28 -4.14 33.20 -13.88
C ASN E 28 -3.21 32.90 -15.04
N VAL E 29 -2.58 31.73 -15.06
CA VAL E 29 -1.82 31.34 -16.24
C VAL E 29 -2.79 31.15 -17.41
N LYS E 30 -2.38 31.61 -18.59
CA LYS E 30 -3.16 31.49 -19.81
C LYS E 30 -2.33 30.77 -20.87
N GLY E 31 -3.00 30.22 -21.86
CA GLY E 31 -2.30 29.63 -22.98
C GLY E 31 -2.23 28.13 -22.86
N MET E 32 -1.64 27.53 -23.90
CA MET E 32 -1.76 26.08 -24.11
C MET E 32 -1.08 25.28 -23.01
N ASP E 33 0.03 25.79 -22.42
CA ASP E 33 0.67 25.14 -21.28
C ASP E 33 -0.03 25.39 -19.95
N PHE E 34 -1.36 25.46 -19.94
CA PHE E 34 -2.06 25.79 -18.71
C PHE E 34 -1.82 24.72 -17.65
N HIS E 35 -2.05 23.45 -17.98
CA HIS E 35 -2.04 22.46 -16.94
C HIS E 35 -0.65 22.14 -16.37
N PRO E 36 0.43 22.02 -17.15
CA PRO E 36 1.74 21.82 -16.50
C PRO E 36 2.13 23.00 -15.61
N THR E 37 1.85 24.23 -16.04
CA THR E 37 2.18 25.39 -15.22
C THR E 37 1.28 25.49 -13.99
N HIS E 38 -0.02 25.19 -14.18
CA HIS E 38 -0.96 25.14 -13.05
C HIS E 38 -0.51 24.12 -12.01
N LYS E 39 -0.04 22.94 -12.46
CA LYS E 39 0.44 21.93 -11.53
C LYS E 39 1.78 22.31 -10.91
N ALA E 40 2.69 22.92 -11.68
CA ALA E 40 3.99 23.29 -11.15
C ALA E 40 3.89 24.37 -10.08
N THR E 41 3.13 25.44 -10.34
CA THR E 41 3.05 26.51 -9.34
C THR E 41 2.49 26.01 -8.02
N GLN E 42 1.58 25.04 -8.07
CA GLN E 42 1.03 24.51 -6.82
C GLN E 42 2.11 23.81 -6.01
N GLU E 43 2.91 22.97 -6.67
CA GLU E 43 4.07 22.38 -6.02
C GLU E 43 4.98 23.43 -5.42
N ILE E 44 5.22 24.52 -6.16
CA ILE E 44 6.12 25.57 -5.67
C ILE E 44 5.58 26.19 -4.39
N TYR E 45 4.30 26.57 -4.38
CA TYR E 45 3.82 27.25 -3.18
C TYR E 45 3.64 26.31 -2.01
N GLU E 46 3.47 25.01 -2.26
CA GLU E 46 3.43 24.06 -1.15
C GLU E 46 4.83 23.86 -0.55
N GLN E 47 5.86 23.97 -1.37
CA GLN E 47 7.20 23.84 -0.84
C GLN E 47 7.61 25.08 -0.07
N PHE E 48 7.14 26.26 -0.49
CA PHE E 48 7.48 27.47 0.24
C PHE E 48 6.62 27.68 1.49
N ALA E 49 5.41 27.12 1.54
CA ALA E 49 4.70 27.01 2.81
C ALA E 49 5.54 26.23 3.81
N ASP E 50 6.36 25.31 3.30
CA ASP E 50 7.19 24.50 4.18
C ASP E 50 8.43 25.25 4.65
N VAL E 51 9.11 26.01 3.79
CA VAL E 51 10.20 26.84 4.31
C VAL E 51 9.65 27.86 5.29
N PHE E 52 8.46 28.40 5.02
CA PHE E 52 7.85 29.37 5.93
C PHE E 52 7.75 28.82 7.35
N ASP E 53 7.28 27.56 7.48
CA ASP E 53 7.11 27.00 8.80
C ASP E 53 8.44 26.54 9.42
N ASP E 54 9.29 25.90 8.62
CA ASP E 54 10.58 25.42 9.11
C ASP E 54 11.40 26.56 9.65
N VAL E 55 11.46 27.65 8.87
CA VAL E 55 12.30 28.80 9.21
C VAL E 55 11.83 29.45 10.51
N ALA E 56 10.50 29.58 10.69
CA ALA E 56 9.98 30.16 11.93
C ALA E 56 10.29 29.26 13.12
N GLU E 57 10.16 27.95 12.96
CA GLU E 57 10.44 27.08 14.09
C GLU E 57 11.91 27.10 14.47
N ARG E 58 12.81 27.29 13.50
CA ARG E 58 14.22 27.35 13.86
C ARG E 58 14.51 28.64 14.63
N VAL E 59 13.91 29.74 14.20
CA VAL E 59 14.07 30.99 14.96
C VAL E 59 13.66 30.76 16.40
N LEU E 60 12.64 29.94 16.60
CA LEU E 60 12.13 29.68 17.93
C LEU E 60 13.09 28.80 18.72
N GLN E 61 13.68 27.77 18.09
CA GLN E 61 14.67 26.94 18.76
C GLN E 61 15.96 27.69 19.09
N LEU E 62 16.27 28.75 18.34
CA LEU E 62 17.43 29.53 18.72
C LEU E 62 17.09 30.56 19.79
N GLY E 63 15.87 30.57 20.32
CA GLY E 63 15.54 31.43 21.44
C GLY E 63 15.14 32.86 21.10
N GLU E 64 14.55 33.09 19.92
CA GLU E 64 14.10 34.41 19.55
C GLU E 64 12.69 34.27 19.01
N MET E 65 12.11 35.37 18.54
CA MET E 65 10.72 35.35 18.05
C MET E 65 10.64 35.59 16.55
N PRO E 66 9.87 34.79 15.83
CA PRO E 66 9.63 35.05 14.40
C PRO E 66 8.51 36.07 14.23
N TYR E 67 8.25 36.45 12.98
CA TYR E 67 7.10 37.29 12.69
C TYR E 67 5.82 36.50 12.89
N VAL E 68 4.78 37.17 13.40
CA VAL E 68 3.52 36.49 13.67
C VAL E 68 2.31 37.15 13.01
N THR E 69 2.51 38.22 12.23
CA THR E 69 1.40 38.85 11.52
C THR E 69 1.81 39.16 10.08
N LEU E 70 0.84 39.10 9.15
CA LEU E 70 1.12 39.54 7.79
C LEU E 70 1.52 41.01 7.72
N ALA E 71 0.99 41.86 8.60
CA ALA E 71 1.40 43.26 8.53
C ALA E 71 2.90 43.40 8.68
N ASP E 72 3.50 42.67 9.64
CA ASP E 72 4.95 42.76 9.84
C ASP E 72 5.72 42.10 8.69
N MET E 73 5.23 40.99 8.16
CA MET E 73 5.96 40.29 7.10
C MET E 73 5.93 41.07 5.79
N LEU E 74 4.81 41.71 5.51
CA LEU E 74 4.67 42.50 4.30
C LEU E 74 5.61 43.69 4.30
N LYS E 75 5.80 44.33 5.46
CA LYS E 75 6.78 45.41 5.60
C LYS E 75 8.20 44.88 5.45
N ALA E 76 8.51 43.76 6.12
CA ALA E 76 9.86 43.18 6.07
C ALA E 76 10.21 42.63 4.69
N ALA E 77 9.22 42.24 3.90
CA ALA E 77 9.47 41.51 2.66
C ALA E 77 10.16 42.40 1.63
N LYS E 78 11.07 41.80 0.87
CA LYS E 78 11.65 42.43 -0.30
C LYS E 78 11.12 41.87 -1.61
N ILE E 79 10.64 40.62 -1.60
CA ILE E 79 9.89 40.09 -2.74
C ILE E 79 8.73 41.04 -3.05
N LYS E 80 8.59 41.39 -4.32
CA LYS E 80 7.54 42.32 -4.74
C LYS E 80 6.24 41.57 -5.05
N GLU E 81 5.10 42.16 -4.67
CA GLU E 81 3.81 41.53 -4.98
C GLU E 81 3.42 41.79 -6.43
N GLU E 82 2.64 40.89 -6.99
CA GLU E 82 2.25 40.97 -8.39
C GLU E 82 0.76 41.28 -8.49
N SER E 83 0.44 42.48 -8.94
CA SER E 83 -0.93 42.91 -9.03
C SER E 83 -1.55 42.66 -10.40
N LYS E 84 -0.74 42.31 -11.39
CA LYS E 84 -1.23 41.79 -12.67
C LYS E 84 -1.96 40.47 -12.45
N THR E 85 -2.96 40.18 -13.30
CA THR E 85 -3.84 39.05 -13.05
C THR E 85 -4.00 38.15 -14.28
N SER E 86 -3.03 38.15 -15.19
CA SER E 86 -3.09 37.30 -16.36
C SER E 86 -1.66 37.08 -16.83
N PHE E 87 -1.27 35.82 -17.04
CA PHE E 87 0.12 35.52 -17.35
C PHE E 87 0.26 34.45 -18.41
N CYS E 88 1.24 34.67 -19.24
CA CYS E 88 1.78 33.72 -20.17
C CYS E 88 2.72 32.78 -19.43
N SER E 89 2.90 31.58 -19.98
CA SER E 89 3.63 30.55 -19.25
C SER E 89 5.12 30.90 -19.11
N LYS E 90 5.72 31.58 -20.09
CA LYS E 90 7.13 31.95 -19.95
C LYS E 90 7.32 33.16 -19.04
N GLU E 91 6.34 34.08 -18.96
CA GLU E 91 6.42 35.13 -17.95
C GLU E 91 6.56 34.53 -16.55
N ILE E 92 5.81 33.47 -16.28
CA ILE E 92 5.85 32.86 -14.96
C ILE E 92 7.22 32.26 -14.71
N ALA E 93 7.76 31.54 -15.70
CA ALA E 93 9.09 30.97 -15.58
C ALA E 93 10.11 32.06 -15.31
N GLN E 94 10.02 33.16 -16.05
CA GLN E 94 10.93 34.28 -15.83
C GLN E 94 10.80 34.81 -14.41
N ALA E 95 9.57 35.05 -13.95
CA ALA E 95 9.37 35.61 -12.61
C ALA E 95 9.90 34.66 -11.53
N VAL E 96 9.65 33.36 -11.67
CA VAL E 96 10.06 32.44 -10.62
C VAL E 96 11.59 32.38 -10.55
N LEU E 97 12.23 32.37 -11.72
CA LEU E 97 13.69 32.37 -11.79
C LEU E 97 14.30 33.59 -11.09
N ALA E 98 13.74 34.77 -11.30
CA ALA E 98 14.30 35.94 -10.63
C ALA E 98 14.20 35.82 -9.11
N ASP E 99 13.04 35.37 -8.60
CA ASP E 99 12.89 35.20 -7.17
C ASP E 99 13.74 34.06 -6.62
N TYR E 100 13.93 32.98 -7.39
CA TYR E 100 14.77 31.87 -6.92
C TYR E 100 16.21 32.32 -6.69
N GLU E 101 16.74 33.16 -7.56
CA GLU E 101 18.08 33.67 -7.35
C GLU E 101 18.14 34.57 -6.12
N TYR E 102 17.06 35.28 -5.80
CA TYR E 102 17.06 36.05 -4.56
C TYR E 102 17.12 35.13 -3.34
N PHE E 103 16.30 34.07 -3.32
CA PHE E 103 16.32 33.16 -2.18
C PHE E 103 17.66 32.42 -2.07
N LEU E 104 18.25 32.07 -3.22
CA LEU E 104 19.56 31.42 -3.23
C LEU E 104 20.63 32.30 -2.58
N LYS E 105 20.64 33.58 -2.93
CA LYS E 105 21.52 34.52 -2.25
C LYS E 105 21.25 34.52 -0.75
N LEU E 106 19.98 34.53 -0.37
CA LEU E 106 19.63 34.59 1.04
C LEU E 106 20.07 33.32 1.78
N PHE E 107 19.83 32.14 1.20
CA PHE E 107 20.22 30.89 1.87
C PHE E 107 21.73 30.70 1.91
N THR E 108 22.44 31.17 0.88
CA THR E 108 23.91 31.16 0.91
C THR E 108 24.44 32.06 2.02
N GLU E 109 23.88 33.28 2.15
CA GLU E 109 24.32 34.13 3.26
C GLU E 109 23.90 33.55 4.60
N LEU E 110 22.78 32.82 4.67
CA LEU E 110 22.40 32.23 5.95
C LEU E 110 23.37 31.12 6.33
N SER E 111 23.74 30.29 5.36
CA SER E 111 24.70 29.21 5.60
C SER E 111 26.07 29.78 5.96
N ALA E 112 26.51 30.80 5.23
CA ALA E 112 27.81 31.38 5.53
C ALA E 112 27.84 31.91 6.94
N GLN E 113 26.80 32.64 7.34
CA GLN E 113 26.82 33.25 8.65
C GLN E 113 26.71 32.21 9.77
N ALA E 114 25.83 31.22 9.61
CA ALA E 114 25.64 30.22 10.66
C ALA E 114 26.91 29.41 10.88
N ASP E 115 27.62 29.06 9.79
CA ASP E 115 28.89 28.36 9.97
C ASP E 115 29.94 29.24 10.66
N SER E 116 29.89 30.57 10.47
CA SER E 116 30.78 31.46 11.22
C SER E 116 30.60 31.31 12.73
N GLN E 117 29.37 31.20 13.21
CA GLN E 117 29.11 31.14 14.64
C GLN E 117 29.05 29.72 15.19
N GLY E 118 29.42 28.71 14.39
CA GLY E 118 29.31 27.34 14.85
C GLY E 118 27.91 26.75 14.83
N ASP E 119 26.96 27.37 14.14
CA ASP E 119 25.58 26.87 14.03
C ASP E 119 25.44 25.95 12.82
N LYS E 120 25.86 24.70 13.00
CA LYS E 120 25.91 23.77 11.87
C LYS E 120 24.53 23.28 11.47
N VAL E 121 23.57 23.27 12.41
CA VAL E 121 22.20 22.85 12.09
C VAL E 121 21.53 23.83 11.14
N SER E 122 21.57 25.11 11.45
CA SER E 122 20.99 26.09 10.56
C SER E 122 21.70 26.06 9.21
N ALA E 123 23.02 25.89 9.22
CA ALA E 123 23.78 25.86 7.98
C ALA E 123 23.42 24.65 7.14
N ALA E 124 23.27 23.49 7.78
CA ALA E 124 22.86 22.30 7.05
C ALA E 124 21.47 22.49 6.44
N TYR E 125 20.55 23.10 7.17
CA TYR E 125 19.25 23.39 6.57
C TYR E 125 19.43 24.28 5.35
N ALA E 126 20.25 25.33 5.46
CA ALA E 126 20.42 26.26 4.33
C ALA E 126 21.11 25.61 3.14
N ASP E 127 22.12 24.75 3.38
CA ASP E 127 22.83 24.10 2.29
C ASP E 127 21.90 23.22 1.47
N ASP E 128 20.91 22.61 2.11
CA ASP E 128 19.95 21.84 1.35
C ASP E 128 19.10 22.74 0.48
N LYS E 129 18.63 23.87 1.01
CA LYS E 129 17.85 24.77 0.16
C LYS E 129 18.71 25.38 -0.93
N VAL E 130 20.00 25.63 -0.66
CA VAL E 130 20.88 26.11 -1.72
C VAL E 130 20.91 25.09 -2.84
N GLY E 131 21.06 23.81 -2.49
CA GLY E 131 21.08 22.78 -3.51
C GLY E 131 19.78 22.65 -4.29
N GLU E 132 18.64 22.73 -3.59
CA GLU E 132 17.38 22.62 -4.30
C GLU E 132 17.19 23.79 -5.24
N LEU E 133 17.58 24.98 -4.82
CA LEU E 133 17.43 26.13 -5.70
C LEU E 133 18.40 26.06 -6.88
N GLN E 134 19.63 25.61 -6.66
CA GLN E 134 20.57 25.51 -7.77
C GLN E 134 20.09 24.54 -8.83
N LYS E 135 19.47 23.43 -8.41
CA LYS E 135 18.94 22.48 -9.38
C LYS E 135 17.74 23.07 -10.11
N ALA E 136 16.83 23.70 -9.36
CA ALA E 136 15.66 24.29 -9.99
C ALA E 136 16.06 25.44 -10.91
N ILE E 137 17.02 26.26 -10.48
CA ILE E 137 17.48 27.38 -11.30
C ILE E 137 18.06 26.87 -12.62
N TRP E 138 18.91 25.85 -12.55
CA TRP E 138 19.47 25.26 -13.76
C TRP E 138 18.38 24.82 -14.73
N MET E 139 17.36 24.12 -14.21
CA MET E 139 16.28 23.65 -15.06
C MET E 139 15.50 24.81 -15.66
N LEU E 140 15.30 25.88 -14.89
CA LEU E 140 14.58 27.02 -15.44
C LEU E 140 15.39 27.71 -16.54
N LYS E 141 16.70 27.84 -16.34
CA LYS E 141 17.56 28.42 -17.38
C LYS E 141 17.54 27.59 -18.65
N SER E 142 17.52 26.27 -18.51
CA SER E 142 17.43 25.41 -19.69
C SER E 142 16.09 25.58 -20.38
N GLN E 143 15.03 25.75 -19.60
CA GLN E 143 13.70 25.84 -20.17
C GLN E 143 13.49 27.18 -20.90
N LEU E 144 14.11 28.24 -20.44
CA LEU E 144 14.05 29.52 -21.10
C LEU E 144 15.13 29.69 -22.16
N ALA E 145 16.09 28.78 -22.22
CA ALA E 145 17.18 28.91 -23.18
C ALA E 145 16.65 28.77 -24.59
N LYS F 3 39.93 21.58 -9.16
CA LYS F 3 38.61 21.99 -9.64
C LYS F 3 37.53 20.93 -9.36
N VAL F 4 36.37 21.43 -8.92
CA VAL F 4 35.24 20.55 -8.60
C VAL F 4 34.77 19.78 -9.82
N VAL F 5 34.61 20.43 -10.96
CA VAL F 5 34.03 19.69 -12.08
C VAL F 5 35.00 18.61 -12.58
N GLU F 6 36.31 18.83 -12.53
CA GLU F 6 37.22 17.79 -13.00
C GLU F 6 37.11 16.54 -12.14
N LEU F 7 36.86 16.72 -10.84
CA LEU F 7 36.65 15.58 -9.98
C LEU F 7 35.32 14.90 -10.28
N LEU F 8 34.26 15.70 -10.48
CA LEU F 8 32.96 15.15 -10.89
C LEU F 8 33.06 14.41 -12.21
N LYS F 9 33.77 14.99 -13.19
CA LYS F 9 33.84 14.32 -14.48
C LYS F 9 34.70 13.08 -14.41
N GLN F 10 35.69 13.07 -13.53
CA GLN F 10 36.47 11.85 -13.34
C GLN F 10 35.63 10.75 -12.72
N ILE F 11 34.89 11.09 -11.64
CA ILE F 11 33.94 10.15 -11.03
C ILE F 11 32.92 9.67 -12.08
N GLN F 12 32.43 10.59 -12.92
CA GLN F 12 31.49 10.18 -13.95
C GLN F 12 32.07 9.11 -14.87
N ALA F 13 33.30 9.32 -15.38
CA ALA F 13 33.89 8.34 -16.29
C ALA F 13 34.16 7.01 -15.58
N ASP F 14 34.66 7.06 -14.36
CA ASP F 14 34.96 5.82 -13.66
C ASP F 14 33.67 5.08 -13.30
N ALA F 15 32.59 5.81 -13.03
CA ALA F 15 31.31 5.15 -12.80
C ALA F 15 30.87 4.36 -14.02
N SER F 16 31.01 4.95 -15.20
CA SER F 16 30.48 4.27 -16.38
C SER F 16 31.24 2.98 -16.67
N VAL F 17 32.56 2.97 -16.45
CA VAL F 17 33.33 1.75 -16.67
C VAL F 17 33.02 0.72 -15.60
N PHE F 18 32.96 1.16 -14.34
CA PHE F 18 32.63 0.26 -13.25
C PHE F 18 31.23 -0.33 -13.43
N TYR F 19 30.31 0.48 -13.94
CA TYR F 19 28.94 0.03 -14.24
C TYR F 19 28.92 -1.21 -15.13
N VAL F 20 29.72 -1.22 -16.19
CA VAL F 20 29.77 -2.36 -17.10
C VAL F 20 30.52 -3.52 -16.46
N LYS F 21 31.62 -3.20 -15.77
CA LYS F 21 32.42 -4.22 -15.09
C LYS F 21 31.60 -5.02 -14.10
N VAL F 22 30.72 -4.33 -13.35
CA VAL F 22 29.89 -5.00 -12.35
C VAL F 22 28.86 -5.90 -13.04
N HIS F 23 28.43 -5.52 -14.24
CA HIS F 23 27.56 -6.42 -15.02
C HIS F 23 28.28 -7.71 -15.35
N ASN F 24 29.57 -7.62 -15.68
CA ASN F 24 30.34 -8.81 -15.98
C ASN F 24 30.41 -9.73 -14.76
N PHE F 25 30.71 -9.17 -13.59
CA PHE F 25 30.64 -9.95 -12.34
C PHE F 25 29.24 -10.52 -12.13
N HIS F 26 28.22 -9.71 -12.43
CA HIS F 26 26.83 -10.12 -12.22
C HIS F 26 26.50 -11.36 -13.05
N TRP F 27 27.00 -11.40 -14.30
CA TRP F 27 26.66 -12.45 -15.25
C TRP F 27 27.49 -13.72 -15.06
N ASN F 28 28.76 -13.58 -14.66
CA ASN F 28 29.71 -14.66 -14.79
C ASN F 28 30.22 -15.18 -13.45
N VAL F 29 29.58 -14.81 -12.33
CA VAL F 29 29.95 -15.41 -11.06
C VAL F 29 29.58 -16.89 -11.07
N LYS F 30 30.48 -17.72 -10.55
CA LYS F 30 30.28 -19.16 -10.52
C LYS F 30 30.38 -19.60 -9.07
N GLY F 31 29.88 -20.79 -8.78
CA GLY F 31 30.06 -21.38 -7.47
C GLY F 31 28.84 -21.25 -6.60
N MET F 32 28.93 -21.87 -5.41
CA MET F 32 27.77 -22.08 -4.56
C MET F 32 27.16 -20.76 -4.07
N ASP F 33 27.97 -19.72 -3.92
CA ASP F 33 27.46 -18.40 -3.50
C ASP F 33 26.98 -17.58 -4.70
N PHE F 34 26.35 -18.27 -5.65
CA PHE F 34 25.95 -17.63 -6.89
C PHE F 34 24.86 -16.58 -6.66
N HIS F 35 23.76 -16.97 -6.01
CA HIS F 35 22.60 -16.09 -5.95
C HIS F 35 22.86 -14.82 -5.14
N PRO F 36 23.43 -14.86 -3.93
CA PRO F 36 23.66 -13.59 -3.22
C PRO F 36 24.55 -12.64 -4.01
N THR F 37 25.60 -13.17 -4.64
CA THR F 37 26.50 -12.35 -5.44
C THR F 37 25.78 -11.85 -6.70
N HIS F 38 24.97 -12.73 -7.31
CA HIS F 38 24.19 -12.30 -8.46
C HIS F 38 23.30 -11.13 -8.11
N LYS F 39 22.75 -11.12 -6.89
CA LYS F 39 21.82 -10.07 -6.49
C LYS F 39 22.53 -8.83 -5.96
N ALA F 40 23.63 -9.02 -5.22
CA ALA F 40 24.40 -7.86 -4.72
C ALA F 40 24.97 -7.05 -5.88
N THR F 41 25.54 -7.74 -6.87
CA THR F 41 26.15 -7.01 -7.98
C THR F 41 25.14 -6.16 -8.73
N GLN F 42 23.88 -6.60 -8.82
CA GLN F 42 22.89 -5.77 -9.52
C GLN F 42 22.56 -4.53 -8.70
N GLU F 43 22.45 -4.65 -7.38
CA GLU F 43 22.28 -3.49 -6.52
C GLU F 43 23.40 -2.48 -6.78
N ILE F 44 24.63 -2.98 -6.89
CA ILE F 44 25.78 -2.10 -7.02
C ILE F 44 25.72 -1.32 -8.34
N TYR F 45 25.43 -1.99 -9.46
CA TYR F 45 25.46 -1.24 -10.71
C TYR F 45 24.29 -0.27 -10.85
N GLU F 46 23.16 -0.49 -10.16
CA GLU F 46 22.12 0.53 -10.16
C GLU F 46 22.49 1.72 -9.29
N GLN F 47 23.31 1.49 -8.26
CA GLN F 47 23.73 2.63 -7.46
C GLN F 47 24.76 3.48 -8.20
N PHE F 48 25.59 2.86 -9.02
CA PHE F 48 26.52 3.66 -9.81
C PHE F 48 25.86 4.23 -11.06
N ALA F 49 24.78 3.63 -11.54
CA ALA F 49 23.98 4.34 -12.54
C ALA F 49 23.44 5.64 -12.00
N ASP F 50 23.10 5.71 -10.70
CA ASP F 50 22.57 6.95 -10.17
C ASP F 50 23.70 7.94 -9.87
N VAL F 51 24.85 7.44 -9.42
CA VAL F 51 26.05 8.27 -9.28
C VAL F 51 26.43 8.87 -10.64
N PHE F 52 26.34 8.07 -11.70
CA PHE F 52 26.64 8.55 -13.05
C PHE F 52 25.76 9.75 -13.39
N ASP F 53 24.46 9.66 -13.11
CA ASP F 53 23.57 10.75 -13.46
C ASP F 53 23.72 11.94 -12.52
N ASP F 54 23.86 11.69 -11.21
CA ASP F 54 23.96 12.79 -10.25
C ASP F 54 25.16 13.69 -10.57
N VAL F 55 26.35 13.10 -10.74
CA VAL F 55 27.54 13.93 -10.93
C VAL F 55 27.44 14.68 -12.25
N ALA F 56 26.92 14.02 -13.30
CA ALA F 56 26.78 14.69 -14.59
C ALA F 56 25.85 15.89 -14.49
N GLU F 57 24.72 15.73 -13.80
CA GLU F 57 23.81 16.86 -13.66
C GLU F 57 24.38 17.95 -12.75
N ARG F 58 25.22 17.58 -11.78
CA ARG F 58 25.84 18.60 -10.94
C ARG F 58 26.85 19.44 -11.73
N VAL F 59 27.61 18.80 -12.63
CA VAL F 59 28.49 19.56 -13.52
C VAL F 59 27.68 20.61 -14.27
N LEU F 60 26.47 20.24 -14.66
CA LEU F 60 25.62 21.12 -15.45
C LEU F 60 25.11 22.29 -14.61
N GLN F 61 24.76 22.04 -13.34
CA GLN F 61 24.38 23.13 -12.44
C GLN F 61 25.56 24.06 -12.10
N LEU F 62 26.81 23.59 -12.18
CA LEU F 62 27.99 24.44 -12.00
C LEU F 62 28.45 25.13 -13.28
N GLY F 63 27.74 24.96 -14.40
CA GLY F 63 28.01 25.67 -15.63
C GLY F 63 29.05 25.11 -16.60
N GLU F 64 29.35 23.82 -16.59
CA GLU F 64 30.16 23.24 -17.67
C GLU F 64 29.52 21.96 -18.15
N MET F 65 30.21 21.28 -19.07
CA MET F 65 29.64 20.09 -19.70
C MET F 65 30.30 18.83 -19.17
N PRO F 66 29.52 17.82 -18.84
CA PRO F 66 30.08 16.51 -18.50
C PRO F 66 30.40 15.81 -19.80
N TYR F 67 30.96 14.61 -19.68
CA TYR F 67 31.18 13.77 -20.84
C TYR F 67 29.85 13.31 -21.39
N VAL F 68 29.75 13.21 -22.72
CA VAL F 68 28.49 12.79 -23.32
C VAL F 68 28.71 11.62 -24.28
N THR F 69 29.92 11.08 -24.35
CA THR F 69 30.14 9.91 -25.21
C THR F 69 30.90 8.85 -24.45
N LEU F 70 30.59 7.59 -24.75
CA LEU F 70 31.35 6.49 -24.18
C LEU F 70 32.83 6.52 -24.57
N ALA F 71 33.14 7.00 -25.79
CA ALA F 71 34.53 7.06 -26.22
C ALA F 71 35.36 7.91 -25.26
N ASP F 72 34.84 9.08 -24.90
CA ASP F 72 35.57 9.94 -23.98
C ASP F 72 35.61 9.34 -22.57
N MET F 73 34.57 8.62 -22.16
CA MET F 73 34.58 8.06 -20.82
C MET F 73 35.67 7.01 -20.68
N LEU F 74 35.86 6.18 -21.71
CA LEU F 74 36.94 5.20 -21.66
C LEU F 74 38.29 5.89 -21.66
N LYS F 75 38.45 6.94 -22.47
CA LYS F 75 39.73 7.63 -22.49
C LYS F 75 40.02 8.27 -21.14
N ALA F 76 38.99 8.75 -20.45
CA ALA F 76 39.20 9.49 -19.22
C ALA F 76 39.30 8.58 -18.00
N ALA F 77 38.73 7.39 -18.06
CA ALA F 77 38.63 6.54 -16.89
C ALA F 77 39.99 6.02 -16.46
N LYS F 78 40.13 5.82 -15.15
CA LYS F 78 41.27 5.15 -14.55
C LYS F 78 40.95 3.74 -14.08
N ILE F 79 39.68 3.45 -13.79
CA ILE F 79 39.27 2.08 -13.50
C ILE F 79 39.50 1.21 -14.73
N LYS F 80 39.99 0.00 -14.51
CA LYS F 80 40.30 -0.87 -15.63
C LYS F 80 39.18 -1.89 -15.86
N GLU F 81 38.95 -2.18 -17.13
CA GLU F 81 37.92 -3.13 -17.54
C GLU F 81 38.39 -4.55 -17.28
N GLU F 82 37.43 -5.45 -17.05
CA GLU F 82 37.75 -6.85 -16.77
C GLU F 82 37.31 -7.68 -17.96
N SER F 83 38.30 -8.25 -18.63
CA SER F 83 38.10 -9.00 -19.87
C SER F 83 37.89 -10.49 -19.65
N LYS F 84 38.25 -11.06 -18.50
CA LYS F 84 37.94 -12.47 -18.31
C LYS F 84 36.45 -12.63 -18.01
N THR F 85 35.97 -13.88 -18.15
CA THR F 85 34.55 -14.14 -18.20
C THR F 85 34.10 -15.21 -17.20
N SER F 86 34.86 -15.42 -16.12
CA SER F 86 34.52 -16.39 -15.09
C SER F 86 35.17 -16.00 -13.77
N PHE F 87 34.36 -15.93 -12.71
CA PHE F 87 34.82 -15.47 -11.41
C PHE F 87 34.19 -16.29 -10.29
N CYS F 88 35.00 -16.60 -9.28
CA CYS F 88 34.42 -17.08 -8.03
C CYS F 88 34.04 -15.88 -7.14
N SER F 89 33.27 -16.17 -6.10
CA SER F 89 32.66 -15.11 -5.29
C SER F 89 33.69 -14.25 -4.56
N LYS F 90 34.81 -14.85 -4.11
CA LYS F 90 35.82 -14.09 -3.38
C LYS F 90 36.63 -13.18 -4.31
N GLU F 91 36.83 -13.58 -5.57
CA GLU F 91 37.45 -12.64 -6.52
C GLU F 91 36.61 -11.38 -6.67
N ILE F 92 35.30 -11.53 -6.84
CA ILE F 92 34.46 -10.37 -7.08
C ILE F 92 34.53 -9.40 -5.90
N ALA F 93 34.44 -9.93 -4.67
CA ALA F 93 34.54 -9.11 -3.47
C ALA F 93 35.86 -8.34 -3.41
N GLN F 94 36.99 -9.01 -3.68
CA GLN F 94 38.26 -8.30 -3.62
C GLN F 94 38.36 -7.24 -4.70
N ALA F 95 37.70 -7.43 -5.85
CA ALA F 95 37.79 -6.45 -6.93
C ALA F 95 36.93 -5.24 -6.62
N VAL F 96 35.75 -5.46 -6.03
CA VAL F 96 34.86 -4.36 -5.69
C VAL F 96 35.49 -3.52 -4.58
N LEU F 97 36.12 -4.19 -3.60
CA LEU F 97 36.78 -3.48 -2.50
C LEU F 97 37.87 -2.55 -2.99
N ALA F 98 38.68 -3.03 -3.96
CA ALA F 98 39.73 -2.19 -4.52
C ALA F 98 39.14 -0.98 -5.23
N ASP F 99 38.07 -1.19 -6.01
CA ASP F 99 37.45 -0.07 -6.70
C ASP F 99 36.74 0.88 -5.73
N TYR F 100 36.13 0.33 -4.67
CA TYR F 100 35.48 1.19 -3.69
C TYR F 100 36.49 2.11 -3.01
N GLU F 101 37.68 1.59 -2.69
CA GLU F 101 38.69 2.44 -2.09
C GLU F 101 39.15 3.52 -3.05
N TYR F 102 39.20 3.22 -4.34
CA TYR F 102 39.51 4.27 -5.32
C TYR F 102 38.41 5.33 -5.33
N PHE F 103 37.14 4.91 -5.37
CA PHE F 103 36.05 5.89 -5.34
C PHE F 103 36.07 6.70 -4.04
N LEU F 104 36.40 6.06 -2.91
CA LEU F 104 36.42 6.78 -1.65
C LEU F 104 37.44 7.92 -1.65
N LYS F 105 38.59 7.73 -2.30
CA LYS F 105 39.54 8.84 -2.40
C LYS F 105 39.00 9.94 -3.30
N LEU F 106 38.41 9.57 -4.46
CA LEU F 106 37.85 10.58 -5.34
C LEU F 106 36.82 11.44 -4.63
N PHE F 107 35.89 10.80 -3.90
CA PHE F 107 34.85 11.55 -3.21
C PHE F 107 35.39 12.30 -2.00
N THR F 108 36.38 11.74 -1.29
CA THR F 108 36.99 12.49 -0.21
C THR F 108 37.71 13.72 -0.73
N GLU F 109 38.40 13.60 -1.86
CA GLU F 109 39.07 14.78 -2.42
C GLU F 109 38.05 15.80 -2.91
N LEU F 110 36.93 15.33 -3.49
CA LEU F 110 35.88 16.22 -3.96
C LEU F 110 35.29 17.04 -2.81
N SER F 111 35.03 16.37 -1.68
CA SER F 111 34.53 17.07 -0.51
C SER F 111 35.53 18.10 -0.02
N ALA F 112 36.81 17.71 0.05
CA ALA F 112 37.85 18.60 0.54
C ALA F 112 37.98 19.83 -0.35
N GLN F 113 37.99 19.61 -1.66
CA GLN F 113 38.15 20.73 -2.58
C GLN F 113 36.92 21.63 -2.62
N ALA F 114 35.72 21.03 -2.61
CA ALA F 114 34.49 21.83 -2.66
C ALA F 114 34.31 22.71 -1.43
N ASP F 115 34.63 22.19 -0.24
CA ASP F 115 34.53 23.03 0.94
C ASP F 115 35.54 24.18 0.91
N SER F 116 36.74 23.94 0.37
CA SER F 116 37.74 25.01 0.26
C SER F 116 37.27 26.15 -0.63
N GLN F 117 36.36 25.88 -1.57
CA GLN F 117 35.84 26.90 -2.46
C GLN F 117 34.50 27.48 -2.02
N GLY F 118 33.89 26.92 -0.97
CA GLY F 118 32.58 27.34 -0.53
C GLY F 118 31.43 26.64 -1.21
N ASP F 119 31.71 25.58 -1.96
CA ASP F 119 30.67 24.79 -2.61
C ASP F 119 30.23 23.69 -1.66
N LYS F 120 29.39 24.07 -0.68
CA LYS F 120 28.95 23.17 0.38
C LYS F 120 27.96 22.12 -0.12
N VAL F 121 27.20 22.45 -1.17
CA VAL F 121 26.27 21.49 -1.76
C VAL F 121 27.03 20.32 -2.35
N SER F 122 28.04 20.63 -3.19
CA SER F 122 28.87 19.58 -3.75
C SER F 122 29.58 18.82 -2.63
N ALA F 123 30.01 19.53 -1.59
CA ALA F 123 30.71 18.88 -0.48
C ALA F 123 29.78 17.93 0.26
N ALA F 124 28.52 18.34 0.47
CA ALA F 124 27.54 17.49 1.16
C ALA F 124 27.22 16.23 0.35
N TYR F 125 27.05 16.36 -0.97
CA TYR F 125 26.80 15.19 -1.79
C TYR F 125 27.94 14.19 -1.66
N ALA F 126 29.19 14.68 -1.72
CA ALA F 126 30.36 13.82 -1.61
C ALA F 126 30.45 13.19 -0.22
N ASP F 127 30.14 13.96 0.83
CA ASP F 127 30.16 13.39 2.18
C ASP F 127 29.15 12.26 2.32
N ASP F 128 28.01 12.34 1.62
CA ASP F 128 27.03 11.26 1.63
C ASP F 128 27.58 10.00 0.95
N LYS F 129 28.23 10.15 -0.20
CA LYS F 129 28.82 9.01 -0.87
C LYS F 129 30.04 8.48 -0.10
N VAL F 130 30.79 9.37 0.55
CA VAL F 130 31.93 8.93 1.36
C VAL F 130 31.46 7.99 2.47
N GLY F 131 30.39 8.34 3.18
CA GLY F 131 29.87 7.48 4.22
C GLY F 131 29.38 6.15 3.69
N GLU F 132 28.67 6.16 2.55
CA GLU F 132 28.20 4.92 1.96
C GLU F 132 29.36 4.01 1.58
N LEU F 133 30.44 4.58 1.04
CA LEU F 133 31.59 3.76 0.68
C LEU F 133 32.29 3.23 1.94
N GLN F 134 32.45 4.08 2.95
CA GLN F 134 33.07 3.65 4.21
C GLN F 134 32.27 2.53 4.86
N LYS F 135 30.94 2.61 4.81
CA LYS F 135 30.15 1.51 5.36
C LYS F 135 30.31 0.24 4.53
N ALA F 136 30.24 0.37 3.20
CA ALA F 136 30.39 -0.80 2.32
C ALA F 136 31.79 -1.40 2.42
N ILE F 137 32.82 -0.56 2.53
CA ILE F 137 34.19 -1.05 2.65
C ILE F 137 34.38 -1.87 3.92
N TRP F 138 33.92 -1.34 5.06
CA TRP F 138 33.99 -2.11 6.31
C TRP F 138 33.35 -3.48 6.17
N MET F 139 32.24 -3.56 5.46
CA MET F 139 31.51 -4.82 5.34
C MET F 139 32.29 -5.81 4.46
N LEU F 140 32.94 -5.29 3.41
CA LEU F 140 33.74 -6.15 2.54
C LEU F 140 34.98 -6.65 3.26
N LYS F 141 35.62 -5.78 4.05
CA LYS F 141 36.79 -6.23 4.82
C LYS F 141 36.38 -7.30 5.81
N SER F 142 35.21 -7.15 6.42
CA SER F 142 34.75 -8.18 7.33
C SER F 142 34.43 -9.46 6.59
N GLN F 143 33.88 -9.34 5.38
CA GLN F 143 33.47 -10.52 4.64
C GLN F 143 34.67 -11.30 4.11
N LEU F 144 35.77 -10.62 3.80
CA LEU F 144 36.98 -11.30 3.37
C LEU F 144 37.87 -11.73 4.54
N ALA F 145 37.59 -11.26 5.74
CA ALA F 145 38.37 -11.65 6.90
C ALA F 145 38.14 -13.15 7.17
N LYS G 3 7.00 -18.97 41.76
CA LYS G 3 6.30 -17.72 41.43
C LYS G 3 6.37 -17.41 39.93
N VAL G 4 5.23 -17.01 39.36
CA VAL G 4 5.18 -16.61 37.95
C VAL G 4 6.04 -15.38 37.74
N VAL G 5 5.97 -14.42 38.69
CA VAL G 5 6.68 -13.15 38.56
C VAL G 5 8.19 -13.36 38.53
N GLU G 6 8.71 -14.24 39.39
CA GLU G 6 10.15 -14.44 39.41
C GLU G 6 10.65 -15.04 38.10
N LEU G 7 9.89 -15.96 37.53
CA LEU G 7 10.25 -16.48 36.21
C LEU G 7 10.20 -15.37 35.14
N LEU G 8 9.17 -14.52 35.17
CA LEU G 8 9.10 -13.42 34.23
C LEU G 8 10.30 -12.48 34.36
N LYS G 9 10.67 -12.15 35.61
CA LYS G 9 11.77 -11.21 35.84
C LYS G 9 13.13 -11.82 35.52
N GLN G 10 13.28 -13.14 35.70
CA GLN G 10 14.50 -13.78 35.25
C GLN G 10 14.63 -13.67 33.73
N ILE G 11 13.53 -13.98 33.02
CA ILE G 11 13.49 -13.85 31.57
C ILE G 11 13.82 -12.42 31.15
N GLN G 12 13.27 -11.43 31.85
CA GLN G 12 13.58 -10.04 31.54
C GLN G 12 15.09 -9.78 31.63
N ALA G 13 15.72 -10.19 32.74
CA ALA G 13 17.15 -9.91 32.91
C ALA G 13 17.99 -10.64 31.87
N ASP G 14 17.70 -11.92 31.62
CA ASP G 14 18.48 -12.62 30.61
C ASP G 14 18.24 -12.05 29.22
N ALA G 15 17.01 -11.57 28.94
CA ALA G 15 16.72 -10.97 27.63
C ALA G 15 17.56 -9.73 27.39
N SER G 16 17.67 -8.86 28.39
CA SER G 16 18.42 -7.62 28.20
C SER G 16 19.90 -7.89 27.97
N VAL G 17 20.45 -8.90 28.65
CA VAL G 17 21.84 -9.29 28.42
C VAL G 17 22.00 -9.94 27.05
N PHE G 18 21.07 -10.81 26.68
CA PHE G 18 21.11 -11.42 25.36
C PHE G 18 20.98 -10.37 24.27
N TYR G 19 20.17 -9.34 24.51
CA TYR G 19 19.99 -8.26 23.55
C TYR G 19 21.32 -7.63 23.15
N VAL G 20 22.20 -7.36 24.13
CA VAL G 20 23.47 -6.73 23.82
C VAL G 20 24.43 -7.71 23.17
N LYS G 21 24.46 -8.94 23.67
CA LYS G 21 25.37 -9.96 23.13
C LYS G 21 25.15 -10.18 21.65
N VAL G 22 23.88 -10.18 21.21
CA VAL G 22 23.57 -10.38 19.82
C VAL G 22 23.95 -9.18 18.98
N HIS G 23 23.89 -7.98 19.55
CA HIS G 23 24.45 -6.82 18.87
C HIS G 23 25.92 -7.03 18.58
N ASN G 24 26.64 -7.67 19.51
CA ASN G 24 28.05 -7.96 19.33
C ASN G 24 28.26 -8.95 18.19
N PHE G 25 27.46 -10.02 18.15
CA PHE G 25 27.50 -10.94 16.99
C PHE G 25 27.16 -10.20 15.70
N HIS G 26 26.19 -9.29 15.77
CA HIS G 26 25.75 -8.53 14.62
C HIS G 26 26.88 -7.66 14.07
N TRP G 27 27.68 -7.09 14.97
CA TRP G 27 28.73 -6.17 14.56
C TRP G 27 30.01 -6.89 14.13
N ASN G 28 30.33 -8.02 14.76
CA ASN G 28 31.67 -8.59 14.65
C ASN G 28 31.70 -9.94 13.95
N VAL G 29 30.64 -10.30 13.22
CA VAL G 29 30.71 -11.48 12.39
C VAL G 29 31.71 -11.25 11.26
N LYS G 30 32.54 -12.27 11.02
CA LYS G 30 33.52 -12.24 9.96
C LYS G 30 33.21 -13.40 9.03
N GLY G 31 33.79 -13.36 7.83
CA GLY G 31 33.69 -14.48 6.89
C GLY G 31 32.66 -14.21 5.81
N MET G 32 32.59 -15.15 4.87
CA MET G 32 31.81 -14.92 3.65
C MET G 32 30.30 -14.96 3.89
N ASP G 33 29.85 -15.47 5.04
CA ASP G 33 28.43 -15.39 5.40
C ASP G 33 28.13 -14.12 6.21
N PHE G 34 28.78 -13.00 5.87
CA PHE G 34 28.64 -11.80 6.69
C PHE G 34 27.22 -11.25 6.63
N HIS G 35 26.69 -11.02 5.42
CA HIS G 35 25.38 -10.39 5.29
C HIS G 35 24.25 -11.24 5.84
N PRO G 36 24.12 -12.53 5.51
CA PRO G 36 23.01 -13.31 6.11
C PRO G 36 23.03 -13.31 7.64
N THR G 37 24.23 -13.39 8.23
CA THR G 37 24.33 -13.37 9.69
C THR G 37 24.08 -11.96 10.24
N HIS G 38 24.60 -10.94 9.56
CA HIS G 38 24.35 -9.56 9.94
C HIS G 38 22.87 -9.24 9.90
N LYS G 39 22.14 -9.80 8.94
CA LYS G 39 20.70 -9.57 8.88
C LYS G 39 19.97 -10.34 9.99
N ALA G 40 20.30 -11.63 10.13
CA ALA G 40 19.55 -12.49 11.05
C ALA G 40 19.71 -12.04 12.50
N THR G 41 20.94 -11.69 12.90
CA THR G 41 21.17 -11.22 14.28
C THR G 41 20.33 -9.99 14.60
N GLN G 42 20.12 -9.13 13.62
CA GLN G 42 19.35 -7.93 13.90
C GLN G 42 17.88 -8.25 14.17
N GLU G 43 17.29 -9.17 13.40
CA GLU G 43 15.94 -9.65 13.71
C GLU G 43 15.87 -10.30 15.08
N ILE G 44 16.93 -10.98 15.49
CA ILE G 44 16.92 -11.65 16.80
C ILE G 44 16.85 -10.61 17.91
N TYR G 45 17.69 -9.57 17.85
CA TYR G 45 17.66 -8.63 18.97
C TYR G 45 16.41 -7.76 18.95
N GLU G 46 15.79 -7.55 17.79
CA GLU G 46 14.54 -6.81 17.78
C GLU G 46 13.40 -7.63 18.37
N GLN G 47 13.45 -8.95 18.20
CA GLN G 47 12.43 -9.80 18.80
C GLN G 47 12.64 -9.92 20.31
N PHE G 48 13.88 -9.89 20.78
CA PHE G 48 14.10 -9.91 22.22
C PHE G 48 13.91 -8.55 22.86
N ALA G 49 14.06 -7.46 22.10
CA ALA G 49 13.59 -6.17 22.60
C ALA G 49 12.10 -6.24 22.91
N ASP G 50 11.35 -7.01 22.14
CA ASP G 50 9.92 -7.15 22.37
C ASP G 50 9.63 -8.09 23.54
N VAL G 51 10.42 -9.17 23.66
CA VAL G 51 10.29 -10.05 24.83
C VAL G 51 10.58 -9.28 26.10
N PHE G 52 11.65 -8.48 26.08
CA PHE G 52 12.01 -7.66 27.23
C PHE G 52 10.83 -6.81 27.68
N ASP G 53 10.18 -6.16 26.74
CA ASP G 53 9.09 -5.25 27.07
C ASP G 53 7.81 -5.98 27.47
N ASP G 54 7.44 -7.05 26.74
CA ASP G 54 6.21 -7.78 27.04
C ASP G 54 6.27 -8.36 28.44
N VAL G 55 7.39 -9.00 28.76
CA VAL G 55 7.54 -9.69 30.02
C VAL G 55 7.48 -8.71 31.19
N ALA G 56 8.04 -7.49 31.01
CA ALA G 56 8.02 -6.50 32.08
C ALA G 56 6.59 -6.05 32.41
N GLU G 57 5.81 -5.67 31.40
CA GLU G 57 4.46 -5.20 31.71
C GLU G 57 3.57 -6.33 32.19
N ARG G 58 3.85 -7.58 31.81
CA ARG G 58 3.05 -8.66 32.36
C ARG G 58 3.28 -8.77 33.86
N VAL G 59 4.51 -8.52 34.31
CA VAL G 59 4.78 -8.42 35.73
C VAL G 59 3.90 -7.33 36.35
N LEU G 60 3.74 -6.20 35.67
CA LEU G 60 2.97 -5.11 36.26
C LEU G 60 1.47 -5.43 36.29
N GLN G 61 0.95 -6.08 35.24
CA GLN G 61 -0.46 -6.48 35.25
C GLN G 61 -0.75 -7.46 36.37
N LEU G 62 0.26 -8.22 36.80
CA LEU G 62 0.10 -9.11 37.94
C LEU G 62 0.34 -8.41 39.27
N GLY G 63 0.57 -7.10 39.27
CA GLY G 63 0.66 -6.36 40.51
C GLY G 63 2.01 -6.40 41.19
N GLU G 64 3.09 -6.55 40.43
CA GLU G 64 4.43 -6.58 40.97
C GLU G 64 5.28 -5.60 40.16
N MET G 65 6.57 -5.52 40.50
CA MET G 65 7.53 -4.64 39.84
C MET G 65 8.56 -5.43 39.04
N PRO G 66 8.81 -5.07 37.78
CA PRO G 66 9.93 -5.65 37.03
C PRO G 66 11.22 -4.92 37.40
N TYR G 67 12.33 -5.39 36.84
CA TYR G 67 13.58 -4.67 36.98
C TYR G 67 13.54 -3.38 36.17
N VAL G 68 14.24 -2.34 36.67
CA VAL G 68 14.30 -1.06 35.98
C VAL G 68 15.72 -0.53 35.86
N THR G 69 16.74 -1.28 36.28
CA THR G 69 18.13 -0.84 36.15
C THR G 69 18.99 -1.93 35.53
N LEU G 70 20.00 -1.49 34.78
CA LEU G 70 20.97 -2.43 34.23
C LEU G 70 21.76 -3.13 35.33
N ALA G 71 22.06 -2.44 36.44
CA ALA G 71 22.80 -3.10 37.52
C ALA G 71 22.01 -4.30 38.07
N ASP G 72 20.70 -4.15 38.27
CA ASP G 72 19.93 -5.29 38.76
C ASP G 72 19.84 -6.40 37.71
N MET G 73 19.72 -6.04 36.42
CA MET G 73 19.56 -7.11 35.42
C MET G 73 20.86 -7.87 35.19
N LEU G 74 22.01 -7.18 35.21
CA LEU G 74 23.29 -7.87 35.09
C LEU G 74 23.54 -8.83 36.25
N LYS G 75 23.24 -8.40 37.47
CA LYS G 75 23.39 -9.30 38.62
C LYS G 75 22.46 -10.51 38.51
N ALA G 76 21.25 -10.34 37.95
CA ALA G 76 20.27 -11.42 37.92
C ALA G 76 20.43 -12.36 36.74
N ALA G 77 20.99 -11.90 35.64
CA ALA G 77 21.05 -12.70 34.42
C ALA G 77 21.97 -13.91 34.58
N LYS G 78 21.54 -15.06 34.08
CA LYS G 78 22.43 -16.22 33.97
C LYS G 78 23.09 -16.35 32.60
N ILE G 79 22.54 -15.71 31.57
CA ILE G 79 23.26 -15.59 30.30
C ILE G 79 24.52 -14.77 30.54
N LYS G 80 25.63 -15.20 29.94
CA LYS G 80 26.88 -14.50 30.16
C LYS G 80 27.26 -13.68 28.95
N GLU G 81 27.85 -12.53 29.23
CA GLU G 81 28.30 -11.56 28.25
C GLU G 81 29.47 -12.10 27.45
N GLU G 82 29.66 -11.56 26.25
CA GLU G 82 30.72 -12.00 25.35
C GLU G 82 31.71 -10.85 25.13
N SER G 83 32.94 -11.01 25.61
CA SER G 83 33.92 -9.95 25.45
C SER G 83 34.75 -10.09 24.20
N LYS G 84 34.80 -11.30 23.61
CA LYS G 84 35.43 -11.48 22.31
C LYS G 84 34.72 -10.61 21.26
N THR G 85 35.51 -10.07 20.33
CA THR G 85 35.05 -9.05 19.38
C THR G 85 35.28 -9.47 17.93
N SER G 86 35.33 -10.77 17.68
CA SER G 86 35.49 -11.32 16.34
C SER G 86 34.91 -12.72 16.34
N PHE G 87 34.03 -12.98 15.37
CA PHE G 87 33.32 -14.25 15.38
C PHE G 87 33.22 -14.81 13.99
N CYS G 88 33.34 -16.13 13.96
CA CYS G 88 33.00 -16.96 12.84
C CYS G 88 31.49 -17.18 12.83
N SER G 89 30.95 -17.45 11.65
CA SER G 89 29.49 -17.50 11.51
C SER G 89 28.90 -18.72 12.21
N LYS G 90 29.59 -19.85 12.17
CA LYS G 90 29.07 -21.02 12.85
C LYS G 90 29.24 -20.88 14.37
N GLU G 91 30.24 -20.10 14.80
CA GLU G 91 30.35 -19.75 16.23
C GLU G 91 29.08 -19.05 16.70
N ILE G 92 28.56 -18.13 15.89
CA ILE G 92 27.39 -17.36 16.29
C ILE G 92 26.17 -18.26 16.37
N ALA G 93 25.98 -19.14 15.37
CA ALA G 93 24.88 -20.09 15.37
C ALA G 93 24.93 -21.03 16.58
N GLN G 94 26.13 -21.49 16.94
CA GLN G 94 26.29 -22.30 18.14
C GLN G 94 25.98 -21.50 19.41
N ALA G 95 26.50 -20.28 19.50
CA ALA G 95 26.21 -19.46 20.66
C ALA G 95 24.71 -19.19 20.80
N VAL G 96 24.05 -18.86 19.69
CA VAL G 96 22.62 -18.55 19.75
C VAL G 96 21.80 -19.80 20.05
N LEU G 97 22.21 -20.96 19.50
CA LEU G 97 21.51 -22.20 19.80
C LEU G 97 21.50 -22.51 21.29
N ALA G 98 22.65 -22.34 21.96
CA ALA G 98 22.72 -22.63 23.39
C ALA G 98 21.84 -21.68 24.20
N ASP G 99 21.88 -20.38 23.90
CA ASP G 99 21.05 -19.50 24.70
C ASP G 99 19.57 -19.77 24.45
N TYR G 100 19.19 -20.16 23.23
CA TYR G 100 17.79 -20.47 22.96
C TYR G 100 17.29 -21.62 23.84
N GLU G 101 18.10 -22.66 23.98
CA GLU G 101 17.73 -23.79 24.82
C GLU G 101 17.59 -23.37 26.28
N TYR G 102 18.38 -22.40 26.72
CA TYR G 102 18.15 -21.85 28.06
C TYR G 102 16.81 -21.12 28.10
N PHE G 103 16.52 -20.29 27.09
CA PHE G 103 15.22 -19.60 27.05
C PHE G 103 14.07 -20.59 26.92
N LEU G 104 14.25 -21.66 26.15
CA LEU G 104 13.18 -22.63 26.03
C LEU G 104 12.85 -23.23 27.40
N LYS G 105 13.87 -23.58 28.18
CA LYS G 105 13.61 -24.14 29.50
C LYS G 105 12.98 -23.11 30.43
N LEU G 106 13.39 -21.86 30.33
CA LEU G 106 12.79 -20.81 31.15
C LEU G 106 11.31 -20.65 30.83
N PHE G 107 10.95 -20.63 29.53
CA PHE G 107 9.56 -20.43 29.16
C PHE G 107 8.69 -21.65 29.44
N THR G 108 9.25 -22.85 29.33
CA THR G 108 8.48 -24.04 29.69
C THR G 108 8.13 -24.05 31.17
N GLU G 109 9.06 -23.64 32.04
CA GLU G 109 8.74 -23.55 33.47
C GLU G 109 7.72 -22.46 33.75
N LEU G 110 7.80 -21.33 33.04
CA LEU G 110 6.78 -20.29 33.21
C LEU G 110 5.40 -20.79 32.81
N SER G 111 5.31 -21.51 31.70
CA SER G 111 4.02 -22.05 31.29
C SER G 111 3.47 -23.05 32.31
N ALA G 112 4.30 -24.03 32.71
CA ALA G 112 3.86 -25.06 33.65
C ALA G 112 3.47 -24.45 34.99
N GLN G 113 4.26 -23.51 35.49
CA GLN G 113 3.95 -22.92 36.77
C GLN G 113 2.72 -22.03 36.69
N ALA G 114 2.58 -21.25 35.61
CA ALA G 114 1.41 -20.39 35.47
C ALA G 114 0.12 -21.19 35.36
N ASP G 115 0.15 -22.31 34.62
CA ASP G 115 -1.06 -23.11 34.53
C ASP G 115 -1.44 -23.71 35.88
N SER G 116 -0.43 -24.13 36.67
CA SER G 116 -0.69 -24.71 37.98
C SER G 116 -1.40 -23.73 38.92
N GLN G 117 -1.22 -22.42 38.70
CA GLN G 117 -1.89 -21.42 39.51
C GLN G 117 -3.16 -20.89 38.88
N GLY G 118 -3.56 -21.43 37.72
CA GLY G 118 -4.73 -20.95 36.99
C GLY G 118 -4.51 -19.68 36.20
N ASP G 119 -3.26 -19.24 36.04
CA ASP G 119 -2.90 -18.06 35.24
C ASP G 119 -2.71 -18.49 33.80
N LYS G 120 -3.84 -18.63 33.09
CA LYS G 120 -3.76 -19.14 31.74
C LYS G 120 -3.21 -18.11 30.75
N VAL G 121 -3.33 -16.82 31.06
CA VAL G 121 -2.78 -15.77 30.19
C VAL G 121 -1.26 -15.84 30.13
N SER G 122 -0.59 -15.92 31.29
CA SER G 122 0.87 -16.04 31.29
C SER G 122 1.32 -17.33 30.62
N ALA G 123 0.59 -18.42 30.85
CA ALA G 123 0.92 -19.70 30.25
C ALA G 123 0.76 -19.65 28.73
N ALA G 124 -0.29 -18.97 28.27
CA ALA G 124 -0.51 -18.83 26.83
C ALA G 124 0.63 -18.03 26.19
N TYR G 125 1.04 -16.93 26.82
CA TYR G 125 2.17 -16.17 26.29
C TYR G 125 3.42 -17.04 26.21
N ALA G 126 3.70 -17.81 27.27
CA ALA G 126 4.91 -18.64 27.29
C ALA G 126 4.84 -19.75 26.24
N ASP G 127 3.67 -20.34 26.04
CA ASP G 127 3.51 -21.40 25.05
C ASP G 127 3.80 -20.88 23.64
N ASP G 128 3.50 -19.61 23.36
CA ASP G 128 3.86 -19.07 22.06
C ASP G 128 5.38 -19.05 21.89
N LYS G 129 6.10 -18.58 22.92
CA LYS G 129 7.55 -18.52 22.86
C LYS G 129 8.20 -19.91 22.86
N VAL G 130 7.59 -20.89 23.54
CA VAL G 130 8.13 -22.25 23.47
C VAL G 130 8.10 -22.74 22.03
N GLY G 131 6.97 -22.53 21.34
CA GLY G 131 6.86 -22.95 19.95
C GLY G 131 7.83 -22.23 19.04
N GLU G 132 7.97 -20.92 19.22
CA GLU G 132 8.92 -20.19 18.40
C GLU G 132 10.35 -20.66 18.66
N LEU G 133 10.69 -20.91 19.93
CA LEU G 133 12.03 -21.39 20.26
C LEU G 133 12.24 -22.83 19.81
N GLN G 134 11.21 -23.68 19.91
CA GLN G 134 11.35 -25.05 19.39
C GLN G 134 11.60 -25.04 17.88
N LYS G 135 10.92 -24.14 17.16
CA LYS G 135 11.10 -24.06 15.72
C LYS G 135 12.49 -23.55 15.34
N ALA G 136 12.93 -22.46 15.99
CA ALA G 136 14.23 -21.89 15.65
C ALA G 136 15.37 -22.84 16.01
N ILE G 137 15.25 -23.53 17.15
CA ILE G 137 16.28 -24.48 17.57
C ILE G 137 16.42 -25.61 16.54
N TRP G 138 15.29 -26.13 16.07
CA TRP G 138 15.34 -27.12 14.99
C TRP G 138 16.05 -26.54 13.78
N MET G 139 15.75 -25.29 13.42
CA MET G 139 16.42 -24.68 12.26
C MET G 139 17.90 -24.46 12.54
N LEU G 140 18.27 -24.04 13.76
CA LEU G 140 19.69 -23.89 14.06
C LEU G 140 20.41 -25.23 14.09
N LYS G 141 19.77 -26.26 14.67
CA LYS G 141 20.37 -27.59 14.65
C LYS G 141 20.51 -28.12 13.22
N SER G 142 19.55 -27.82 12.35
CA SER G 142 19.65 -28.27 10.98
C SER G 142 20.79 -27.56 10.26
N GLN G 143 21.01 -26.29 10.57
CA GLN G 143 22.04 -25.52 9.90
C GLN G 143 23.45 -25.94 10.31
N LEU G 144 23.62 -26.37 11.57
CA LEU G 144 24.90 -26.84 12.05
C LEU G 144 25.12 -28.32 11.76
N ALA G 145 24.09 -29.05 11.34
CA ALA G 145 24.22 -30.49 11.07
C ALA G 145 25.15 -30.76 9.90
N LYS H 3 0.14 -41.64 20.27
CA LYS H 3 1.33 -40.79 20.36
C LYS H 3 1.14 -39.52 19.50
N VAL H 4 1.71 -38.39 19.96
CA VAL H 4 1.56 -37.12 19.24
C VAL H 4 2.11 -37.21 17.82
N VAL H 5 3.29 -37.80 17.65
CA VAL H 5 3.88 -37.84 16.31
C VAL H 5 3.02 -38.68 15.35
N GLU H 6 2.54 -39.84 15.80
CA GLU H 6 1.83 -40.72 14.88
C GLU H 6 0.51 -40.10 14.43
N LEU H 7 -0.14 -39.33 15.31
CA LEU H 7 -1.35 -38.62 14.95
C LEU H 7 -1.05 -37.49 13.95
N LEU H 8 0.07 -36.79 14.14
CA LEU H 8 0.48 -35.77 13.18
C LEU H 8 0.65 -36.34 11.79
N LYS H 9 1.29 -37.52 11.68
CA LYS H 9 1.55 -38.06 10.34
C LYS H 9 0.26 -38.55 9.67
N GLN H 10 -0.73 -38.98 10.44
CA GLN H 10 -2.02 -39.32 9.86
C GLN H 10 -2.66 -38.09 9.23
N ILE H 11 -2.69 -36.98 9.96
CA ILE H 11 -3.15 -35.73 9.39
C ILE H 11 -2.36 -35.37 8.14
N GLN H 12 -1.03 -35.54 8.18
CA GLN H 12 -0.22 -35.21 7.01
C GLN H 12 -0.65 -35.99 5.78
N ALA H 13 -0.76 -37.32 5.93
CA ALA H 13 -1.14 -38.16 4.79
C ALA H 13 -2.55 -37.83 4.33
N ASP H 14 -3.48 -37.60 5.27
CA ASP H 14 -4.84 -37.23 4.89
C ASP H 14 -4.91 -35.84 4.26
N ALA H 15 -4.04 -34.90 4.69
CA ALA H 15 -4.04 -33.59 4.05
C ALA H 15 -3.68 -33.69 2.58
N SER H 16 -2.64 -34.47 2.25
CA SER H 16 -2.21 -34.53 0.87
C SER H 16 -3.24 -35.22 -0.03
N VAL H 17 -3.98 -36.20 0.49
CA VAL H 17 -5.05 -36.81 -0.29
C VAL H 17 -6.24 -35.85 -0.44
N PHE H 18 -6.61 -35.17 0.64
CA PHE H 18 -7.69 -34.20 0.57
C PHE H 18 -7.36 -33.02 -0.36
N TYR H 19 -6.09 -32.59 -0.36
CA TYR H 19 -5.62 -31.54 -1.24
C TYR H 19 -5.95 -31.84 -2.70
N VAL H 20 -5.69 -33.07 -3.12
CA VAL H 20 -5.98 -33.45 -4.50
C VAL H 20 -7.46 -33.65 -4.70
N LYS H 21 -8.13 -34.27 -3.74
CA LYS H 21 -9.56 -34.47 -3.83
C LYS H 21 -10.29 -33.15 -4.02
N VAL H 22 -9.85 -32.11 -3.30
CA VAL H 22 -10.46 -30.79 -3.40
C VAL H 22 -10.11 -30.11 -4.73
N HIS H 23 -8.94 -30.42 -5.31
CA HIS H 23 -8.65 -29.96 -6.67
C HIS H 23 -9.65 -30.51 -7.67
N ASN H 24 -10.06 -31.77 -7.49
CA ASN H 24 -11.04 -32.37 -8.40
C ASN H 24 -12.37 -31.63 -8.32
N PHE H 25 -12.83 -31.36 -7.09
CA PHE H 25 -14.03 -30.55 -6.91
C PHE H 25 -13.85 -29.18 -7.57
N HIS H 26 -12.65 -28.60 -7.46
CA HIS H 26 -12.37 -27.29 -8.03
C HIS H 26 -12.51 -27.31 -9.56
N TRP H 27 -12.05 -28.39 -10.19
CA TRP H 27 -12.02 -28.44 -11.66
C TRP H 27 -13.35 -28.87 -12.26
N ASN H 28 -14.07 -29.77 -11.59
CA ASN H 28 -15.15 -30.51 -12.22
C ASN H 28 -16.51 -30.18 -11.63
N VAL H 29 -16.61 -29.07 -10.90
CA VAL H 29 -17.92 -28.62 -10.45
C VAL H 29 -18.75 -28.13 -11.64
N LYS H 30 -20.03 -28.44 -11.61
CA LYS H 30 -20.97 -28.03 -12.65
C LYS H 30 -22.09 -27.23 -11.99
N GLY H 31 -22.88 -26.51 -12.81
CA GLY H 31 -24.09 -25.88 -12.32
C GLY H 31 -23.96 -24.38 -12.10
N MET H 32 -25.09 -23.77 -11.71
CA MET H 32 -25.23 -22.33 -11.87
C MET H 32 -24.33 -21.54 -10.92
N ASP H 33 -24.08 -22.05 -9.73
CA ASP H 33 -23.12 -21.40 -8.84
C ASP H 33 -21.71 -21.98 -9.01
N PHE H 34 -21.29 -22.17 -10.26
CA PHE H 34 -19.96 -22.75 -10.53
C PHE H 34 -18.86 -21.87 -9.98
N HIS H 35 -18.97 -20.56 -10.14
CA HIS H 35 -17.85 -19.71 -9.74
C HIS H 35 -17.62 -19.66 -8.24
N PRO H 36 -18.64 -19.45 -7.38
CA PRO H 36 -18.33 -19.40 -5.93
C PRO H 36 -17.72 -20.68 -5.41
N THR H 37 -18.21 -21.85 -5.87
CA THR H 37 -17.62 -23.09 -5.42
C THR H 37 -16.21 -23.25 -5.99
N HIS H 38 -16.02 -22.82 -7.24
CA HIS H 38 -14.67 -22.83 -7.82
C HIS H 38 -13.71 -22.01 -6.97
N LYS H 39 -14.16 -20.85 -6.49
CA LYS H 39 -13.32 -20.00 -5.65
C LYS H 39 -13.07 -20.63 -4.29
N ALA H 40 -14.12 -21.14 -3.66
CA ALA H 40 -14.02 -21.67 -2.29
C ALA H 40 -13.15 -22.93 -2.23
N THR H 41 -13.34 -23.86 -3.17
CA THR H 41 -12.52 -25.07 -3.16
C THR H 41 -11.05 -24.74 -3.28
N GLN H 42 -10.72 -23.70 -4.04
CA GLN H 42 -9.31 -23.34 -4.20
C GLN H 42 -8.74 -22.86 -2.88
N GLU H 43 -9.54 -22.14 -2.10
CA GLU H 43 -9.11 -21.68 -0.79
C GLU H 43 -8.94 -22.86 0.16
N ILE H 44 -9.79 -23.87 0.03
CA ILE H 44 -9.68 -25.05 0.90
C ILE H 44 -8.36 -25.78 0.67
N TYR H 45 -8.02 -26.07 -0.59
CA TYR H 45 -6.79 -26.84 -0.82
C TYR H 45 -5.56 -26.00 -0.55
N GLU H 46 -5.66 -24.68 -0.61
CA GLU H 46 -4.51 -23.87 -0.20
C GLU H 46 -4.32 -23.86 1.32
N GLN H 47 -5.41 -23.95 2.08
CA GLN H 47 -5.25 -24.03 3.52
C GLN H 47 -4.79 -25.42 3.96
N PHE H 48 -5.19 -26.46 3.25
CA PHE H 48 -4.68 -27.77 3.59
C PHE H 48 -3.28 -28.01 3.07
N ALA H 49 -2.83 -27.29 2.03
CA ALA H 49 -1.40 -27.26 1.74
C ALA H 49 -0.62 -26.71 2.92
N ASP H 50 -1.20 -25.75 3.66
CA ASP H 50 -0.52 -25.17 4.81
C ASP H 50 -0.55 -26.12 5.99
N VAL H 51 -1.67 -26.82 6.16
CA VAL H 51 -1.71 -27.86 7.17
C VAL H 51 -0.67 -28.93 6.87
N PHE H 52 -0.55 -29.29 5.59
CA PHE H 52 0.42 -30.31 5.16
C PHE H 52 1.83 -29.95 5.58
N ASP H 53 2.23 -28.69 5.36
CA ASP H 53 3.58 -28.28 5.66
C ASP H 53 3.81 -28.09 7.16
N ASP H 54 2.87 -27.45 7.87
CA ASP H 54 3.04 -27.17 9.29
C ASP H 54 3.14 -28.46 10.10
N VAL H 55 2.23 -29.38 9.84
CA VAL H 55 2.17 -30.63 10.58
C VAL H 55 3.46 -31.43 10.36
N ALA H 56 3.97 -31.43 9.12
CA ALA H 56 5.21 -32.14 8.83
C ALA H 56 6.39 -31.51 9.57
N GLU H 57 6.50 -30.20 9.50
CA GLU H 57 7.60 -29.55 10.20
C GLU H 57 7.48 -29.72 11.70
N ARG H 58 6.26 -29.88 12.21
CA ARG H 58 6.14 -30.10 13.65
C ARG H 58 6.70 -31.46 14.05
N VAL H 59 6.47 -32.49 13.24
CA VAL H 59 7.11 -33.78 13.46
C VAL H 59 8.62 -33.62 13.49
N LEU H 60 9.15 -32.74 12.64
CA LEU H 60 10.59 -32.59 12.61
C LEU H 60 11.10 -31.94 13.88
N GLN H 61 10.36 -30.96 14.40
CA GLN H 61 10.74 -30.32 15.65
C GLN H 61 10.65 -31.29 16.81
N LEU H 62 9.77 -32.27 16.74
CA LEU H 62 9.66 -33.27 17.77
C LEU H 62 10.65 -34.41 17.57
N GLY H 63 11.55 -34.32 16.59
CA GLY H 63 12.61 -35.31 16.46
C GLY H 63 12.21 -36.57 15.74
N GLU H 64 11.23 -36.49 14.85
CA GLU H 64 10.84 -37.65 14.07
C GLU H 64 10.83 -37.26 12.60
N MET H 65 10.45 -38.22 11.80
CA MET H 65 10.46 -38.28 10.36
C MET H 65 9.04 -38.18 9.83
N PRO H 66 8.63 -37.16 9.07
CA PRO H 66 7.29 -37.24 8.44
C PRO H 66 7.35 -38.06 7.15
N TYR H 67 6.20 -38.26 6.53
CA TYR H 67 6.23 -38.94 5.24
C TYR H 67 6.90 -38.08 4.18
N VAL H 68 7.64 -38.71 3.28
CA VAL H 68 8.28 -37.94 2.22
C VAL H 68 7.97 -38.53 0.84
N THR H 69 7.09 -39.52 0.78
CA THR H 69 6.69 -40.04 -0.52
C THR H 69 5.17 -40.13 -0.58
N LEU H 70 4.62 -39.81 -1.76
CA LEU H 70 3.19 -39.97 -2.01
C LEU H 70 2.79 -41.43 -1.90
N ALA H 71 3.71 -42.34 -2.24
CA ALA H 71 3.43 -43.76 -2.12
C ALA H 71 3.10 -44.10 -0.68
N ASP H 72 3.92 -43.63 0.26
CA ASP H 72 3.66 -43.88 1.67
C ASP H 72 2.47 -43.09 2.19
N MET H 73 2.24 -41.88 1.67
CA MET H 73 1.10 -41.10 2.12
C MET H 73 -0.21 -41.70 1.65
N LEU H 74 -0.22 -42.29 0.45
CA LEU H 74 -1.42 -42.97 -0.05
C LEU H 74 -1.79 -44.16 0.81
N LYS H 75 -0.79 -44.98 1.16
CA LYS H 75 -1.05 -46.15 2.00
C LYS H 75 -1.50 -45.72 3.39
N ALA H 76 -0.88 -44.67 3.93
CA ALA H 76 -1.20 -44.24 5.28
C ALA H 76 -2.54 -43.53 5.38
N ALA H 77 -3.02 -42.95 4.28
CA ALA H 77 -4.22 -42.11 4.32
C ALA H 77 -5.48 -42.91 4.58
N LYS H 78 -6.37 -42.33 5.39
CA LYS H 78 -7.67 -42.89 5.69
C LYS H 78 -8.79 -42.15 4.96
N ILE H 79 -8.48 -41.12 4.22
CA ILE H 79 -9.44 -40.46 3.35
C ILE H 79 -9.47 -41.18 2.01
N LYS H 80 -10.66 -41.27 1.41
CA LYS H 80 -10.84 -41.97 0.14
C LYS H 80 -10.70 -40.99 -1.01
N GLU H 81 -9.89 -41.37 -2.00
CA GLU H 81 -9.80 -40.61 -3.25
C GLU H 81 -11.11 -40.65 -4.02
N GLU H 82 -11.36 -39.60 -4.81
CA GLU H 82 -12.60 -39.48 -5.56
C GLU H 82 -12.27 -39.54 -7.06
N SER H 83 -12.72 -40.60 -7.71
CA SER H 83 -12.45 -40.83 -9.13
C SER H 83 -13.53 -40.29 -10.04
N LYS H 84 -14.71 -39.96 -9.52
CA LYS H 84 -15.70 -39.36 -10.39
C LYS H 84 -15.27 -37.95 -10.76
N THR H 85 -15.81 -37.44 -11.88
CA THR H 85 -15.27 -36.24 -12.51
C THR H 85 -16.35 -35.21 -12.84
N SER H 86 -17.48 -35.24 -12.13
CA SER H 86 -18.52 -34.26 -12.34
C SER H 86 -19.33 -34.18 -11.08
N PHE H 87 -19.51 -32.96 -10.53
CA PHE H 87 -20.19 -32.76 -9.26
C PHE H 87 -21.04 -31.51 -9.33
N CYS H 88 -22.23 -31.56 -8.74
CA CYS H 88 -22.97 -30.34 -8.42
C CYS H 88 -22.53 -29.78 -7.06
N SER H 89 -22.95 -28.53 -6.79
CA SER H 89 -22.44 -27.80 -5.63
C SER H 89 -22.79 -28.45 -4.32
N LYS H 90 -23.95 -29.09 -4.21
CA LYS H 90 -24.29 -29.62 -2.89
C LYS H 90 -23.65 -30.98 -2.62
N GLU H 91 -23.36 -31.78 -3.64
CA GLU H 91 -22.55 -32.96 -3.39
C GLU H 91 -21.19 -32.60 -2.82
N ILE H 92 -20.63 -31.47 -3.26
CA ILE H 92 -19.30 -31.09 -2.78
C ILE H 92 -19.38 -30.60 -1.34
N ALA H 93 -20.40 -29.80 -1.03
CA ALA H 93 -20.60 -29.37 0.35
C ALA H 93 -20.77 -30.58 1.27
N GLN H 94 -21.54 -31.56 0.85
CA GLN H 94 -21.69 -32.76 1.66
C GLN H 94 -20.38 -33.53 1.77
N ALA H 95 -19.67 -33.66 0.64
CA ALA H 95 -18.40 -34.38 0.65
C ALA H 95 -17.39 -33.68 1.54
N VAL H 96 -17.31 -32.34 1.47
CA VAL H 96 -16.35 -31.62 2.30
C VAL H 96 -16.76 -31.69 3.76
N LEU H 97 -18.07 -31.61 4.04
CA LEU H 97 -18.54 -31.64 5.42
C LEU H 97 -18.11 -32.93 6.13
N ALA H 98 -18.26 -34.07 5.45
CA ALA H 98 -17.86 -35.35 6.04
C ALA H 98 -16.36 -35.38 6.31
N ASP H 99 -15.57 -34.87 5.35
CA ASP H 99 -14.13 -34.87 5.59
C ASP H 99 -13.76 -33.90 6.71
N TYR H 100 -14.45 -32.76 6.83
CA TYR H 100 -14.14 -31.86 7.93
C TYR H 100 -14.39 -32.54 9.26
N GLU H 101 -15.48 -33.32 9.36
CA GLU H 101 -15.76 -34.03 10.60
C GLU H 101 -14.71 -35.09 10.90
N TYR H 102 -14.17 -35.74 9.86
CA TYR H 102 -13.07 -36.67 10.14
C TYR H 102 -11.85 -35.92 10.66
N PHE H 103 -11.44 -34.82 10.00
CA PHE H 103 -10.29 -34.06 10.46
C PHE H 103 -10.54 -33.47 11.85
N LEU H 104 -11.78 -33.05 12.12
CA LEU H 104 -12.07 -32.50 13.45
C LEU H 104 -11.84 -33.53 14.54
N LYS H 105 -12.29 -34.76 14.32
CA LYS H 105 -11.98 -35.84 15.25
C LYS H 105 -10.48 -36.01 15.40
N LEU H 106 -9.77 -35.99 14.27
CA LEU H 106 -8.32 -36.18 14.29
C LEU H 106 -7.61 -35.07 15.08
N PHE H 107 -7.99 -33.82 14.86
CA PHE H 107 -7.32 -32.74 15.60
C PHE H 107 -7.74 -32.70 17.05
N THR H 108 -8.98 -33.11 17.36
CA THR H 108 -9.40 -33.21 18.75
C THR H 108 -8.59 -34.26 19.51
N GLU H 109 -8.25 -35.38 18.86
CA GLU H 109 -7.43 -36.38 19.53
C GLU H 109 -6.00 -35.88 19.70
N LEU H 110 -5.42 -35.28 18.66
CA LEU H 110 -4.10 -34.70 18.80
C LEU H 110 -4.03 -33.73 19.99
N SER H 111 -5.06 -32.90 20.17
CA SER H 111 -5.02 -31.96 21.30
C SER H 111 -5.09 -32.65 22.63
N ALA H 112 -6.02 -33.58 22.78
CA ALA H 112 -6.12 -34.28 24.05
C ALA H 112 -4.83 -35.04 24.36
N GLN H 113 -4.29 -35.72 23.34
CA GLN H 113 -3.09 -36.51 23.57
C GLN H 113 -1.88 -35.61 23.86
N ALA H 114 -1.74 -34.50 23.15
CA ALA H 114 -0.59 -33.63 23.41
C ALA H 114 -0.68 -33.01 24.80
N ASP H 115 -1.89 -32.60 25.22
CA ASP H 115 -2.03 -32.00 26.54
C ASP H 115 -1.66 -32.99 27.65
N SER H 116 -1.99 -34.28 27.46
CA SER H 116 -1.59 -35.30 28.43
C SER H 116 -0.07 -35.47 28.52
N GLN H 117 0.64 -35.25 27.43
CA GLN H 117 2.10 -35.28 27.44
C GLN H 117 2.72 -33.94 27.81
N GLY H 118 1.92 -32.95 28.19
CA GLY H 118 2.46 -31.63 28.44
C GLY H 118 2.98 -30.89 27.23
N ASP H 119 2.70 -31.39 26.02
CA ASP H 119 3.11 -30.74 24.77
C ASP H 119 2.04 -29.72 24.40
N LYS H 120 2.12 -28.55 25.03
CA LYS H 120 1.10 -27.54 24.84
C LYS H 120 1.22 -26.86 23.49
N VAL H 121 2.41 -26.85 22.88
CA VAL H 121 2.55 -26.25 21.55
C VAL H 121 1.75 -27.05 20.53
N SER H 122 1.99 -28.36 20.47
CA SER H 122 1.17 -29.18 19.59
C SER H 122 -0.30 -29.10 19.98
N ALA H 123 -0.57 -29.00 21.29
CA ALA H 123 -1.94 -28.86 21.74
C ALA H 123 -2.56 -27.55 21.29
N ALA H 124 -1.80 -26.44 21.34
CA ALA H 124 -2.35 -25.16 20.91
C ALA H 124 -2.68 -25.15 19.43
N TYR H 125 -1.77 -25.69 18.61
CA TYR H 125 -1.98 -25.77 17.17
C TYR H 125 -3.25 -26.53 16.85
N ALA H 126 -3.47 -27.66 17.52
CA ALA H 126 -4.66 -28.45 17.28
C ALA H 126 -5.92 -27.69 17.65
N ASP H 127 -5.89 -26.98 18.78
CA ASP H 127 -7.07 -26.25 19.24
C ASP H 127 -7.48 -25.16 18.25
N ASP H 128 -6.52 -24.47 17.63
CA ASP H 128 -6.90 -23.47 16.64
C ASP H 128 -7.52 -24.12 15.41
N LYS H 129 -6.96 -25.24 14.94
CA LYS H 129 -7.59 -25.95 13.84
C LYS H 129 -8.94 -26.53 14.27
N VAL H 130 -9.06 -26.94 15.54
CA VAL H 130 -10.36 -27.41 16.02
C VAL H 130 -11.39 -26.31 15.92
N GLY H 131 -11.01 -25.10 16.35
CA GLY H 131 -11.93 -23.96 16.25
C GLY H 131 -12.26 -23.60 14.82
N GLU H 132 -11.26 -23.66 13.92
CA GLU H 132 -11.53 -23.34 12.53
C GLU H 132 -12.49 -24.34 11.92
N LEU H 133 -12.35 -25.63 12.26
CA LEU H 133 -13.23 -26.64 11.71
C LEU H 133 -14.64 -26.57 12.29
N GLN H 134 -14.77 -26.31 13.60
CA GLN H 134 -16.11 -26.23 14.17
C GLN H 134 -16.93 -25.14 13.52
N LYS H 135 -16.28 -24.00 13.21
CA LYS H 135 -16.97 -22.91 12.54
C LYS H 135 -17.32 -23.28 11.10
N ALA H 136 -16.36 -23.85 10.36
CA ALA H 136 -16.65 -24.22 8.97
C ALA H 136 -17.73 -25.29 8.92
N ILE H 137 -17.68 -26.25 9.85
CA ILE H 137 -18.70 -27.29 9.92
C ILE H 137 -20.07 -26.67 10.16
N TRP H 138 -20.15 -25.74 11.12
CA TRP H 138 -21.45 -25.13 11.38
C TRP H 138 -21.95 -24.32 10.19
N MET H 139 -21.06 -23.68 9.45
CA MET H 139 -21.50 -22.99 8.24
C MET H 139 -22.04 -23.98 7.20
N LEU H 140 -21.41 -25.15 7.07
CA LEU H 140 -21.88 -26.11 6.06
C LEU H 140 -23.23 -26.74 6.45
N LYS H 141 -23.38 -27.15 7.72
CA LYS H 141 -24.67 -27.73 8.13
C LYS H 141 -25.80 -26.71 7.97
N SER H 142 -25.49 -25.42 8.15
CA SER H 142 -26.47 -24.37 7.85
C SER H 142 -26.70 -24.23 6.34
N GLN H 143 -25.65 -24.35 5.54
CA GLN H 143 -25.82 -24.18 4.10
C GLN H 143 -26.57 -25.34 3.49
N LEU H 144 -26.41 -26.55 4.04
CA LEU H 144 -27.14 -27.69 3.53
C LEU H 144 -28.53 -27.81 4.15
N ALA H 145 -28.86 -26.97 5.13
CA ALA H 145 -30.17 -27.03 5.78
C ALA H 145 -31.29 -26.65 4.80
N LYS I 3 -23.05 -23.98 32.68
CA LYS I 3 -22.75 -24.18 31.27
C LYS I 3 -22.03 -23.03 30.53
N VAL I 4 -21.19 -23.47 29.58
CA VAL I 4 -20.46 -22.57 28.69
C VAL I 4 -21.45 -21.69 27.93
N VAL I 5 -22.50 -22.28 27.35
CA VAL I 5 -23.42 -21.50 26.51
C VAL I 5 -24.08 -20.39 27.32
N GLU I 6 -24.51 -20.67 28.55
CA GLU I 6 -25.23 -19.66 29.29
C GLU I 6 -24.32 -18.54 29.77
N LEU I 7 -23.02 -18.81 29.96
CA LEU I 7 -22.05 -17.75 30.17
C LEU I 7 -21.80 -16.98 28.87
N LEU I 8 -21.68 -17.68 27.74
CA LEU I 8 -21.53 -17.01 26.45
C LEU I 8 -22.71 -16.07 26.20
N LYS I 9 -23.94 -16.54 26.48
CA LYS I 9 -25.11 -15.71 26.21
C LYS I 9 -25.18 -14.55 27.19
N GLN I 10 -24.71 -14.73 28.43
CA GLN I 10 -24.66 -13.62 29.37
C GLN I 10 -23.71 -12.52 28.90
N ILE I 11 -22.51 -12.91 28.44
CA ILE I 11 -21.59 -11.96 27.84
C ILE I 11 -22.27 -11.23 26.67
N GLN I 12 -23.02 -11.97 25.84
CA GLN I 12 -23.72 -11.36 24.71
C GLN I 12 -24.66 -10.22 25.17
N ALA I 13 -25.49 -10.49 26.18
CA ALA I 13 -26.44 -9.47 26.65
C ALA I 13 -25.74 -8.26 27.23
N ASP I 14 -24.70 -8.48 28.07
CA ASP I 14 -23.97 -7.36 28.67
C ASP I 14 -23.18 -6.58 27.63
N ALA I 15 -22.66 -7.27 26.61
CA ALA I 15 -21.94 -6.58 25.55
C ALA I 15 -22.82 -5.54 24.85
N SER I 16 -24.08 -5.91 24.55
CA SER I 16 -24.98 -5.00 23.84
C SER I 16 -25.34 -3.81 24.69
N VAL I 17 -25.51 -3.99 26.00
CA VAL I 17 -25.78 -2.83 26.84
C VAL I 17 -24.53 -1.98 26.98
N PHE I 18 -23.37 -2.63 27.18
CA PHE I 18 -22.12 -1.86 27.28
C PHE I 18 -21.82 -1.13 25.97
N TYR I 19 -22.12 -1.77 24.83
CA TYR I 19 -21.95 -1.14 23.52
C TYR I 19 -22.68 0.20 23.42
N VAL I 20 -23.92 0.28 23.91
CA VAL I 20 -24.65 1.53 23.83
C VAL I 20 -24.18 2.49 24.92
N LYS I 21 -23.87 1.97 26.10
CA LYS I 21 -23.39 2.81 27.19
C LYS I 21 -22.14 3.59 26.79
N VAL I 22 -21.24 2.95 26.06
CA VAL I 22 -20.00 3.61 25.65
C VAL I 22 -20.27 4.67 24.58
N HIS I 23 -21.31 4.47 23.75
CA HIS I 23 -21.72 5.53 22.81
C HIS I 23 -22.13 6.78 23.55
N ASN I 24 -22.81 6.62 24.68
CA ASN I 24 -23.21 7.76 25.49
C ASN I 24 -21.98 8.54 25.97
N PHE I 25 -20.99 7.81 26.53
CA PHE I 25 -19.71 8.43 26.91
C PHE I 25 -19.07 9.10 25.71
N HIS I 26 -19.14 8.43 24.56
CA HIS I 26 -18.53 8.94 23.33
C HIS I 26 -19.15 10.28 22.94
N TRP I 27 -20.46 10.43 23.13
CA TRP I 27 -21.11 11.66 22.69
C TRP I 27 -20.99 12.78 23.72
N ASN I 28 -20.98 12.45 25.01
CA ASN I 28 -21.24 13.45 26.03
C ASN I 28 -20.10 13.75 27.00
N VAL I 29 -18.88 13.30 26.72
CA VAL I 29 -17.71 13.73 27.48
C VAL I 29 -17.43 15.21 27.26
N LYS I 30 -17.11 15.94 28.33
CA LYS I 30 -16.78 17.35 28.19
C LYS I 30 -15.44 17.55 28.83
N GLY I 31 -14.89 18.73 28.63
CA GLY I 31 -13.67 19.13 29.31
C GLY I 31 -12.48 19.02 28.39
N MET I 32 -11.35 19.49 28.91
CA MET I 32 -10.16 19.70 28.08
C MET I 32 -9.66 18.42 27.43
N ASP I 33 -9.92 17.26 28.01
CA ASP I 33 -9.55 16.02 27.34
C ASP I 33 -10.64 15.47 26.43
N PHE I 34 -11.36 16.31 25.68
CA PHE I 34 -12.47 15.80 24.89
C PHE I 34 -11.99 14.84 23.80
N HIS I 35 -10.92 15.21 23.07
CA HIS I 35 -10.57 14.44 21.87
C HIS I 35 -10.09 13.02 22.19
N PRO I 36 -9.14 12.80 23.12
CA PRO I 36 -8.65 11.42 23.33
C PRO I 36 -9.70 10.47 23.90
N THR I 37 -10.52 10.89 24.85
CA THR I 37 -11.53 9.94 25.34
C THR I 37 -12.60 9.70 24.27
N HIS I 38 -12.93 10.75 23.50
CA HIS I 38 -13.85 10.59 22.36
C HIS I 38 -13.28 9.56 21.39
N LYS I 39 -12.00 9.70 21.04
CA LYS I 39 -11.34 8.69 20.22
C LYS I 39 -11.24 7.35 20.94
N ALA I 40 -11.01 7.37 22.25
CA ALA I 40 -10.82 6.12 23.01
C ALA I 40 -12.12 5.32 23.10
N THR I 41 -13.24 5.97 23.46
CA THR I 41 -14.53 5.29 23.57
C THR I 41 -15.00 4.69 22.25
N GLN I 42 -14.69 5.33 21.12
CA GLN I 42 -15.12 4.77 19.86
C GLN I 42 -14.44 3.44 19.57
N GLU I 43 -13.19 3.30 19.99
CA GLU I 43 -12.50 2.02 19.85
C GLU I 43 -13.05 0.96 20.80
N ILE I 44 -13.54 1.36 21.97
CA ILE I 44 -14.10 0.39 22.89
C ILE I 44 -15.43 -0.16 22.36
N TYR I 45 -16.34 0.71 21.89
CA TYR I 45 -17.62 0.16 21.44
C TYR I 45 -17.46 -0.61 20.14
N GLU I 46 -16.44 -0.28 19.35
CA GLU I 46 -16.15 -1.06 18.15
C GLU I 46 -15.58 -2.43 18.53
N GLN I 47 -14.88 -2.51 19.66
CA GLN I 47 -14.41 -3.82 20.09
C GLN I 47 -15.50 -4.68 20.71
N PHE I 48 -16.45 -4.07 21.41
CA PHE I 48 -17.52 -4.86 21.99
C PHE I 48 -18.60 -5.24 20.97
N ALA I 49 -18.74 -4.48 19.89
CA ALA I 49 -19.51 -4.99 18.76
C ALA I 49 -18.93 -6.30 18.25
N ASP I 50 -17.61 -6.42 18.32
CA ASP I 50 -16.95 -7.62 17.83
C ASP I 50 -17.07 -8.75 18.86
N VAL I 51 -17.03 -8.45 20.16
CA VAL I 51 -17.34 -9.45 21.17
C VAL I 51 -18.77 -9.95 21.04
N PHE I 52 -19.70 -9.02 20.78
CA PHE I 52 -21.11 -9.37 20.60
C PHE I 52 -21.31 -10.42 19.52
N ASP I 53 -20.64 -10.26 18.38
CA ASP I 53 -20.82 -11.19 17.26
C ASP I 53 -20.04 -12.49 17.48
N ASP I 54 -18.80 -12.42 18.00
CA ASP I 54 -18.02 -13.63 18.25
C ASP I 54 -18.74 -14.55 19.22
N VAL I 55 -19.23 -13.98 20.32
CA VAL I 55 -19.83 -14.75 21.40
C VAL I 55 -21.09 -15.47 20.94
N ALA I 56 -21.96 -14.77 20.19
CA ALA I 56 -23.19 -15.37 19.66
C ALA I 56 -22.91 -16.49 18.66
N GLU I 57 -21.94 -16.28 17.76
CA GLU I 57 -21.66 -17.33 16.78
C GLU I 57 -21.12 -18.58 17.44
N ARG I 58 -20.42 -18.45 18.57
CA ARG I 58 -19.92 -19.63 19.27
C ARG I 58 -21.07 -20.43 19.87
N VAL I 59 -22.11 -19.75 20.36
CA VAL I 59 -23.30 -20.45 20.81
C VAL I 59 -23.86 -21.32 19.69
N LEU I 60 -23.81 -20.82 18.44
CA LEU I 60 -24.36 -21.58 17.32
C LEU I 60 -23.47 -22.76 16.95
N GLN I 61 -22.15 -22.58 17.00
CA GLN I 61 -21.26 -23.70 16.75
C GLN I 61 -21.38 -24.77 17.81
N LEU I 62 -21.85 -24.41 19.00
CA LEU I 62 -22.18 -25.35 20.06
C LEU I 62 -23.60 -25.88 19.95
N GLY I 63 -24.32 -25.53 18.88
CA GLY I 63 -25.63 -26.14 18.67
C GLY I 63 -26.75 -25.54 19.48
N GLU I 64 -26.65 -24.27 19.86
CA GLU I 64 -27.71 -23.65 20.64
C GLU I 64 -28.04 -22.30 19.99
N MET I 65 -28.94 -21.57 20.65
CA MET I 65 -29.39 -20.28 20.13
C MET I 65 -28.94 -19.14 21.05
N PRO I 66 -28.33 -18.08 20.51
CA PRO I 66 -28.08 -16.88 21.33
C PRO I 66 -29.33 -16.01 21.37
N TYR I 67 -29.24 -14.91 22.10
CA TYR I 67 -30.34 -13.94 22.13
C TYR I 67 -30.46 -13.27 20.76
N VAL I 68 -31.71 -12.99 20.35
CA VAL I 68 -31.97 -12.37 19.06
C VAL I 68 -32.84 -11.13 19.15
N THR I 69 -33.18 -10.66 20.36
CA THR I 69 -33.96 -9.44 20.50
C THR I 69 -33.33 -8.53 21.55
N LEU I 70 -33.43 -7.23 21.34
CA LEU I 70 -32.98 -6.30 22.36
C LEU I 70 -33.80 -6.45 23.65
N ALA I 71 -35.07 -6.82 23.53
CA ALA I 71 -35.89 -7.01 24.71
C ALA I 71 -35.34 -8.10 25.60
N ASP I 72 -34.93 -9.24 25.03
CA ASP I 72 -34.39 -10.31 25.86
C ASP I 72 -33.04 -9.94 26.47
N MET I 73 -32.21 -9.21 25.72
CA MET I 73 -30.89 -8.88 26.23
C MET I 73 -30.98 -7.88 27.37
N LEU I 74 -31.94 -6.95 27.30
CA LEU I 74 -32.10 -6.01 28.41
C LEU I 74 -32.46 -6.73 29.70
N LYS I 75 -33.44 -7.63 29.64
CA LYS I 75 -33.81 -8.42 30.81
C LYS I 75 -32.65 -9.32 31.30
N ALA I 76 -31.66 -9.60 30.45
CA ALA I 76 -30.57 -10.48 30.85
C ALA I 76 -29.33 -9.73 31.29
N ALA I 77 -29.12 -8.51 30.81
CA ALA I 77 -27.89 -7.82 31.13
C ALA I 77 -27.87 -7.46 32.62
N LYS I 78 -26.71 -7.63 33.24
CA LYS I 78 -26.50 -7.12 34.59
C LYS I 78 -25.81 -5.76 34.58
N ILE I 79 -25.15 -5.40 33.48
CA ILE I 79 -24.54 -4.08 33.38
C ILE I 79 -25.62 -3.00 33.37
N LYS I 80 -25.39 -1.93 34.13
CA LYS I 80 -26.36 -0.86 34.28
C LYS I 80 -26.28 0.11 33.11
N GLU I 81 -27.46 0.54 32.66
CA GLU I 81 -27.61 1.62 31.68
C GLU I 81 -27.39 2.97 32.35
N GLU I 82 -26.92 3.91 31.55
CA GLU I 82 -26.53 5.24 32.04
C GLU I 82 -27.46 6.28 31.43
N SER I 83 -28.29 6.88 32.27
CA SER I 83 -29.26 7.86 31.84
C SER I 83 -28.70 9.27 31.89
N LYS I 84 -27.67 9.50 32.70
CA LYS I 84 -26.97 10.77 32.69
C LYS I 84 -26.41 11.06 31.29
N THR I 85 -26.15 12.33 31.04
CA THR I 85 -25.97 12.78 29.67
C THR I 85 -24.83 13.79 29.56
N SER I 86 -23.93 13.81 30.55
CA SER I 86 -22.78 14.71 30.58
C SER I 86 -21.74 14.13 31.53
N PHE I 87 -20.49 14.02 31.08
CA PHE I 87 -19.40 13.38 31.82
C PHE I 87 -18.10 14.13 31.61
N CYS I 88 -17.29 14.24 32.66
CA CYS I 88 -15.89 14.57 32.50
C CYS I 88 -15.07 13.28 32.30
N SER I 89 -13.80 13.44 31.91
CA SER I 89 -12.99 12.31 31.46
C SER I 89 -12.71 11.29 32.58
N LYS I 90 -12.58 11.73 33.82
CA LYS I 90 -12.20 10.77 34.84
C LYS I 90 -13.33 9.80 35.16
N GLU I 91 -14.59 10.26 35.21
CA GLU I 91 -15.59 9.27 35.59
C GLU I 91 -16.03 8.39 34.44
N ILE I 92 -15.64 8.69 33.20
CA ILE I 92 -15.77 7.68 32.16
C ILE I 92 -14.76 6.57 32.38
N ALA I 93 -13.50 6.95 32.71
CA ALA I 93 -12.47 5.96 33.01
C ALA I 93 -12.84 5.08 34.22
N GLN I 94 -13.40 5.69 35.27
CA GLN I 94 -13.82 4.87 36.40
C GLN I 94 -14.94 3.92 35.99
N ALA I 95 -15.88 4.41 35.17
CA ALA I 95 -16.99 3.58 34.72
C ALA I 95 -16.51 2.41 33.87
N VAL I 96 -15.59 2.66 32.94
CA VAL I 96 -15.11 1.60 32.07
C VAL I 96 -14.28 0.60 32.89
N LEU I 97 -13.50 1.11 33.85
CA LEU I 97 -12.73 0.23 34.74
C LEU I 97 -13.64 -0.72 35.50
N ALA I 98 -14.76 -0.21 36.03
CA ALA I 98 -15.69 -1.07 36.76
C ALA I 98 -16.32 -2.12 35.85
N ASP I 99 -16.71 -1.72 34.63
CA ASP I 99 -17.31 -2.71 33.74
C ASP I 99 -16.30 -3.72 33.25
N TYR I 100 -15.03 -3.31 33.07
CA TYR I 100 -13.99 -4.25 32.66
C TYR I 100 -13.75 -5.32 33.73
N GLU I 101 -13.80 -4.94 35.00
CA GLU I 101 -13.61 -5.95 36.03
C GLU I 101 -14.76 -6.94 36.06
N TYR I 102 -15.97 -6.50 35.73
CA TYR I 102 -17.10 -7.44 35.63
C TYR I 102 -16.94 -8.39 34.44
N PHE I 103 -16.56 -7.87 33.27
CA PHE I 103 -16.34 -8.73 32.11
C PHE I 103 -15.20 -9.70 32.36
N LEU I 104 -14.17 -9.25 33.08
CA LEU I 104 -13.01 -10.10 33.36
C LEU I 104 -13.40 -11.33 34.19
N LYS I 105 -14.17 -11.13 35.27
CA LYS I 105 -14.67 -12.27 36.04
C LYS I 105 -15.49 -13.21 35.17
N LEU I 106 -16.35 -12.65 34.31
CA LEU I 106 -17.18 -13.43 33.42
C LEU I 106 -16.35 -14.28 32.47
N PHE I 107 -15.35 -13.68 31.83
CA PHE I 107 -14.51 -14.45 30.92
C PHE I 107 -13.63 -15.44 31.69
N THR I 108 -13.20 -15.11 32.91
CA THR I 108 -12.45 -16.08 33.71
C THR I 108 -13.32 -17.28 34.09
N GLU I 109 -14.56 -17.05 34.49
CA GLU I 109 -15.48 -18.16 34.67
C GLU I 109 -15.65 -18.95 33.37
N LEU I 110 -15.88 -18.25 32.26
CA LEU I 110 -16.09 -18.94 30.99
C LEU I 110 -14.92 -19.87 30.66
N SER I 111 -13.70 -19.41 30.88
CA SER I 111 -12.55 -20.25 30.59
C SER I 111 -12.53 -21.48 31.51
N ALA I 112 -12.76 -21.27 32.81
CA ALA I 112 -12.71 -22.39 33.77
C ALA I 112 -13.77 -23.44 33.44
N GLN I 113 -14.98 -23.01 33.09
CA GLN I 113 -16.01 -23.96 32.72
C GLN I 113 -15.68 -24.65 31.41
N ALA I 114 -15.15 -23.91 30.42
CA ALA I 114 -14.86 -24.54 29.14
C ALA I 114 -13.79 -25.62 29.28
N ASP I 115 -12.72 -25.34 30.03
CA ASP I 115 -11.67 -26.34 30.21
C ASP I 115 -12.15 -27.54 31.01
N SER I 116 -13.06 -27.31 31.95
CA SER I 116 -13.65 -28.41 32.73
C SER I 116 -14.33 -29.42 31.82
N GLN I 117 -15.01 -28.94 30.78
CA GLN I 117 -15.75 -29.77 29.85
C GLN I 117 -14.90 -30.22 28.67
N GLY I 118 -13.65 -29.81 28.59
CA GLY I 118 -12.88 -30.16 27.42
C GLY I 118 -13.15 -29.30 26.22
N ASP I 119 -13.81 -28.15 26.39
CA ASP I 119 -14.07 -27.20 25.30
C ASP I 119 -12.88 -26.24 25.26
N LYS I 120 -11.81 -26.67 24.62
CA LYS I 120 -10.60 -25.86 24.62
C LYS I 120 -10.71 -24.66 23.71
N VAL I 121 -11.53 -24.76 22.65
CA VAL I 121 -11.73 -23.63 21.75
C VAL I 121 -12.39 -22.47 22.48
N SER I 122 -13.48 -22.74 23.19
CA SER I 122 -14.14 -21.68 23.94
C SER I 122 -13.22 -21.12 25.01
N ALA I 123 -12.42 -21.98 25.63
CA ALA I 123 -11.47 -21.54 26.66
C ALA I 123 -10.37 -20.66 26.06
N ALA I 124 -9.86 -21.02 24.88
CA ALA I 124 -8.81 -20.22 24.26
C ALA I 124 -9.32 -18.82 23.94
N TYR I 125 -10.54 -18.72 23.39
CA TYR I 125 -11.14 -17.42 23.15
C TYR I 125 -11.26 -16.62 24.45
N ALA I 126 -11.73 -17.27 25.52
CA ALA I 126 -11.88 -16.57 26.79
C ALA I 126 -10.54 -16.12 27.36
N ASP I 127 -9.50 -16.95 27.24
CA ASP I 127 -8.17 -16.57 27.74
C ASP I 127 -7.63 -15.35 27.01
N ASP I 128 -7.93 -15.23 25.70
CA ASP I 128 -7.57 -14.01 24.98
C ASP I 128 -8.30 -12.79 25.53
N LYS I 129 -9.59 -12.90 25.78
CA LYS I 129 -10.27 -11.72 26.32
C LYS I 129 -9.78 -11.41 27.73
N VAL I 130 -9.47 -12.45 28.52
CA VAL I 130 -8.94 -12.21 29.87
C VAL I 130 -7.64 -11.42 29.80
N GLY I 131 -6.74 -11.83 28.90
CA GLY I 131 -5.48 -11.11 28.77
C GLY I 131 -5.66 -9.68 28.33
N GLU I 132 -6.53 -9.44 27.34
CA GLU I 132 -6.76 -8.08 26.88
C GLU I 132 -7.42 -7.21 27.96
N LEU I 133 -8.33 -7.78 28.75
CA LEU I 133 -8.92 -7.01 29.84
C LEU I 133 -7.91 -6.75 30.95
N GLN I 134 -7.06 -7.74 31.26
CA GLN I 134 -6.04 -7.51 32.28
C GLN I 134 -5.09 -6.42 31.87
N LYS I 135 -4.71 -6.37 30.59
CA LYS I 135 -3.81 -5.31 30.15
C LYS I 135 -4.50 -3.95 30.26
N ALA I 136 -5.75 -3.86 29.79
CA ALA I 136 -6.48 -2.59 29.82
C ALA I 136 -6.76 -2.14 31.25
N ILE I 137 -7.14 -3.09 32.13
CA ILE I 137 -7.39 -2.75 33.53
C ILE I 137 -6.14 -2.15 34.18
N TRP I 138 -4.99 -2.81 34.01
CA TRP I 138 -3.75 -2.21 34.52
C TRP I 138 -3.54 -0.79 34.01
N MET I 139 -3.80 -0.54 32.71
CA MET I 139 -3.58 0.81 32.18
C MET I 139 -4.59 1.81 32.73
N LEU I 140 -5.83 1.39 32.95
CA LEU I 140 -6.81 2.29 33.55
C LEU I 140 -6.44 2.65 34.99
N LYS I 141 -5.96 1.67 35.77
CA LYS I 141 -5.56 1.95 37.16
C LYS I 141 -4.38 2.91 37.21
N SER I 142 -3.46 2.82 36.26
CA SER I 142 -2.34 3.74 36.23
C SER I 142 -2.82 5.16 35.95
N GLN I 143 -3.83 5.29 35.09
CA GLN I 143 -4.34 6.61 34.73
C GLN I 143 -5.16 7.23 35.86
N LEU I 144 -5.85 6.40 36.66
CA LEU I 144 -6.61 6.89 37.79
C LEU I 144 -5.80 7.03 39.06
N ALA I 145 -4.53 6.60 39.05
CA ALA I 145 -3.71 6.63 40.25
C ALA I 145 -3.62 8.06 40.75
N LYS J 3 -6.41 -9.45 -44.93
CA LYS J 3 -5.69 -8.41 -44.18
C LYS J 3 -5.99 -8.47 -42.70
N VAL J 4 -4.94 -8.34 -41.87
CA VAL J 4 -5.13 -8.30 -40.43
C VAL J 4 -5.95 -7.07 -40.03
N VAL J 5 -5.78 -5.95 -40.73
CA VAL J 5 -6.48 -4.71 -40.36
C VAL J 5 -8.00 -4.86 -40.45
N GLU J 6 -8.53 -5.50 -41.50
CA GLU J 6 -9.99 -5.69 -41.55
C GLU J 6 -10.46 -6.51 -40.36
N LEU J 7 -9.68 -7.52 -40.00
CA LEU J 7 -10.05 -8.40 -38.90
C LEU J 7 -9.98 -7.64 -37.57
N LEU J 8 -8.95 -6.82 -37.39
CA LEU J 8 -8.91 -5.95 -36.21
C LEU J 8 -10.11 -5.03 -36.17
N LYS J 9 -10.50 -4.47 -37.33
CA LYS J 9 -11.61 -3.53 -37.36
C LYS J 9 -12.93 -4.24 -37.15
N GLN J 10 -13.04 -5.50 -37.56
CA GLN J 10 -14.24 -6.25 -37.23
C GLN J 10 -14.34 -6.46 -35.73
N ILE J 11 -13.24 -6.88 -35.10
CA ILE J 11 -13.21 -7.02 -33.65
C ILE J 11 -13.58 -5.71 -32.97
N GLN J 12 -13.05 -4.59 -33.48
CA GLN J 12 -13.37 -3.29 -32.91
C GLN J 12 -14.87 -3.01 -32.94
N ALA J 13 -15.50 -3.22 -34.10
CA ALA J 13 -16.93 -2.93 -34.24
C ALA J 13 -17.77 -3.84 -33.35
N ASP J 14 -17.44 -5.13 -33.31
CA ASP J 14 -18.16 -6.03 -32.43
C ASP J 14 -17.88 -5.74 -30.95
N ALA J 15 -16.66 -5.32 -30.61
CA ALA J 15 -16.35 -4.98 -29.22
C ALA J 15 -17.24 -3.84 -28.72
N SER J 16 -17.42 -2.79 -29.52
CA SER J 16 -18.23 -1.68 -29.04
C SER J 16 -19.70 -2.07 -28.89
N VAL J 17 -20.20 -2.92 -29.79
CA VAL J 17 -21.60 -3.39 -29.67
C VAL J 17 -21.73 -4.35 -28.50
N PHE J 18 -20.77 -5.24 -28.31
CA PHE J 18 -20.79 -6.11 -27.15
C PHE J 18 -20.69 -5.32 -25.86
N TYR J 19 -19.91 -4.25 -25.87
CA TYR J 19 -19.78 -3.37 -24.71
C TYR J 19 -21.13 -2.87 -24.19
N VAL J 20 -22.02 -2.43 -25.09
CA VAL J 20 -23.31 -1.90 -24.66
C VAL J 20 -24.25 -3.02 -24.26
N LYS J 21 -24.28 -4.09 -25.03
CA LYS J 21 -25.16 -5.20 -24.72
C LYS J 21 -24.88 -5.70 -23.32
N VAL J 22 -23.61 -5.73 -22.92
CA VAL J 22 -23.27 -6.18 -21.58
C VAL J 22 -23.72 -5.18 -20.52
N HIS J 23 -23.71 -3.89 -20.83
CA HIS J 23 -24.30 -2.94 -19.90
C HIS J 23 -25.77 -3.27 -19.66
N ASN J 24 -26.47 -3.67 -20.73
CA ASN J 24 -27.88 -4.03 -20.63
C ASN J 24 -28.08 -5.24 -19.72
N PHE J 25 -27.31 -6.31 -19.94
CA PHE J 25 -27.35 -7.43 -19.00
C PHE J 25 -27.04 -6.97 -17.59
N HIS J 26 -26.07 -6.05 -17.47
CA HIS J 26 -25.64 -5.55 -16.17
C HIS J 26 -26.75 -4.86 -15.42
N TRP J 27 -27.58 -4.10 -16.13
CA TRP J 27 -28.61 -3.30 -15.48
C TRP J 27 -29.86 -4.13 -15.19
N ASN J 28 -30.20 -5.07 -16.07
CA ASN J 28 -31.55 -5.62 -16.07
C ASN J 28 -31.63 -7.08 -15.71
N VAL J 29 -30.57 -7.63 -15.11
CA VAL J 29 -30.67 -8.97 -14.54
C VAL J 29 -31.67 -8.97 -13.38
N LYS J 30 -32.47 -10.03 -13.31
CA LYS J 30 -33.45 -10.24 -12.27
C LYS J 30 -33.12 -11.54 -11.56
N GLY J 31 -33.72 -11.75 -10.40
CA GLY J 31 -33.67 -13.03 -9.75
C GLY J 31 -32.69 -13.07 -8.59
N MET J 32 -32.83 -14.14 -7.79
CA MET J 32 -32.09 -14.25 -6.53
C MET J 32 -30.59 -14.22 -6.75
N ASP J 33 -30.16 -14.16 -8.00
CA ASP J 33 -28.74 -14.21 -8.37
C ASP J 33 -28.36 -12.88 -9.01
N PHE J 34 -28.99 -11.79 -8.55
CA PHE J 34 -28.74 -10.48 -9.14
C PHE J 34 -27.32 -10.04 -8.87
N HIS J 35 -26.88 -10.14 -7.62
CA HIS J 35 -25.62 -9.52 -7.24
C HIS J 35 -24.40 -10.14 -7.93
N PRO J 36 -24.20 -11.47 -7.90
CA PRO J 36 -23.01 -12.01 -8.59
C PRO J 36 -22.94 -11.65 -10.07
N THR J 37 -24.09 -11.66 -10.74
CA THR J 37 -24.13 -11.35 -12.17
C THR J 37 -23.86 -9.87 -12.43
N HIS J 38 -24.44 -8.99 -11.59
CA HIS J 38 -24.20 -7.55 -11.71
C HIS J 38 -22.71 -7.25 -11.61
N LYS J 39 -22.02 -7.87 -10.66
CA LYS J 39 -20.57 -7.70 -10.53
C LYS J 39 -19.82 -8.29 -11.73
N ALA J 40 -20.21 -9.48 -12.19
CA ALA J 40 -19.49 -10.13 -13.28
C ALA J 40 -19.63 -9.38 -14.61
N THR J 41 -20.84 -8.92 -14.94
CA THR J 41 -21.02 -8.17 -16.18
C THR J 41 -20.19 -6.89 -16.21
N GLN J 42 -20.00 -6.24 -15.05
CA GLN J 42 -19.26 -4.99 -15.04
C GLN J 42 -17.78 -5.21 -15.35
N GLU J 43 -17.22 -6.35 -14.95
CA GLU J 43 -15.84 -6.65 -15.33
C GLU J 43 -15.72 -6.97 -16.82
N ILE J 44 -16.74 -7.61 -17.39
CA ILE J 44 -16.68 -7.96 -18.81
C ILE J 44 -16.65 -6.69 -19.67
N TYR J 45 -17.54 -5.73 -19.40
CA TYR J 45 -17.56 -4.58 -20.30
C TYR J 45 -16.35 -3.68 -20.09
N GLU J 46 -15.72 -3.71 -18.91
CA GLU J 46 -14.49 -2.94 -18.76
C GLU J 46 -13.33 -3.59 -19.48
N GLN J 47 -13.33 -4.92 -19.57
CA GLN J 47 -12.28 -5.61 -20.31
C GLN J 47 -12.49 -5.52 -21.81
N PHE J 48 -13.74 -5.45 -22.27
CA PHE J 48 -13.97 -5.22 -23.69
C PHE J 48 -13.79 -3.76 -24.08
N ALA J 49 -13.93 -2.81 -23.13
CA ALA J 49 -13.45 -1.46 -23.40
C ALA J 49 -11.95 -1.45 -23.68
N ASP J 50 -11.20 -2.34 -23.03
CA ASP J 50 -9.77 -2.37 -23.27
C ASP J 50 -9.47 -3.01 -24.61
N VAL J 51 -10.23 -4.06 -24.98
CA VAL J 51 -10.11 -4.64 -26.31
C VAL J 51 -10.44 -3.60 -27.38
N PHE J 52 -11.49 -2.82 -27.17
CA PHE J 52 -11.86 -1.79 -28.13
C PHE J 52 -10.67 -0.87 -28.43
N ASP J 53 -9.96 -0.45 -27.38
CA ASP J 53 -8.86 0.49 -27.53
C ASP J 53 -7.60 -0.16 -28.13
N ASP J 54 -7.26 -1.37 -27.70
CA ASP J 54 -6.05 -2.03 -28.20
C ASP J 54 -6.12 -2.25 -29.71
N VAL J 55 -7.23 -2.79 -30.19
CA VAL J 55 -7.33 -3.11 -31.61
C VAL J 55 -7.25 -1.84 -32.44
N ALA J 56 -7.91 -0.77 -32.00
CA ALA J 56 -7.85 0.47 -32.77
C ALA J 56 -6.41 0.96 -32.87
N GLU J 57 -5.70 0.95 -31.76
CA GLU J 57 -4.32 1.38 -31.76
C GLU J 57 -3.43 0.43 -32.54
N ARG J 58 -3.79 -0.85 -32.60
CA ARG J 58 -3.00 -1.73 -33.43
C ARG J 58 -3.23 -1.42 -34.91
N VAL J 59 -4.46 -1.07 -35.29
CA VAL J 59 -4.69 -0.64 -36.67
C VAL J 59 -3.81 0.57 -37.02
N LEU J 60 -3.68 1.54 -36.10
CA LEU J 60 -2.92 2.75 -36.43
C LEU J 60 -1.44 2.48 -36.56
N GLN J 61 -0.88 1.62 -35.69
CA GLN J 61 0.52 1.25 -35.80
C GLN J 61 0.80 0.52 -37.11
N LEU J 62 -0.23 -0.09 -37.69
CA LEU J 62 -0.08 -0.69 -39.00
C LEU J 62 -0.31 0.29 -40.13
N GLY J 63 -0.56 1.56 -39.81
CA GLY J 63 -0.66 2.58 -40.84
C GLY J 63 -2.00 2.66 -41.54
N GLU J 64 -3.07 2.28 -40.84
CA GLU J 64 -4.43 2.30 -41.37
C GLU J 64 -5.30 3.05 -40.37
N MET J 65 -6.59 3.20 -40.70
CA MET J 65 -7.51 3.88 -39.81
C MET J 65 -8.56 2.94 -39.26
N PRO J 66 -8.81 2.96 -37.95
CA PRO J 66 -9.93 2.22 -37.37
C PRO J 66 -11.23 3.00 -37.53
N TYR J 67 -12.33 2.41 -37.09
CA TYR J 67 -13.60 3.14 -37.07
C TYR J 67 -13.56 4.24 -36.00
N VAL J 68 -14.25 5.34 -36.27
CA VAL J 68 -14.29 6.44 -35.30
C VAL J 68 -15.73 6.90 -35.04
N THR J 69 -16.72 6.20 -35.59
CA THR J 69 -18.11 6.57 -35.33
C THR J 69 -18.91 5.34 -34.96
N LEU J 70 -19.92 5.55 -34.11
CA LEU J 70 -20.87 4.49 -33.80
C LEU J 70 -21.68 4.06 -35.03
N ALA J 71 -22.00 5.00 -35.94
CA ALA J 71 -22.76 4.64 -37.13
C ALA J 71 -22.02 3.59 -37.98
N ASP J 72 -20.71 3.75 -38.17
CA ASP J 72 -19.97 2.75 -38.93
C ASP J 72 -19.83 1.44 -38.17
N MET J 73 -19.67 1.53 -36.83
CA MET J 73 -19.49 0.31 -36.06
C MET J 73 -20.76 -0.52 -35.98
N LEU J 74 -21.93 0.12 -35.94
CA LEU J 74 -23.17 -0.63 -35.94
C LEU J 74 -23.35 -1.38 -37.25
N LYS J 75 -23.00 -0.76 -38.37
CA LYS J 75 -23.08 -1.42 -39.67
C LYS J 75 -22.20 -2.66 -39.69
N ALA J 76 -20.92 -2.49 -39.37
CA ALA J 76 -19.96 -3.55 -39.52
C ALA J 76 -20.18 -4.68 -38.52
N ALA J 77 -20.79 -4.38 -37.38
CA ALA J 77 -20.85 -5.34 -36.29
C ALA J 77 -21.75 -6.53 -36.64
N LYS J 78 -21.28 -7.73 -36.31
CA LYS J 78 -22.07 -8.95 -36.37
C LYS J 78 -22.59 -9.38 -35.00
N ILE J 79 -22.11 -8.77 -33.91
CA ILE J 79 -22.79 -8.89 -32.62
C ILE J 79 -24.17 -8.26 -32.76
N LYS J 80 -25.19 -9.03 -32.39
CA LYS J 80 -26.57 -8.53 -32.41
C LYS J 80 -26.84 -7.76 -31.14
N GLU J 81 -27.44 -6.59 -31.27
CA GLU J 81 -27.92 -5.83 -30.12
C GLU J 81 -29.13 -6.54 -29.51
N GLU J 82 -29.33 -6.32 -28.22
CA GLU J 82 -30.40 -6.96 -27.47
C GLU J 82 -31.39 -5.90 -26.99
N SER J 83 -32.62 -5.95 -27.48
CA SER J 83 -33.59 -4.92 -27.14
C SER J 83 -34.48 -5.25 -25.95
N LYS J 84 -34.34 -6.44 -25.38
CA LYS J 84 -35.05 -6.82 -24.16
C LYS J 84 -34.49 -6.08 -22.94
N THR J 85 -35.33 -5.95 -21.90
CA THR J 85 -34.94 -5.19 -20.71
C THR J 85 -35.11 -5.99 -19.41
N SER J 86 -35.13 -7.30 -19.49
CA SER J 86 -35.26 -8.15 -18.31
C SER J 86 -34.70 -9.53 -18.63
N PHE J 87 -33.77 -10.01 -17.80
CA PHE J 87 -33.08 -11.27 -18.06
C PHE J 87 -32.86 -12.00 -16.76
N CYS J 88 -33.00 -13.32 -16.78
CA CYS J 88 -32.46 -14.15 -15.71
C CYS J 88 -31.00 -14.44 -16.01
N SER J 89 -30.31 -14.96 -14.99
CA SER J 89 -28.87 -15.14 -15.02
C SER J 89 -28.45 -16.19 -16.05
N LYS J 90 -29.12 -17.34 -16.06
CA LYS J 90 -28.82 -18.35 -17.07
C LYS J 90 -28.93 -17.78 -18.49
N GLU J 91 -29.92 -16.91 -18.73
CA GLU J 91 -30.05 -16.28 -20.04
C GLU J 91 -28.81 -15.45 -20.38
N ILE J 92 -28.31 -14.68 -19.41
CA ILE J 92 -27.13 -13.87 -19.67
C ILE J 92 -25.91 -14.75 -19.97
N ALA J 93 -25.72 -15.83 -19.20
CA ALA J 93 -24.59 -16.73 -19.45
C ALA J 93 -24.65 -17.32 -20.86
N GLN J 94 -25.85 -17.72 -21.32
CA GLN J 94 -26.03 -18.20 -22.68
C GLN J 94 -25.60 -17.15 -23.72
N ALA J 95 -26.14 -15.94 -23.59
CA ALA J 95 -25.76 -14.86 -24.49
C ALA J 95 -24.25 -14.63 -24.50
N VAL J 96 -23.64 -14.58 -23.30
CA VAL J 96 -22.22 -14.27 -23.25
C VAL J 96 -21.39 -15.42 -23.83
N LEU J 97 -21.78 -16.68 -23.54
CA LEU J 97 -21.08 -17.81 -24.13
C LEU J 97 -21.14 -17.79 -25.66
N ALA J 98 -22.30 -17.46 -26.24
CA ALA J 98 -22.39 -17.43 -27.69
C ALA J 98 -21.49 -16.36 -28.28
N ASP J 99 -21.44 -15.19 -27.66
CA ASP J 99 -20.58 -14.14 -28.20
C ASP J 99 -19.10 -14.46 -28.01
N TYR J 100 -18.75 -15.12 -26.90
CA TYR J 100 -17.36 -15.49 -26.68
C TYR J 100 -16.87 -16.48 -27.73
N GLU J 101 -17.70 -17.44 -28.12
CA GLU J 101 -17.30 -18.34 -29.18
C GLU J 101 -17.15 -17.59 -30.51
N TYR J 102 -17.94 -16.53 -30.71
CA TYR J 102 -17.76 -15.68 -31.90
C TYR J 102 -16.44 -14.90 -31.85
N PHE J 103 -16.13 -14.29 -30.70
CA PHE J 103 -14.85 -13.59 -30.55
C PHE J 103 -13.67 -14.56 -30.63
N LEU J 104 -13.85 -15.77 -30.09
CA LEU J 104 -12.80 -16.77 -30.19
C LEU J 104 -12.48 -17.09 -31.65
N LYS J 105 -13.51 -17.41 -32.44
CA LYS J 105 -13.34 -17.62 -33.88
C LYS J 105 -12.66 -16.42 -34.52
N LEU J 106 -13.20 -15.24 -34.23
CA LEU J 106 -12.67 -14.01 -34.79
C LEU J 106 -11.19 -13.84 -34.47
N PHE J 107 -10.78 -14.12 -33.22
CA PHE J 107 -9.37 -13.97 -32.84
C PHE J 107 -8.49 -15.07 -33.41
N THR J 108 -9.03 -16.28 -33.58
CA THR J 108 -8.25 -17.34 -34.20
C THR J 108 -7.88 -17.01 -35.65
N GLU J 109 -8.82 -16.46 -36.42
CA GLU J 109 -8.45 -16.06 -37.78
C GLU J 109 -7.41 -14.95 -37.74
N LEU J 110 -7.52 -13.99 -36.83
CA LEU J 110 -6.51 -12.94 -36.74
C LEU J 110 -5.13 -13.51 -36.54
N SER J 111 -4.99 -14.47 -35.64
CA SER J 111 -3.68 -15.03 -35.39
C SER J 111 -3.14 -15.74 -36.62
N ALA J 112 -3.96 -16.59 -37.24
CA ALA J 112 -3.51 -17.36 -38.39
C ALA J 112 -3.09 -16.46 -39.53
N GLN J 113 -3.87 -15.43 -39.84
CA GLN J 113 -3.53 -14.57 -40.96
C GLN J 113 -2.32 -13.67 -40.65
N ALA J 114 -2.24 -13.16 -39.42
CA ALA J 114 -1.09 -12.32 -39.06
C ALA J 114 0.21 -13.10 -39.15
N ASP J 115 0.21 -14.37 -38.71
CA ASP J 115 1.41 -15.18 -38.86
C ASP J 115 1.74 -15.44 -40.34
N SER J 116 0.71 -15.55 -41.19
CA SER J 116 0.94 -15.73 -42.62
C SER J 116 1.76 -14.61 -43.21
N GLN J 117 1.67 -13.42 -42.66
CA GLN J 117 2.41 -12.26 -43.16
C GLN J 117 3.64 -11.96 -42.33
N GLY J 118 3.98 -12.82 -41.36
CA GLY J 118 5.10 -12.53 -40.49
C GLY J 118 4.84 -11.44 -39.47
N ASP J 119 3.56 -11.08 -39.28
CA ASP J 119 3.14 -10.08 -38.30
C ASP J 119 2.92 -10.80 -36.99
N LYS J 120 4.03 -11.11 -36.31
CA LYS J 120 3.94 -11.88 -35.09
C LYS J 120 3.41 -11.07 -33.91
N VAL J 121 3.53 -9.75 -33.96
CA VAL J 121 3.00 -8.90 -32.89
C VAL J 121 1.48 -9.04 -32.83
N SER J 122 0.80 -8.91 -33.98
CA SER J 122 -0.65 -9.06 -34.01
C SER J 122 -1.07 -10.45 -33.60
N ALA J 123 -0.31 -11.48 -34.01
CA ALA J 123 -0.62 -12.87 -33.68
C ALA J 123 -0.46 -13.14 -32.18
N ALA J 124 0.58 -12.58 -31.56
CA ALA J 124 0.77 -12.78 -30.13
C ALA J 124 -0.35 -12.14 -29.33
N TYR J 125 -0.73 -10.91 -29.68
CA TYR J 125 -1.88 -10.30 -29.01
C TYR J 125 -3.12 -11.14 -29.18
N ALA J 126 -3.37 -11.64 -30.39
CA ALA J 126 -4.57 -12.44 -30.64
C ALA J 126 -4.52 -13.76 -29.87
N ASP J 127 -3.34 -14.39 -29.81
CA ASP J 127 -3.22 -15.65 -29.09
C ASP J 127 -3.48 -15.48 -27.61
N ASP J 128 -3.11 -14.33 -27.03
CA ASP J 128 -3.45 -14.09 -25.64
C ASP J 128 -4.95 -14.05 -25.47
N LYS J 129 -5.65 -13.37 -26.39
CA LYS J 129 -7.10 -13.29 -26.31
C LYS J 129 -7.76 -14.64 -26.56
N VAL J 130 -7.19 -15.47 -27.44
CA VAL J 130 -7.73 -16.80 -27.67
C VAL J 130 -7.70 -17.61 -26.39
N GLY J 131 -6.60 -17.55 -25.66
CA GLY J 131 -6.51 -18.27 -24.39
C GLY J 131 -7.48 -17.73 -23.34
N GLU J 132 -7.62 -16.41 -23.26
CA GLU J 132 -8.57 -15.86 -22.31
C GLU J 132 -10.00 -16.30 -22.64
N LEU J 133 -10.35 -16.30 -23.94
CA LEU J 133 -11.69 -16.71 -24.33
C LEU J 133 -11.90 -18.22 -24.14
N GLN J 134 -10.89 -19.04 -24.43
CA GLN J 134 -11.03 -20.48 -24.20
C GLN J 134 -11.24 -20.81 -22.72
N LYS J 135 -10.55 -20.09 -21.82
CA LYS J 135 -10.73 -20.29 -20.38
C LYS J 135 -12.12 -19.86 -19.95
N ALA J 136 -12.56 -18.66 -20.37
CA ALA J 136 -13.89 -18.18 -19.99
C ALA J 136 -15.00 -19.05 -20.58
N ILE J 137 -14.83 -19.50 -21.83
CA ILE J 137 -15.83 -20.39 -22.43
C ILE J 137 -15.95 -21.69 -21.65
N TRP J 138 -14.80 -22.28 -21.27
CA TRP J 138 -14.86 -23.48 -20.45
C TRP J 138 -15.65 -23.24 -19.17
N MET J 139 -15.42 -22.09 -18.52
CA MET J 139 -16.14 -21.81 -17.28
C MET J 139 -17.64 -21.61 -17.51
N LEU J 140 -18.00 -20.93 -18.60
CA LEU J 140 -19.43 -20.74 -18.87
C LEU J 140 -20.11 -22.06 -19.22
N LYS J 141 -19.44 -22.93 -19.98
CA LYS J 141 -20.04 -24.23 -20.30
C LYS J 141 -20.28 -25.05 -19.04
N SER J 142 -19.36 -25.00 -18.07
CA SER J 142 -19.56 -25.70 -16.81
C SER J 142 -20.69 -25.10 -16.00
N GLN J 143 -20.85 -23.78 -16.05
CA GLN J 143 -21.91 -23.15 -15.28
C GLN J 143 -23.27 -23.45 -15.89
N LEU J 144 -23.36 -23.60 -17.20
CA LEU J 144 -24.62 -23.96 -17.82
C LEU J 144 -24.87 -25.46 -17.83
N ALA J 145 -23.87 -26.27 -17.48
CA ALA J 145 -24.00 -27.72 -17.53
C ALA J 145 -25.02 -28.23 -16.51
N LYS K 3 0.37 -36.05 -28.97
CA LYS K 3 -0.88 -35.43 -28.51
C LYS K 3 -0.62 -34.34 -27.48
N VAL K 4 -1.32 -33.21 -27.62
CA VAL K 4 -1.17 -32.14 -26.63
C VAL K 4 -1.73 -32.59 -25.27
N VAL K 5 -2.90 -33.22 -25.26
CA VAL K 5 -3.51 -33.57 -23.98
C VAL K 5 -2.65 -34.58 -23.22
N GLU K 6 -2.07 -35.57 -23.92
CA GLU K 6 -1.36 -36.61 -23.19
C GLU K 6 0.01 -36.14 -22.71
N LEU K 7 0.60 -35.17 -23.40
CA LEU K 7 1.80 -34.49 -22.90
C LEU K 7 1.48 -33.64 -21.67
N LEU K 8 0.36 -32.90 -21.72
CA LEU K 8 -0.05 -32.11 -20.56
C LEU K 8 -0.31 -32.99 -19.34
N LYS K 9 -0.93 -34.15 -19.55
CA LYS K 9 -1.24 -35.01 -18.40
C LYS K 9 0.03 -35.63 -17.83
N GLN K 10 1.07 -35.80 -18.65
CA GLN K 10 2.34 -36.26 -18.10
C GLN K 10 2.95 -35.19 -17.20
N ILE K 11 3.01 -33.95 -17.68
CA ILE K 11 3.48 -32.84 -16.87
C ILE K 11 2.70 -32.78 -15.56
N GLN K 12 1.38 -32.99 -15.64
CA GLN K 12 0.54 -32.98 -14.45
C GLN K 12 0.99 -34.02 -13.44
N ALA K 13 1.17 -35.27 -13.88
CA ALA K 13 1.55 -36.34 -12.96
C ALA K 13 2.94 -36.10 -12.37
N ASP K 14 3.89 -35.70 -13.21
CA ASP K 14 5.24 -35.42 -12.74
C ASP K 14 5.27 -34.18 -11.85
N ALA K 15 4.41 -33.19 -12.11
CA ALA K 15 4.37 -32.02 -11.25
C ALA K 15 4.02 -32.42 -9.83
N SER K 16 3.00 -33.24 -9.65
CA SER K 16 2.56 -33.58 -8.30
C SER K 16 3.62 -34.37 -7.54
N VAL K 17 4.36 -35.26 -8.23
CA VAL K 17 5.45 -35.98 -7.60
C VAL K 17 6.62 -35.03 -7.32
N PHE K 18 6.91 -34.14 -8.26
CA PHE K 18 7.99 -33.18 -8.00
C PHE K 18 7.64 -32.27 -6.83
N TYR K 19 6.36 -31.91 -6.71
CA TYR K 19 5.88 -31.07 -5.61
C TYR K 19 6.23 -31.64 -4.25
N VAL K 20 6.01 -32.95 -4.07
CA VAL K 20 6.27 -33.56 -2.76
C VAL K 20 7.76 -33.77 -2.56
N LYS K 21 8.45 -34.18 -3.62
CA LYS K 21 9.90 -34.38 -3.54
C LYS K 21 10.59 -33.11 -3.07
N VAL K 22 10.14 -31.95 -3.57
CA VAL K 22 10.74 -30.68 -3.18
C VAL K 22 10.41 -30.30 -1.74
N HIS K 23 9.24 -30.72 -1.22
CA HIS K 23 8.97 -30.53 0.21
C HIS K 23 9.99 -31.28 1.06
N ASN K 24 10.40 -32.48 0.62
CA ASN K 24 11.38 -33.26 1.36
C ASN K 24 12.73 -32.51 1.39
N PHE K 25 13.16 -31.98 0.24
CA PHE K 25 14.34 -31.12 0.21
C PHE K 25 14.15 -29.92 1.13
N HIS K 26 12.95 -29.38 1.16
CA HIS K 26 12.65 -28.22 1.99
C HIS K 26 12.82 -28.56 3.47
N TRP K 27 12.37 -29.75 3.87
CA TRP K 27 12.34 -30.12 5.28
C TRP K 27 13.67 -30.65 5.79
N ASN K 28 14.41 -31.34 4.94
CA ASN K 28 15.51 -32.17 5.41
C ASN K 28 16.86 -31.71 4.92
N VAL K 29 16.96 -30.49 4.40
CA VAL K 29 18.25 -29.92 4.09
C VAL K 29 19.01 -29.59 5.36
N LYS K 30 20.29 -29.89 5.35
CA LYS K 30 21.23 -29.58 6.43
C LYS K 30 22.38 -28.76 5.88
N GLY K 31 23.14 -28.16 6.78
CA GLY K 31 24.37 -27.48 6.42
C GLY K 31 24.24 -25.97 6.43
N MET K 32 25.39 -25.32 6.18
CA MET K 32 25.56 -23.89 6.42
C MET K 32 24.53 -23.08 5.65
N ASP K 33 24.13 -23.57 4.48
CA ASP K 33 23.20 -22.91 3.60
C ASP K 33 21.79 -23.47 3.82
N PHE K 34 21.42 -23.61 5.11
CA PHE K 34 20.09 -24.14 5.42
C PHE K 34 19.00 -23.17 4.98
N HIS K 35 19.20 -21.89 5.20
CA HIS K 35 18.13 -20.92 5.01
C HIS K 35 17.86 -20.63 3.53
N PRO K 36 18.83 -20.17 2.72
CA PRO K 36 18.49 -19.91 1.30
C PRO K 36 17.87 -21.12 0.61
N THR K 37 18.35 -22.32 0.95
CA THR K 37 17.78 -23.53 0.37
C THR K 37 16.36 -23.76 0.88
N HIS K 38 16.13 -23.52 2.17
CA HIS K 38 14.79 -23.67 2.72
C HIS K 38 13.81 -22.73 2.02
N LYS K 39 14.27 -21.53 1.65
CA LYS K 39 13.40 -20.57 0.96
C LYS K 39 13.28 -20.89 -0.52
N ALA K 40 14.38 -21.25 -1.19
CA ALA K 40 14.31 -21.53 -2.62
C ALA K 40 13.36 -22.70 -2.89
N THR K 41 13.50 -23.79 -2.13
CA THR K 41 12.66 -24.96 -2.37
C THR K 41 11.19 -24.63 -2.22
N GLN K 42 10.85 -23.73 -1.29
CA GLN K 42 9.45 -23.40 -1.06
C GLN K 42 8.86 -22.62 -2.23
N GLU K 43 9.63 -21.68 -2.78
CA GLU K 43 9.22 -21.00 -4.00
C GLU K 43 8.98 -21.99 -5.13
N ILE K 44 9.77 -23.06 -5.17
CA ILE K 44 9.68 -24.04 -6.24
C ILE K 44 8.37 -24.84 -6.13
N TYR K 45 8.05 -25.36 -4.94
CA TYR K 45 6.85 -26.17 -4.85
C TYR K 45 5.58 -25.34 -4.95
N GLU K 46 5.67 -24.05 -4.66
CA GLU K 46 4.54 -23.16 -4.90
C GLU K 46 4.37 -22.88 -6.38
N GLN K 47 5.48 -22.82 -7.13
CA GLN K 47 5.44 -22.59 -8.57
C GLN K 47 5.00 -23.84 -9.31
N PHE K 48 5.34 -25.03 -8.80
CA PHE K 48 4.85 -26.25 -9.42
C PHE K 48 3.43 -26.57 -9.00
N ALA K 49 2.97 -26.11 -7.83
CA ALA K 49 1.54 -26.18 -7.56
C ALA K 49 0.77 -25.41 -8.63
N ASP K 50 1.37 -24.35 -9.17
CA ASP K 50 0.69 -23.57 -10.19
C ASP K 50 0.73 -24.26 -11.54
N VAL K 51 1.85 -24.93 -11.85
CA VAL K 51 1.91 -25.75 -13.07
C VAL K 51 0.90 -26.88 -13.00
N PHE K 52 0.79 -27.52 -11.84
CA PHE K 52 -0.15 -28.62 -11.64
C PHE K 52 -1.57 -28.18 -11.99
N ASP K 53 -1.97 -27.01 -11.50
CA ASP K 53 -3.34 -26.55 -11.73
C ASP K 53 -3.51 -26.00 -13.15
N ASP K 54 -2.53 -25.26 -13.65
CA ASP K 54 -2.64 -24.67 -14.98
C ASP K 54 -2.81 -25.74 -16.04
N VAL K 55 -1.92 -26.74 -16.05
CA VAL K 55 -1.96 -27.78 -17.09
C VAL K 55 -3.24 -28.59 -16.98
N ALA K 56 -3.69 -28.88 -15.75
CA ALA K 56 -4.92 -29.66 -15.57
C ALA K 56 -6.12 -28.94 -16.16
N GLU K 57 -6.24 -27.64 -15.88
CA GLU K 57 -7.33 -26.86 -16.46
C GLU K 57 -7.16 -26.69 -17.95
N ARG K 58 -5.93 -26.70 -18.45
CA ARG K 58 -5.76 -26.62 -19.90
C ARG K 58 -6.25 -27.91 -20.55
N VAL K 59 -5.99 -29.05 -19.92
CA VAL K 59 -6.59 -30.30 -20.39
C VAL K 59 -8.10 -30.16 -20.42
N LEU K 60 -8.65 -29.47 -19.43
CA LEU K 60 -10.09 -29.32 -19.30
C LEU K 60 -10.65 -28.41 -20.40
N GLN K 61 -9.95 -27.33 -20.72
CA GLN K 61 -10.37 -26.41 -21.79
C GLN K 61 -10.29 -27.05 -23.16
N LEU K 62 -9.43 -28.04 -23.35
CA LEU K 62 -9.38 -28.78 -24.60
C LEU K 62 -10.41 -29.89 -24.65
N GLY K 63 -11.25 -30.00 -23.62
CA GLY K 63 -12.37 -30.93 -23.66
C GLY K 63 -12.06 -32.36 -23.28
N GLU K 64 -11.05 -32.58 -22.43
CA GLU K 64 -10.69 -33.90 -21.93
C GLU K 64 -10.56 -33.89 -20.42
N MET K 65 -10.18 -35.04 -19.87
CA MET K 65 -10.15 -35.22 -18.42
C MET K 65 -8.70 -35.31 -17.96
N PRO K 66 -8.31 -34.53 -16.94
CA PRO K 66 -6.98 -34.72 -16.31
C PRO K 66 -6.99 -35.81 -15.25
N TYR K 67 -5.84 -36.10 -14.66
CA TYR K 67 -5.83 -37.02 -13.52
C TYR K 67 -6.53 -36.37 -12.32
N VAL K 68 -7.25 -37.19 -11.55
CA VAL K 68 -7.96 -36.69 -10.37
C VAL K 68 -7.62 -37.48 -9.11
N THR K 69 -6.70 -38.45 -9.19
CA THR K 69 -6.31 -39.22 -8.02
C THR K 69 -4.80 -39.33 -7.99
N LEU K 70 -4.25 -39.34 -6.77
CA LEU K 70 -2.81 -39.58 -6.62
C LEU K 70 -2.40 -40.98 -7.09
N ALA K 71 -3.29 -41.97 -6.97
CA ALA K 71 -2.97 -43.31 -7.45
C ALA K 71 -2.63 -43.29 -8.93
N ASP K 72 -3.43 -42.59 -9.73
CA ASP K 72 -3.11 -42.49 -11.16
C ASP K 72 -1.87 -41.67 -11.40
N MET K 73 -1.65 -40.62 -10.60
CA MET K 73 -0.49 -39.77 -10.84
C MET K 73 0.82 -40.46 -10.48
N LEU K 74 0.84 -41.29 -9.44
CA LEU K 74 2.06 -42.04 -9.14
C LEU K 74 2.40 -42.98 -10.27
N LYS K 75 1.40 -43.74 -10.75
CA LYS K 75 1.63 -44.72 -11.81
C LYS K 75 2.08 -44.03 -13.10
N ALA K 76 1.60 -42.83 -13.37
CA ALA K 76 1.95 -42.13 -14.60
C ALA K 76 3.27 -41.37 -14.49
N ALA K 77 3.68 -41.00 -13.28
CA ALA K 77 4.85 -40.15 -13.10
C ALA K 77 6.14 -40.87 -13.46
N LYS K 78 6.89 -40.32 -14.40
CA LYS K 78 8.24 -40.81 -14.65
C LYS K 78 9.23 -40.31 -13.61
N ILE K 79 8.94 -39.18 -12.96
CA ILE K 79 9.81 -38.69 -11.90
C ILE K 79 9.86 -39.68 -10.75
N LYS K 80 11.07 -39.93 -10.25
CA LYS K 80 11.30 -40.90 -9.18
C LYS K 80 11.11 -40.22 -7.83
N GLU K 81 10.29 -40.82 -6.98
CA GLU K 81 10.17 -40.36 -5.60
C GLU K 81 11.49 -40.56 -4.88
N GLU K 82 11.77 -39.69 -3.89
CA GLU K 82 13.04 -39.77 -3.17
C GLU K 82 12.77 -40.11 -1.72
N SER K 83 13.18 -41.29 -1.27
CA SER K 83 12.83 -41.70 0.08
C SER K 83 13.89 -41.37 1.12
N LYS K 84 15.10 -41.02 0.71
CA LYS K 84 16.08 -40.64 1.72
C LYS K 84 15.76 -39.24 2.25
N THR K 85 16.24 -38.95 3.45
CA THR K 85 15.64 -37.93 4.31
C THR K 85 16.68 -37.01 4.94
N SER K 86 17.82 -36.83 4.28
CA SER K 86 18.84 -35.92 4.77
C SER K 86 19.63 -35.48 3.57
N PHE K 87 19.77 -34.18 3.37
CA PHE K 87 20.41 -33.69 2.17
C PHE K 87 21.33 -32.53 2.46
N CYS K 88 22.46 -32.57 1.77
CA CYS K 88 23.40 -31.49 1.61
C CYS K 88 22.86 -30.54 0.55
N SER K 89 23.34 -29.31 0.57
CA SER K 89 22.76 -28.32 -0.34
C SER K 89 23.13 -28.62 -1.78
N LYS K 90 24.40 -28.98 -2.02
CA LYS K 90 24.84 -29.21 -3.40
C LYS K 90 24.05 -30.35 -4.03
N GLU K 91 23.74 -31.38 -3.26
CA GLU K 91 23.03 -32.50 -3.85
C GLU K 91 21.56 -32.19 -4.12
N ILE K 92 21.01 -31.18 -3.45
CA ILE K 92 19.69 -30.69 -3.83
C ILE K 92 19.76 -29.90 -5.14
N ALA K 93 20.79 -29.08 -5.30
CA ALA K 93 20.97 -28.37 -6.57
C ALA K 93 21.11 -29.34 -7.73
N GLN K 94 21.82 -30.46 -7.52
CA GLN K 94 21.97 -31.42 -8.60
C GLN K 94 20.66 -32.16 -8.86
N ALA K 95 19.99 -32.62 -7.80
CA ALA K 95 18.73 -33.30 -8.01
C ALA K 95 17.73 -32.38 -8.72
N VAL K 96 17.67 -31.12 -8.31
CA VAL K 96 16.70 -30.18 -8.89
C VAL K 96 17.08 -29.87 -10.34
N LEU K 97 18.39 -29.71 -10.61
CA LEU K 97 18.84 -29.45 -11.98
C LEU K 97 18.44 -30.59 -12.92
N ALA K 98 18.59 -31.84 -12.48
CA ALA K 98 18.22 -32.96 -13.34
C ALA K 98 16.72 -32.98 -13.65
N ASP K 99 15.87 -32.76 -12.63
CA ASP K 99 14.44 -32.76 -12.89
C ASP K 99 14.04 -31.57 -13.75
N TYR K 100 14.72 -30.44 -13.61
CA TYR K 100 14.44 -29.30 -14.48
C TYR K 100 14.70 -29.66 -15.93
N GLU K 101 15.79 -30.39 -16.18
CA GLU K 101 16.10 -30.82 -17.54
C GLU K 101 15.06 -31.79 -18.08
N TYR K 102 14.50 -32.62 -17.21
CA TYR K 102 13.39 -33.45 -17.66
C TYR K 102 12.18 -32.59 -18.00
N PHE K 103 11.81 -31.66 -17.12
CA PHE K 103 10.66 -30.81 -17.44
C PHE K 103 10.91 -29.96 -18.67
N LEU K 104 12.14 -29.48 -18.84
CA LEU K 104 12.45 -28.67 -20.02
C LEU K 104 12.20 -29.46 -21.29
N LYS K 105 12.70 -30.70 -21.34
CA LYS K 105 12.41 -31.55 -22.48
C LYS K 105 10.91 -31.76 -22.68
N LEU K 106 10.14 -31.82 -21.60
CA LEU K 106 8.71 -32.11 -21.77
C LEU K 106 7.97 -30.90 -22.33
N PHE K 107 8.30 -29.71 -21.82
CA PHE K 107 7.63 -28.51 -22.30
C PHE K 107 8.03 -28.16 -23.73
N THR K 108 9.29 -28.43 -24.12
CA THR K 108 9.72 -28.15 -25.48
C THR K 108 8.96 -29.02 -26.49
N GLU K 109 8.74 -30.29 -26.18
CA GLU K 109 7.91 -31.13 -27.04
C GLU K 109 6.47 -30.64 -27.06
N LEU K 110 5.94 -30.28 -25.89
CA LEU K 110 4.59 -29.72 -25.83
C LEU K 110 4.44 -28.53 -26.77
N SER K 111 5.44 -27.65 -26.81
CA SER K 111 5.37 -26.51 -27.71
C SER K 111 5.43 -26.98 -29.17
N ALA K 112 6.34 -27.89 -29.49
CA ALA K 112 6.43 -28.38 -30.86
C ALA K 112 5.15 -29.06 -31.29
N GLN K 113 4.56 -29.89 -30.42
CA GLN K 113 3.34 -30.63 -30.76
C GLN K 113 2.14 -29.70 -30.90
N ALA K 114 2.00 -28.72 -30.00
CA ALA K 114 0.88 -27.79 -30.07
C ALA K 114 0.98 -26.92 -31.32
N ASP K 115 2.20 -26.46 -31.66
CA ASP K 115 2.35 -25.64 -32.85
C ASP K 115 2.09 -26.41 -34.13
N SER K 116 2.36 -27.73 -34.15
CA SER K 116 2.01 -28.60 -35.28
C SER K 116 0.52 -28.52 -35.56
N GLN K 117 -0.26 -28.69 -34.50
CA GLN K 117 -1.71 -28.76 -34.48
C GLN K 117 -2.36 -27.37 -34.48
N GLY K 118 -1.57 -26.30 -34.61
CA GLY K 118 -2.15 -24.97 -34.56
C GLY K 118 -2.69 -24.53 -33.22
N ASP K 119 -2.38 -25.26 -32.15
CA ASP K 119 -2.76 -24.86 -30.79
C ASP K 119 -1.67 -23.94 -30.26
N LYS K 120 -1.74 -22.67 -30.67
CA LYS K 120 -0.69 -21.73 -30.30
C LYS K 120 -0.78 -21.35 -28.82
N VAL K 121 -1.98 -21.43 -28.22
CA VAL K 121 -2.15 -21.13 -26.80
C VAL K 121 -1.36 -22.12 -25.94
N SER K 122 -1.53 -23.42 -26.19
CA SER K 122 -0.74 -24.39 -25.43
C SER K 122 0.73 -24.18 -25.69
N ALA K 123 1.08 -23.86 -26.94
CA ALA K 123 2.48 -23.63 -27.27
C ALA K 123 3.02 -22.39 -26.57
N ALA K 124 2.22 -21.32 -26.49
CA ALA K 124 2.70 -20.10 -25.83
C ALA K 124 2.97 -20.36 -24.36
N TYR K 125 2.04 -21.07 -23.70
CA TYR K 125 2.23 -21.45 -22.32
C TYR K 125 3.48 -22.29 -22.14
N ALA K 126 3.68 -23.28 -23.01
CA ALA K 126 4.85 -24.14 -22.89
C ALA K 126 6.12 -23.33 -23.08
N ASP K 127 6.11 -22.40 -24.05
CA ASP K 127 7.31 -21.59 -24.30
C ASP K 127 7.68 -20.73 -23.09
N ASP K 128 6.70 -20.25 -22.31
CA ASP K 128 7.06 -19.50 -21.12
C ASP K 128 7.82 -20.37 -20.14
N LYS K 129 7.31 -21.59 -19.89
CA LYS K 129 7.98 -22.49 -18.97
C LYS K 129 9.32 -22.95 -19.54
N VAL K 130 9.43 -23.07 -20.86
CA VAL K 130 10.73 -23.41 -21.43
C VAL K 130 11.76 -22.33 -21.09
N GLY K 131 11.37 -21.07 -21.27
CA GLY K 131 12.27 -19.97 -20.93
C GLY K 131 12.56 -19.89 -19.44
N GLU K 132 11.54 -20.09 -18.60
CA GLU K 132 11.78 -20.06 -17.17
C GLU K 132 12.73 -21.17 -16.76
N LEU K 133 12.57 -22.36 -17.37
CA LEU K 133 13.47 -23.47 -17.05
C LEU K 133 14.87 -23.24 -17.59
N GLN K 134 14.99 -22.68 -18.79
CA GLN K 134 16.32 -22.44 -19.33
C GLN K 134 17.08 -21.46 -18.45
N LYS K 135 16.39 -20.46 -17.90
CA LYS K 135 17.07 -19.52 -17.01
C LYS K 135 17.49 -20.19 -15.71
N ALA K 136 16.57 -20.95 -15.10
CA ALA K 136 16.91 -21.62 -13.85
C ALA K 136 18.00 -22.67 -14.06
N ILE K 137 17.92 -23.43 -15.15
CA ILE K 137 18.94 -24.44 -15.43
C ILE K 137 20.30 -23.79 -15.60
N TRP K 138 20.34 -22.64 -16.25
CA TRP K 138 21.63 -21.98 -16.39
C TRP K 138 22.16 -21.45 -15.05
N MET K 139 21.27 -21.07 -14.13
CA MET K 139 21.76 -20.59 -12.84
C MET K 139 22.32 -21.73 -12.00
N LEU K 140 21.68 -22.90 -12.07
CA LEU K 140 22.17 -24.06 -11.35
C LEU K 140 23.52 -24.53 -11.89
N LYS K 141 23.70 -24.48 -13.22
CA LYS K 141 25.00 -24.84 -13.78
C LYS K 141 26.10 -23.89 -13.31
N SER K 142 25.79 -22.59 -13.19
CA SER K 142 26.79 -21.67 -12.66
C SER K 142 27.04 -21.90 -11.18
N GLN K 143 25.99 -22.24 -10.44
CA GLN K 143 26.14 -22.44 -9.01
C GLN K 143 26.89 -23.74 -8.71
N LEU K 144 26.74 -24.77 -9.55
CA LEU K 144 27.46 -26.02 -9.37
C LEU K 144 28.84 -26.03 -10.03
N ALA K 145 29.15 -25.04 -10.87
CA ALA K 145 30.45 -24.95 -11.55
C ALA K 145 31.60 -24.66 -10.59
N LYS L 3 23.16 -16.43 -37.01
CA LYS L 3 23.18 -16.84 -35.61
C LYS L 3 22.46 -15.88 -34.65
N VAL L 4 21.65 -16.51 -33.78
CA VAL L 4 20.87 -15.77 -32.80
C VAL L 4 21.77 -15.03 -31.81
N VAL L 5 22.84 -15.68 -31.33
CA VAL L 5 23.75 -15.02 -30.39
C VAL L 5 24.42 -13.81 -31.03
N GLU L 6 24.78 -13.90 -32.32
CA GLU L 6 25.39 -12.76 -33.00
C GLU L 6 24.42 -11.59 -33.11
N LEU L 7 23.12 -11.84 -33.22
CA LEU L 7 22.14 -10.77 -33.24
C LEU L 7 21.95 -10.20 -31.83
N LEU L 8 21.92 -11.09 -30.84
CA LEU L 8 21.82 -10.68 -29.44
C LEU L 8 23.00 -9.78 -29.05
N LYS L 9 24.23 -10.15 -29.44
CA LYS L 9 25.39 -9.37 -29.01
C LYS L 9 25.45 -8.02 -29.70
N GLN L 10 24.95 -7.94 -30.94
CA GLN L 10 24.84 -6.64 -31.59
C GLN L 10 23.85 -5.75 -30.87
N ILE L 11 22.69 -6.31 -30.49
CA ILE L 11 21.73 -5.53 -29.70
C ILE L 11 22.39 -5.04 -28.42
N GLN L 12 23.13 -5.91 -27.74
CA GLN L 12 23.80 -5.52 -26.50
C GLN L 12 24.71 -4.32 -26.72
N ALA L 13 25.58 -4.38 -27.72
CA ALA L 13 26.53 -3.29 -27.94
C ALA L 13 25.83 -1.98 -28.28
N ASP L 14 24.82 -2.04 -29.17
CA ASP L 14 24.09 -0.82 -29.53
C ASP L 14 23.27 -0.28 -28.37
N ALA L 15 22.74 -1.18 -27.52
CA ALA L 15 21.98 -0.73 -26.36
C ALA L 15 22.85 0.11 -25.43
N SER L 16 24.07 -0.35 -25.15
CA SER L 16 24.91 0.40 -24.21
C SER L 16 25.31 1.75 -24.80
N VAL L 17 25.54 1.82 -26.10
CA VAL L 17 25.85 3.13 -26.68
C VAL L 17 24.62 4.02 -26.66
N PHE L 18 23.46 3.48 -27.04
CA PHE L 18 22.22 4.24 -27.01
C PHE L 18 21.87 4.67 -25.59
N TYR L 19 22.13 3.79 -24.61
CA TYR L 19 21.93 4.12 -23.21
C TYR L 19 22.61 5.43 -22.81
N VAL L 20 23.85 5.65 -23.26
CA VAL L 20 24.50 6.90 -22.90
C VAL L 20 23.98 8.07 -23.75
N LYS L 21 23.77 7.85 -25.06
CA LYS L 21 23.30 8.94 -25.92
C LYS L 21 22.03 9.57 -25.38
N VAL L 22 21.12 8.74 -24.86
CA VAL L 22 19.88 9.24 -24.30
C VAL L 22 20.14 10.02 -23.02
N HIS L 23 21.20 9.64 -22.26
CA HIS L 23 21.60 10.46 -21.12
C HIS L 23 22.00 11.86 -21.56
N ASN L 24 22.70 11.95 -22.69
CA ASN L 24 23.07 13.26 -23.22
C ASN L 24 21.81 14.05 -23.59
N PHE L 25 20.85 13.41 -24.29
CA PHE L 25 19.56 14.05 -24.56
C PHE L 25 18.88 14.48 -23.26
N HIS L 26 18.96 13.62 -22.24
CA HIS L 26 18.35 13.90 -20.95
C HIS L 26 18.96 15.14 -20.31
N TRP L 27 20.28 15.31 -20.42
CA TRP L 27 20.94 16.40 -19.70
C TRP L 27 20.83 17.74 -20.43
N ASN L 28 20.85 17.74 -21.75
CA ASN L 28 21.10 18.97 -22.50
C ASN L 28 19.91 19.43 -23.35
N VAL L 29 18.73 18.89 -23.09
CA VAL L 29 17.53 19.40 -23.76
C VAL L 29 17.27 20.82 -23.30
N LYS L 30 16.90 21.67 -24.25
CA LYS L 30 16.58 23.07 -24.02
C LYS L 30 15.19 23.33 -24.52
N GLY L 31 14.63 24.46 -24.11
CA GLY L 31 13.36 24.90 -24.64
C GLY L 31 12.22 24.61 -23.68
N MET L 32 11.07 25.11 -24.11
CA MET L 32 9.85 25.12 -23.31
C MET L 32 9.44 23.71 -22.87
N ASP L 33 9.66 22.72 -23.74
CA ASP L 33 9.32 21.33 -23.39
C ASP L 33 10.47 20.60 -22.70
N PHE L 34 11.20 21.30 -21.82
CA PHE L 34 12.34 20.68 -21.14
C PHE L 34 11.88 19.55 -20.22
N HIS L 35 10.92 19.85 -19.34
CA HIS L 35 10.56 18.88 -18.30
C HIS L 35 9.95 17.61 -18.88
N PRO L 36 9.05 17.68 -19.87
CA PRO L 36 8.50 16.42 -20.43
C PRO L 36 9.56 15.58 -21.13
N THR L 37 10.49 16.23 -21.85
CA THR L 37 11.53 15.48 -22.54
C THR L 37 12.52 14.88 -21.54
N HIS L 38 12.87 15.64 -20.50
CA HIS L 38 13.77 15.18 -19.44
C HIS L 38 13.20 13.92 -18.77
N LYS L 39 11.91 13.93 -18.47
CA LYS L 39 11.28 12.74 -17.89
C LYS L 39 11.19 11.61 -18.93
N ALA L 40 10.97 11.96 -20.20
CA ALA L 40 10.84 10.92 -21.21
C ALA L 40 12.16 10.21 -21.46
N THR L 41 13.23 10.97 -21.67
CA THR L 41 14.53 10.36 -21.94
C THR L 41 15.00 9.51 -20.78
N GLN L 42 14.66 9.88 -19.54
CA GLN L 42 15.09 9.06 -18.41
C GLN L 42 14.42 7.70 -18.44
N GLU L 43 13.17 7.63 -18.89
CA GLU L 43 12.50 6.33 -18.89
C GLU L 43 12.95 5.49 -20.07
N ILE L 44 13.38 6.14 -21.15
CA ILE L 44 13.96 5.42 -22.26
C ILE L 44 15.29 4.79 -21.86
N TYR L 45 16.20 5.56 -21.23
CA TYR L 45 17.50 4.97 -20.94
C TYR L 45 17.43 3.92 -19.85
N GLU L 46 16.44 4.02 -18.95
CA GLU L 46 16.30 2.96 -17.96
C GLU L 46 15.72 1.70 -18.57
N GLN L 47 14.89 1.83 -19.62
CA GLN L 47 14.38 0.65 -20.28
C GLN L 47 15.42 -0.04 -21.16
N PHE L 48 16.37 0.72 -21.75
CA PHE L 48 17.41 0.06 -22.53
C PHE L 48 18.50 -0.53 -21.64
N ALA L 49 18.70 0.02 -20.43
CA ALA L 49 19.54 -0.66 -19.46
C ALA L 49 19.02 -2.05 -19.17
N ASP L 50 17.70 -2.23 -19.24
CA ASP L 50 17.07 -3.51 -18.99
C ASP L 50 17.17 -4.42 -20.22
N VAL L 51 17.10 -3.85 -21.42
CA VAL L 51 17.40 -4.62 -22.63
C VAL L 51 18.84 -5.10 -22.61
N PHE L 52 19.74 -4.22 -22.18
CA PHE L 52 21.17 -4.53 -22.11
C PHE L 52 21.41 -5.78 -21.27
N ASP L 53 20.77 -5.86 -20.12
CA ASP L 53 21.01 -6.99 -19.25
C ASP L 53 20.32 -8.25 -19.74
N ASP L 54 19.05 -8.14 -20.19
CA ASP L 54 18.29 -9.30 -20.67
C ASP L 54 18.98 -9.98 -21.85
N VAL L 55 19.38 -9.18 -22.84
CA VAL L 55 19.99 -9.73 -24.04
C VAL L 55 21.29 -10.43 -23.69
N ALA L 56 22.08 -9.84 -22.78
CA ALA L 56 23.33 -10.46 -22.36
C ALA L 56 23.07 -11.79 -21.63
N GLU L 57 22.07 -11.82 -20.77
CA GLU L 57 21.79 -13.07 -20.07
C GLU L 57 21.26 -14.15 -21.00
N ARG L 58 20.60 -13.76 -22.09
CA ARG L 58 20.10 -14.74 -23.06
C ARG L 58 21.26 -15.43 -23.78
N VAL L 59 22.29 -14.67 -24.14
CA VAL L 59 23.51 -15.25 -24.74
C VAL L 59 24.08 -16.32 -23.80
N LEU L 60 24.08 -16.05 -22.50
CA LEU L 60 24.65 -17.00 -21.55
C LEU L 60 23.78 -18.25 -21.41
N GLN L 61 22.45 -18.10 -21.45
CA GLN L 61 21.60 -19.29 -21.45
C GLN L 61 21.73 -20.10 -22.73
N LEU L 62 22.13 -19.49 -23.82
CA LEU L 62 22.35 -20.23 -25.05
C LEU L 62 23.74 -20.82 -25.13
N GLY L 63 24.54 -20.66 -24.07
CA GLY L 63 25.85 -21.26 -24.00
C GLY L 63 26.97 -20.50 -24.67
N GLU L 64 26.87 -19.19 -24.79
CA GLU L 64 27.94 -18.40 -25.38
C GLU L 64 28.25 -17.22 -24.45
N MET L 65 29.18 -16.37 -24.91
CA MET L 65 29.62 -15.20 -24.15
C MET L 65 29.16 -13.91 -24.79
N PRO L 66 28.52 -13.02 -24.03
CA PRO L 66 28.24 -11.67 -24.51
C PRO L 66 29.48 -10.80 -24.33
N TYR L 67 29.38 -9.55 -24.78
CA TYR L 67 30.44 -8.59 -24.55
C TYR L 67 30.53 -8.25 -23.07
N VAL L 68 31.77 -8.02 -22.59
CA VAL L 68 32.01 -7.71 -21.19
C VAL L 68 32.82 -6.45 -20.99
N THR L 69 33.20 -5.74 -22.05
CA THR L 69 33.95 -4.50 -21.90
C THR L 69 33.36 -3.43 -22.80
N LEU L 70 33.43 -2.19 -22.34
CA LEU L 70 33.03 -1.06 -23.17
C LEU L 70 33.88 -0.94 -24.43
N ALA L 71 35.15 -1.36 -24.36
CA ALA L 71 36.00 -1.31 -25.54
C ALA L 71 35.43 -2.15 -26.67
N ASP L 72 35.02 -3.40 -26.37
CA ASP L 72 34.45 -4.24 -27.41
C ASP L 72 33.08 -3.74 -27.87
N MET L 73 32.26 -3.18 -26.97
CA MET L 73 30.93 -2.75 -27.39
C MET L 73 31.01 -1.53 -28.28
N LEU L 74 31.97 -0.62 -28.03
CA LEU L 74 32.09 0.55 -28.89
C LEU L 74 32.46 0.17 -30.32
N LYS L 75 33.35 -0.81 -30.48
CA LYS L 75 33.79 -1.19 -31.81
C LYS L 75 32.74 -2.01 -32.54
N ALA L 76 31.87 -2.71 -31.81
CA ALA L 76 30.80 -3.49 -32.43
C ALA L 76 29.59 -2.64 -32.76
N ALA L 77 29.39 -1.54 -32.04
CA ALA L 77 28.15 -0.80 -32.15
C ALA L 77 28.03 -0.16 -33.52
N LYS L 78 26.79 -0.07 -34.00
CA LYS L 78 26.52 0.70 -35.19
C LYS L 78 25.84 2.03 -34.89
N ILE L 79 25.18 2.14 -33.74
CA ILE L 79 24.57 3.41 -33.35
C ILE L 79 25.68 4.43 -33.13
N LYS L 80 25.58 5.56 -33.82
CA LYS L 80 26.60 6.59 -33.73
C LYS L 80 26.42 7.35 -32.43
N GLU L 81 27.53 7.61 -31.74
CA GLU L 81 27.51 8.45 -30.57
C GLU L 81 27.27 9.90 -30.97
N GLU L 82 26.71 10.66 -30.05
CA GLU L 82 26.37 12.06 -30.27
C GLU L 82 27.26 12.92 -29.39
N SER L 83 28.18 13.65 -30.01
CA SER L 83 29.12 14.45 -29.25
C SER L 83 28.62 15.87 -29.04
N LYS L 84 27.50 16.25 -29.66
CA LYS L 84 26.91 17.55 -29.43
C LYS L 84 26.24 17.57 -28.04
N THR L 85 26.13 18.77 -27.48
CA THR L 85 25.76 18.98 -26.08
C THR L 85 24.61 19.97 -25.91
N SER L 86 23.77 20.16 -26.93
CA SER L 86 22.64 21.06 -26.81
C SER L 86 21.61 20.71 -27.86
N PHE L 87 20.37 20.48 -27.44
CA PHE L 87 19.30 20.00 -28.32
C PHE L 87 17.98 20.65 -27.93
N CYS L 88 17.17 21.00 -28.92
CA CYS L 88 15.75 21.27 -28.71
C CYS L 88 14.96 19.96 -28.73
N SER L 89 13.70 20.06 -28.30
CA SER L 89 12.90 18.87 -28.06
C SER L 89 12.66 18.09 -29.35
N LYS L 90 12.46 18.79 -30.47
CA LYS L 90 12.07 18.11 -31.70
C LYS L 90 13.23 17.33 -32.33
N GLU L 91 14.48 17.78 -32.14
CA GLU L 91 15.60 17.01 -32.66
C GLU L 91 15.77 15.72 -31.88
N ILE L 92 15.50 15.76 -30.58
CA ILE L 92 15.64 14.55 -29.78
C ILE L 92 14.63 13.50 -30.23
N ALA L 93 13.39 13.92 -30.48
CA ALA L 93 12.38 12.99 -31.01
C ALA L 93 12.81 12.42 -32.36
N GLN L 94 13.45 13.23 -33.21
CA GLN L 94 13.90 12.70 -34.50
C GLN L 94 15.01 11.68 -34.31
N ALA L 95 16.04 12.04 -33.52
CA ALA L 95 17.13 11.11 -33.26
C ALA L 95 16.60 9.82 -32.64
N VAL L 96 15.68 9.91 -31.69
CA VAL L 96 15.20 8.71 -31.04
C VAL L 96 14.39 7.87 -32.05
N LEU L 97 13.57 8.54 -32.88
CA LEU L 97 12.78 7.82 -33.89
C LEU L 97 13.67 7.03 -34.84
N ALA L 98 14.78 7.63 -35.31
CA ALA L 98 15.68 6.91 -36.21
C ALA L 98 16.32 5.70 -35.54
N ASP L 99 16.79 5.86 -34.31
CA ASP L 99 17.42 4.74 -33.62
C ASP L 99 16.42 3.64 -33.29
N TYR L 100 15.16 4.01 -33.01
CA TYR L 100 14.14 3.00 -32.76
C TYR L 100 13.89 2.11 -33.99
N GLU L 101 13.82 2.69 -35.19
CA GLU L 101 13.61 1.82 -36.35
C GLU L 101 14.79 0.91 -36.59
N TYR L 102 16.01 1.37 -36.26
CA TYR L 102 17.16 0.49 -36.35
C TYR L 102 17.02 -0.69 -35.38
N PHE L 103 16.64 -0.42 -34.13
CA PHE L 103 16.41 -1.51 -33.18
C PHE L 103 15.26 -2.41 -33.62
N LEU L 104 14.21 -1.83 -34.21
CA LEU L 104 13.07 -2.63 -34.69
C LEU L 104 13.51 -3.61 -35.76
N LYS L 105 14.34 -3.15 -36.69
CA LYS L 105 14.83 -4.03 -37.75
C LYS L 105 15.69 -5.15 -37.16
N LEU L 106 16.55 -4.82 -36.17
CA LEU L 106 17.35 -5.83 -35.47
C LEU L 106 16.48 -6.87 -34.76
N PHE L 107 15.49 -6.43 -33.99
CA PHE L 107 14.69 -7.40 -33.25
C PHE L 107 13.83 -8.24 -34.20
N THR L 108 13.42 -7.65 -35.32
CA THR L 108 12.69 -8.39 -36.34
C THR L 108 13.54 -9.49 -36.96
N GLU L 109 14.79 -9.16 -37.34
CA GLU L 109 15.69 -10.22 -37.80
C GLU L 109 15.92 -11.25 -36.71
N LEU L 110 16.08 -10.83 -35.46
CA LEU L 110 16.28 -11.77 -34.36
C LEU L 110 15.10 -12.73 -34.24
N SER L 111 13.88 -12.23 -34.33
CA SER L 111 12.72 -13.11 -34.23
C SER L 111 12.70 -14.13 -35.38
N ALA L 112 13.00 -13.67 -36.61
CA ALA L 112 13.03 -14.55 -37.77
C ALA L 112 14.07 -15.67 -37.63
N GLN L 113 15.29 -15.33 -37.18
CA GLN L 113 16.33 -16.36 -37.04
C GLN L 113 16.00 -17.34 -35.93
N ALA L 114 15.55 -16.85 -34.79
CA ALA L 114 15.27 -17.75 -33.67
C ALA L 114 14.16 -18.73 -34.03
N ASP L 115 13.12 -18.25 -34.72
CA ASP L 115 12.04 -19.13 -35.10
C ASP L 115 12.47 -20.14 -36.18
N SER L 116 13.36 -19.74 -37.11
CA SER L 116 13.86 -20.67 -38.10
C SER L 116 14.70 -21.79 -37.49
N GLN L 117 15.38 -21.51 -36.37
CA GLN L 117 16.15 -22.51 -35.65
C GLN L 117 15.36 -23.15 -34.53
N GLY L 118 14.06 -22.87 -34.45
CA GLY L 118 13.24 -23.44 -33.40
C GLY L 118 13.46 -22.85 -32.03
N ASP L 119 14.19 -21.74 -31.93
CA ASP L 119 14.42 -21.07 -30.66
C ASP L 119 13.25 -20.12 -30.40
N LYS L 120 12.17 -20.70 -29.87
CA LYS L 120 10.96 -19.92 -29.70
C LYS L 120 11.09 -18.92 -28.56
N VAL L 121 11.93 -19.24 -27.56
CA VAL L 121 12.09 -18.37 -26.41
C VAL L 121 12.76 -17.05 -26.78
N SER L 122 13.91 -17.10 -27.46
CA SER L 122 14.49 -15.81 -27.86
C SER L 122 13.59 -15.09 -28.84
N ALA L 123 12.86 -15.84 -29.69
CA ALA L 123 11.94 -15.20 -30.64
C ALA L 123 10.80 -14.48 -29.93
N ALA L 124 10.27 -15.10 -28.86
CA ALA L 124 9.19 -14.48 -28.10
C ALA L 124 9.68 -13.19 -27.45
N TYR L 125 10.88 -13.21 -26.87
CA TYR L 125 11.44 -11.98 -26.33
C TYR L 125 11.54 -10.91 -27.41
N ALA L 126 12.01 -11.30 -28.59
CA ALA L 126 12.17 -10.34 -29.68
C ALA L 126 10.82 -9.78 -30.13
N ASP L 127 9.82 -10.65 -30.22
CA ASP L 127 8.48 -10.21 -30.63
C ASP L 127 7.91 -9.19 -29.66
N ASP L 128 8.21 -9.32 -28.36
CA ASP L 128 7.75 -8.33 -27.39
C ASP L 128 8.42 -6.98 -27.64
N LYS L 129 9.72 -6.96 -27.86
CA LYS L 129 10.38 -5.69 -28.14
C LYS L 129 9.97 -5.12 -29.49
N VAL L 130 9.68 -5.99 -30.46
CA VAL L 130 9.20 -5.50 -31.75
C VAL L 130 7.89 -4.76 -31.55
N GLY L 131 6.97 -5.35 -30.79
CA GLY L 131 5.68 -4.69 -30.57
C GLY L 131 5.81 -3.38 -29.81
N GLU L 132 6.66 -3.35 -28.78
CA GLU L 132 6.86 -2.13 -28.01
C GLU L 132 7.53 -1.04 -28.85
N LEU L 133 8.45 -1.43 -29.75
CA LEU L 133 9.06 -0.43 -30.61
C LEU L 133 8.05 0.10 -31.62
N GLN L 134 7.19 -0.76 -32.14
CA GLN L 134 6.18 -0.31 -33.11
C GLN L 134 5.21 0.67 -32.46
N LYS L 135 4.83 0.41 -31.20
CA LYS L 135 3.95 1.34 -30.50
C LYS L 135 4.65 2.68 -30.29
N ALA L 136 5.89 2.64 -29.83
CA ALA L 136 6.65 3.88 -29.64
C ALA L 136 6.93 4.56 -30.97
N ILE L 137 7.22 3.79 -32.01
CA ILE L 137 7.44 4.38 -33.33
C ILE L 137 6.19 5.12 -33.80
N TRP L 138 5.02 4.49 -33.68
CA TRP L 138 3.78 5.14 -34.11
C TRP L 138 3.54 6.43 -33.35
N MET L 139 3.78 6.43 -32.02
CA MET L 139 3.54 7.62 -31.21
C MET L 139 4.48 8.76 -31.59
N LEU L 140 5.73 8.43 -31.90
CA LEU L 140 6.70 9.46 -32.30
C LEU L 140 6.35 10.04 -33.66
N LYS L 141 5.89 9.21 -34.60
CA LYS L 141 5.47 9.74 -35.90
C LYS L 141 4.29 10.70 -35.74
N SER L 142 3.36 10.42 -34.83
CA SER L 142 2.25 11.33 -34.62
C SER L 142 2.73 12.65 -34.02
N GLN L 143 3.70 12.58 -33.11
CA GLN L 143 4.19 13.77 -32.44
C GLN L 143 5.00 14.65 -33.39
N LEU L 144 5.68 14.06 -34.36
CA LEU L 144 6.42 14.81 -35.36
C LEU L 144 5.58 15.21 -36.58
N ALA L 145 4.36 14.72 -36.68
CA ALA L 145 3.52 15.03 -37.83
C ALA L 145 3.32 16.55 -37.90
FE FE M . -23.09 -0.33 -12.53
FE FE N . -5.58 25.16 -7.25
FE FE O . -18.75 9.40 16.64
FE FE P . 22.97 -2.65 12.16
FE FE Q . 5.32 23.16 12.39
FE FE R . 18.39 12.71 -14.29
FE FE S . 5.48 -1.24 26.12
FE FE T . 7.85 -24.62 5.39
FE FE U . -20.09 -12.66 11.76
FE FE V . -5.27 4.28 -25.64
FE FE W . -7.55 -23.35 -10.64
FE FE X . 20.45 -9.63 -14.32
#